data_8DF9
#
_entry.id   8DF9
#
_cell.length_a   193.751
_cell.length_b   193.751
_cell.length_c   245.979
_cell.angle_alpha   90.000
_cell.angle_beta   90.000
_cell.angle_gamma   90.000
#
_symmetry.space_group_name_H-M   'P 41 21 2'
#
loop_
_entity.id
_entity.type
_entity.pdbx_description
1 polymer 'Topoisomerase V'
2 polymer 'DNA (33-MER)'
3 polymer 'DNA (33-MER)'
4 polymer "DNA (5'-D(P*GP*CP*CP*TP*GP*CP*AP*CP*GP*AP*AP*GP*TP*AP*AP*GP*C)-3')"
5 polymer "DNA (5'-D(P*TP*GP*CP*TP*TP*AP*CP*TP*TP*CP*GP*TP*GP*CP*AP*GP*GP*CP*CP*A)-3')"
6 polymer "DNA (5'-D(P*GP*CP*CP*TP*GP*CP*AP*CP*GP*AP*AP*GP*TP*AP*AP*GP*CP*A)-3')"
7 non-polymer 'MAGNESIUM ION'
8 non-polymer 'POTASSIUM ION'
9 water water
#
loop_
_entity_poly.entity_id
_entity_poly.type
_entity_poly.pdbx_seq_one_letter_code
_entity_poly.pdbx_strand_id
1 'polypeptide(L)'
;MALVYDAEFVGSEREFEEERETFLKGVKAYDGVLATRYLMERSSSAKNDEELLELHQNFILLTGSYACSIDPTEDRYQNV
IVRGVNFDERVQRLSTGGSPARYAIVYRRGWRAIAKALDIDEEDVPAIEVRAVKRNPLQPALYRILVRYGRVDLMPVTVD
EVPPEMAGEFERLIERYDVPIDEKEERILEILRENPWTPHDEIARRLGLSVSEVEGEKDPESSGIYSLWSRVVVNIEYDE
RTAKRHVKRRDRLLEELYEHLEELSERYLRHPLTRRWIVEHKRDIMRRYLEQRIVECALKLQDRYGIREDVALCLARAFD
GSISMIATTPYRTLKDVCPDLTLEEAKSVNRTLATLIDEHGLSPDAADELIEHFESIAGILATDLEEIERMYEEGRLSEE
AYRAAVEIQLAELTKKEGVGRKTAERLLRAFGNPERVKQLAREFEIEKLASVEGVGERVLRSLVPGYASLISIRGIDRER
AERLLKKYGGYSKVREAGVEELREDGLTDAQIRELKGLKTLESIVGDLEKADELKRKYGSASAVRRLPVEELRELGFSDD
EIAEIKGIPKKLREAFDLETAAELYERYGSLKEIGRRLSYDDLLELGATPKAAAEIKGPEFKFLLNIEGVGPKLAERILE
AVDYDLERLASLNPEELAEKVEGLGEELAERVVYAARERVESRRKSGRQERSEEEWKEWLERKVGEGRARRLIEYFGSAG
EVGKLVENAEVSKLLEVPGIGDEAVARLVPGYKTLRDAGLTPAEAERVLKRYGSVSKVQEGATPDELRELGLGDAKIARI
LGLRSLVNARLDVDTAYELARRYGSVSAVRAAPVAELRELGLSDRAIARIAGIP
;
A,B
2 'polydeoxyribonucleotide'
;(DG)(DC)(DA)(DC)(DG)(DA)(DA)(DG)(DT)(DA)(DA)(DG)(DC)(DA)(DA)(DT)(DT)(DC)(DG)(DT)
(DA)(DA)(DT)(DC)(DA)(DT)(DG)(DG)(DT)(DG)(DC)(DG)(DC)
;
S
3 'polydeoxyribonucleotide'
;(DG)(DC)(DG)(DC)(DA)(DC)(DC)(DA)(DT)(DG)(DA)(DT)(DT)(DA)(DC)(DG)(DA)(DA)(DT)(DT)
(DG)(DC)(DT)(DT)(DA)(DC)(DT)(DT)(DC)(DG)(DT)(DG)(DC)
;
T
4 'polydeoxyribonucleotide' (DG)(DC)(DC)(DT)(DG)(DC)(DA)(DC)(DG)(DA)(DA)(DG)(DT)(DA)(DA)(DG)(DC) U
5 'polydeoxyribonucleotide' (DT)(DG)(DC)(DT)(DT)(DA)(DC)(DT)(DT)(DC)(DG)(DT)(DG)(DC)(DA)(DG)(DG)(DC)(DA)(DT) V,X
6 'polydeoxyribonucleotide' (DG)(DC)(DC)(DT)(DG)(DC)(DA)(DC)(DG)(DA)(DA)(DG)(DT)(DA)(DA)(DG)(DC)(DA) W
#
# COMPACT_ATOMS: atom_id res chain seq x y z
N ALA A 2 22.53 26.50 -0.94
CA ALA A 2 23.65 26.76 -0.04
C ALA A 2 23.36 26.34 1.41
N LEU A 3 22.66 25.21 1.58
CA LEU A 3 22.41 24.69 2.92
C LEU A 3 23.70 24.13 3.51
N VAL A 4 23.90 24.37 4.80
CA VAL A 4 25.13 23.99 5.48
C VAL A 4 24.83 22.77 6.34
N TYR A 5 25.41 21.63 6.00
CA TYR A 5 25.38 20.43 6.83
C TYR A 5 26.84 20.08 7.13
N ASP A 6 27.24 20.24 8.39
CA ASP A 6 28.66 20.07 8.71
C ASP A 6 28.81 19.88 10.21
N ALA A 7 29.86 19.17 10.58
CA ALA A 7 30.25 19.02 11.97
C ALA A 7 31.72 18.65 12.01
N GLU A 8 32.40 19.03 13.09
CA GLU A 8 33.83 18.77 13.25
C GLU A 8 34.05 17.84 14.43
N PHE A 9 35.01 16.94 14.29
CA PHE A 9 35.30 15.93 15.30
C PHE A 9 36.38 16.43 16.25
N VAL A 10 36.16 16.24 17.55
CA VAL A 10 37.11 16.74 18.53
C VAL A 10 37.47 15.66 19.55
N GLY A 11 37.38 14.39 19.14
CA GLY A 11 37.80 13.29 19.97
C GLY A 11 39.18 12.76 19.58
N SER A 12 39.51 11.60 20.13
CA SER A 12 40.79 10.97 19.84
C SER A 12 40.68 10.09 18.60
N GLU A 13 41.82 9.55 18.17
CA GLU A 13 41.82 8.70 16.98
C GLU A 13 41.14 7.36 17.25
N ARG A 14 41.33 6.79 18.44
CA ARG A 14 40.60 5.56 18.80
C ARG A 14 39.11 5.83 18.83
N GLU A 15 38.70 6.93 19.47
CA GLU A 15 37.29 7.32 19.46
C GLU A 15 36.80 7.62 18.05
N PHE A 16 37.67 8.18 17.20
CA PHE A 16 37.31 8.42 15.82
C PHE A 16 36.97 7.12 15.11
N GLU A 17 37.80 6.10 15.28
CA GLU A 17 37.50 4.82 14.66
C GLU A 17 36.24 4.22 15.24
N GLU A 18 36.02 4.36 16.56
CA GLU A 18 34.79 3.86 17.17
C GLU A 18 33.57 4.48 16.51
N GLU A 19 33.56 5.81 16.41
CA GLU A 19 32.42 6.52 15.84
C GLU A 19 32.23 6.16 14.37
N ARG A 20 33.33 6.03 13.63
CA ARG A 20 33.21 5.65 12.22
C ARG A 20 32.60 4.26 12.08
N GLU A 21 33.04 3.31 12.90
CA GLU A 21 32.50 1.96 12.81
C GLU A 21 31.02 1.95 13.16
N THR A 22 30.63 2.66 14.23
CA THR A 22 29.22 2.74 14.61
C THR A 22 28.39 3.35 13.49
N PHE A 23 28.87 4.46 12.92
CA PHE A 23 28.12 5.12 11.85
C PHE A 23 27.99 4.20 10.65
N LEU A 24 29.04 3.45 10.31
CA LEU A 24 28.96 2.58 9.14
C LEU A 24 28.01 1.41 9.39
N LYS A 25 27.99 0.87 10.61
CA LYS A 25 27.00 -0.17 10.91
C LYS A 25 25.58 0.40 10.85
N GLY A 26 25.40 1.64 11.30
CA GLY A 26 24.10 2.28 11.14
C GLY A 26 23.73 2.47 9.68
N VAL A 27 24.71 2.81 8.85
CA VAL A 27 24.42 2.96 7.43
C VAL A 27 24.02 1.62 6.83
N LYS A 28 24.69 0.54 7.24
CA LYS A 28 24.29 -0.81 6.79
C LYS A 28 22.84 -1.10 7.17
N ALA A 29 22.48 -0.85 8.43
CA ALA A 29 21.13 -1.14 8.87
C ALA A 29 20.10 -0.30 8.11
N TYR A 30 20.39 0.99 7.93
CA TYR A 30 19.43 1.84 7.22
C TYR A 30 19.34 1.48 5.74
N ASP A 31 20.42 0.98 5.15
CA ASP A 31 20.34 0.41 3.81
C ASP A 31 19.36 -0.76 3.79
N GLY A 32 19.41 -1.61 4.81
CA GLY A 32 18.44 -2.69 4.91
C GLY A 32 17.02 -2.16 4.95
N VAL A 33 16.80 -1.11 5.75
CA VAL A 33 15.49 -0.43 5.79
C VAL A 33 15.07 0.03 4.40
N LEU A 34 15.99 0.70 3.69
CA LEU A 34 15.66 1.25 2.38
C LEU A 34 15.33 0.15 1.39
N ALA A 35 16.07 -0.96 1.42
CA ALA A 35 15.83 -2.05 0.47
C ALA A 35 14.51 -2.75 0.76
N THR A 36 14.18 -2.97 2.03
CA THR A 36 12.88 -3.55 2.34
C THR A 36 11.76 -2.62 1.90
N ARG A 37 11.93 -1.30 2.09
CA ARG A 37 10.91 -0.37 1.61
C ARG A 37 10.80 -0.39 0.09
N TYR A 38 11.94 -0.54 -0.59
CA TYR A 38 11.95 -0.62 -2.04
C TYR A 38 11.13 -1.81 -2.53
N LEU A 39 11.36 -2.98 -1.92
CA LEU A 39 10.56 -4.14 -2.30
C LEU A 39 9.08 -3.91 -2.00
N MET A 40 8.77 -3.32 -0.84
CA MET A 40 7.37 -3.10 -0.49
C MET A 40 6.69 -2.17 -1.47
N GLU A 41 7.36 -1.10 -1.89
CA GLU A 41 6.73 -0.16 -2.82
C GLU A 41 6.65 -0.74 -4.22
N ARG A 42 7.55 -1.66 -4.58
CA ARG A 42 7.60 -2.12 -5.96
C ARG A 42 6.52 -3.15 -6.27
N SER A 43 6.20 -4.02 -5.32
CA SER A 43 5.24 -5.10 -5.55
C SER A 43 4.06 -4.95 -4.60
N SER A 44 2.84 -5.09 -5.14
CA SER A 44 1.66 -5.04 -4.29
C SER A 44 1.55 -6.26 -3.41
N SER A 45 2.08 -7.40 -3.86
CA SER A 45 2.08 -8.60 -3.02
C SER A 45 3.08 -8.45 -1.88
N ALA A 46 4.24 -7.84 -2.15
CA ALA A 46 5.20 -7.58 -1.10
C ALA A 46 4.71 -6.54 -0.10
N LYS A 47 3.80 -5.66 -0.52
CA LYS A 47 3.26 -4.68 0.40
C LYS A 47 2.43 -5.35 1.49
N ASN A 48 1.89 -6.54 1.20
CA ASN A 48 1.11 -7.29 2.17
C ASN A 48 1.91 -8.37 2.87
N ASP A 49 3.15 -8.60 2.46
CA ASP A 49 3.95 -9.67 3.03
C ASP A 49 4.32 -9.34 4.48
N GLU A 50 3.81 -10.14 5.42
CA GLU A 50 4.12 -9.92 6.83
C GLU A 50 5.57 -10.24 7.15
N GLU A 51 6.16 -11.20 6.45
CA GLU A 51 7.57 -11.51 6.67
C GLU A 51 8.45 -10.33 6.30
N LEU A 52 8.17 -9.70 5.16
CA LEU A 52 8.96 -8.54 4.74
C LEU A 52 8.75 -7.37 5.68
N LEU A 53 7.53 -7.20 6.21
CA LEU A 53 7.32 -6.15 7.19
C LEU A 53 8.11 -6.43 8.46
N GLU A 54 8.14 -7.69 8.91
CA GLU A 54 8.93 -8.03 10.09
C GLU A 54 10.41 -7.75 9.86
N LEU A 55 10.92 -8.10 8.69
CA LEU A 55 12.30 -7.81 8.35
C LEU A 55 12.55 -6.30 8.35
N HIS A 56 11.62 -5.54 7.79
CA HIS A 56 11.73 -4.08 7.73
C HIS A 56 11.80 -3.49 9.13
N GLN A 57 10.90 -3.92 10.01
CA GLN A 57 10.91 -3.37 11.35
C GLN A 57 12.16 -3.79 12.10
N ASN A 58 12.67 -5.00 11.85
CA ASN A 58 13.92 -5.40 12.45
C ASN A 58 15.06 -4.50 11.98
N PHE A 59 15.08 -4.18 10.69
CA PHE A 59 16.10 -3.26 10.20
C PHE A 59 15.98 -1.91 10.89
N ILE A 60 14.74 -1.42 11.08
CA ILE A 60 14.52 -0.15 11.76
C ILE A 60 15.07 -0.21 13.18
N LEU A 61 14.76 -1.29 13.89
CA LEU A 61 15.27 -1.45 15.24
C LEU A 61 16.79 -1.40 15.26
N LEU A 62 17.44 -2.11 14.34
CA LEU A 62 18.90 -2.12 14.39
C LEU A 62 19.47 -0.75 14.04
N THR A 63 18.85 -0.04 13.10
CA THR A 63 19.29 1.33 12.80
C THR A 63 19.19 2.21 14.04
N GLY A 64 18.08 2.10 14.77
CA GLY A 64 17.96 2.87 16.00
C GLY A 64 19.01 2.50 17.02
N SER A 65 19.26 1.19 17.18
CA SER A 65 20.25 0.74 18.16
C SER A 65 21.64 1.30 17.82
N TYR A 66 22.06 1.20 16.56
CA TYR A 66 23.36 1.75 16.18
C TYR A 66 23.39 3.26 16.36
N ALA A 67 22.26 3.92 16.08
CA ALA A 67 22.22 5.38 16.21
C ALA A 67 22.41 5.80 17.65
N CYS A 68 21.84 5.04 18.60
CA CYS A 68 21.96 5.40 20.01
C CYS A 68 23.41 5.40 20.48
N SER A 69 24.22 4.52 19.91
CA SER A 69 25.60 4.40 20.35
C SER A 69 26.51 5.50 19.80
N ILE A 70 25.99 6.43 19.01
CA ILE A 70 26.81 7.51 18.48
C ILE A 70 27.05 8.53 19.59
N ASP A 71 28.31 8.97 19.72
CA ASP A 71 28.70 9.96 20.71
C ASP A 71 28.32 9.55 22.13
N PRO A 72 28.84 8.43 22.64
CA PRO A 72 28.46 8.00 24.00
C PRO A 72 29.01 8.92 25.08
N THR A 73 30.27 9.35 24.96
CA THR A 73 30.81 10.31 25.90
C THR A 73 30.18 11.69 25.76
N GLU A 74 29.35 11.91 24.74
CA GLU A 74 28.63 13.16 24.57
C GLU A 74 29.56 14.36 24.45
N ASP A 75 30.79 14.13 23.97
CA ASP A 75 31.78 15.18 23.80
C ASP A 75 32.59 15.02 22.54
N ARG A 76 32.38 13.96 21.76
CA ARG A 76 33.23 13.66 20.62
C ARG A 76 32.98 14.56 19.42
N TYR A 77 31.90 15.35 19.40
CA TYR A 77 31.59 16.24 18.29
C TYR A 77 31.42 17.66 18.80
N GLN A 78 31.70 18.63 17.94
CA GLN A 78 31.41 20.02 18.28
C GLN A 78 31.12 20.77 16.99
N ASN A 79 30.39 21.89 17.12
CA ASN A 79 29.97 22.71 15.98
C ASN A 79 29.17 21.87 14.97
N VAL A 80 28.10 21.27 15.48
CA VAL A 80 27.18 20.47 14.68
C VAL A 80 26.19 21.40 14.00
N ILE A 81 26.22 21.44 12.67
CA ILE A 81 25.41 22.35 11.86
C ILE A 81 24.46 21.52 11.03
N VAL A 82 23.17 21.79 11.17
CA VAL A 82 22.14 21.19 10.32
C VAL A 82 21.40 22.33 9.62
N ARG A 83 21.35 22.26 8.29
CA ARG A 83 20.69 23.26 7.43
C ARG A 83 21.13 24.69 7.76
N GLY A 84 22.24 24.86 8.47
CA GLY A 84 22.72 26.17 8.83
C GLY A 84 22.40 26.60 10.24
N VAL A 85 22.03 25.68 11.13
CA VAL A 85 21.71 25.97 12.51
C VAL A 85 22.72 25.24 13.38
N ASN A 86 23.31 25.95 14.34
CA ASN A 86 24.31 25.34 15.21
C ASN A 86 23.60 24.71 16.41
N PHE A 87 23.58 23.38 16.47
CA PHE A 87 22.89 22.70 17.54
C PHE A 87 23.69 22.70 18.85
N ASP A 88 25.00 22.93 18.79
CA ASP A 88 25.81 22.94 20.01
C ASP A 88 25.26 23.89 21.05
N GLU A 89 24.98 25.12 20.62
CA GLU A 89 24.54 26.15 21.55
C GLU A 89 23.20 25.78 22.19
N ARG A 90 22.29 25.18 21.41
CA ARG A 90 20.95 24.91 21.92
C ARG A 90 20.93 23.74 22.88
N VAL A 91 21.62 22.65 22.55
CA VAL A 91 21.61 21.47 23.41
C VAL A 91 22.19 21.81 24.78
N GLN A 92 23.19 22.68 24.83
CA GLN A 92 23.76 23.10 26.10
C GLN A 92 22.72 23.79 26.96
N ARG A 93 21.84 24.58 26.35
CA ARG A 93 20.84 25.33 27.10
C ARG A 93 19.66 24.48 27.55
N LEU A 94 19.58 23.23 27.11
CA LEU A 94 18.53 22.35 27.60
C LEU A 94 18.85 21.86 29.01
N SER A 95 17.80 21.55 29.77
CA SER A 95 18.00 21.12 31.15
C SER A 95 18.79 19.81 31.21
N THR A 96 18.49 18.89 30.31
CA THR A 96 19.18 17.59 30.31
C THR A 96 20.43 17.58 29.44
N GLY A 97 20.73 18.66 28.72
CA GLY A 97 21.94 18.70 27.92
C GLY A 97 21.91 17.63 26.85
N GLY A 98 22.89 16.72 26.88
CA GLY A 98 22.94 15.62 25.95
C GLY A 98 23.92 15.84 24.80
N SER A 99 23.93 14.86 23.89
CA SER A 99 24.89 14.89 22.78
C SER A 99 24.35 15.69 21.62
N PRO A 100 25.09 16.68 21.11
CA PRO A 100 24.63 17.38 19.91
C PRO A 100 24.64 16.49 18.68
N ALA A 101 25.48 15.46 18.64
CA ALA A 101 25.44 14.54 17.50
C ALA A 101 24.11 13.81 17.45
N ARG A 102 23.77 13.10 18.53
CA ARG A 102 22.49 12.39 18.54
C ARG A 102 21.32 13.36 18.43
N TYR A 103 21.42 14.55 19.02
CA TYR A 103 20.36 15.55 18.85
C TYR A 103 20.20 15.94 17.39
N ALA A 104 21.28 15.96 16.63
CA ALA A 104 21.18 16.32 15.22
C ALA A 104 20.65 15.17 14.39
N ILE A 105 21.02 13.93 14.73
CA ILE A 105 20.71 12.82 13.87
C ILE A 105 19.20 12.54 13.82
N VAL A 106 18.42 13.02 14.79
CA VAL A 106 16.97 12.83 14.71
C VAL A 106 16.30 13.81 13.77
N TYR A 107 17.05 14.72 13.15
CA TYR A 107 16.52 15.60 12.13
C TYR A 107 16.65 14.97 10.75
N ARG A 108 15.87 15.49 9.80
CA ARG A 108 15.94 14.98 8.44
C ARG A 108 17.28 15.32 7.81
N ARG A 109 17.96 14.30 7.30
CA ARG A 109 19.30 14.44 6.75
C ARG A 109 20.23 15.08 7.75
N GLY A 110 19.98 14.84 9.04
CA GLY A 110 20.93 15.27 10.04
C GLY A 110 22.20 14.47 10.03
N TRP A 111 22.16 13.26 9.48
CA TRP A 111 23.37 12.47 9.37
C TRP A 111 24.43 13.13 8.52
N ARG A 112 24.04 14.10 7.68
CA ARG A 112 25.02 14.74 6.81
C ARG A 112 26.06 15.52 7.60
N ALA A 113 25.71 16.01 8.80
CA ALA A 113 26.70 16.66 9.65
C ALA A 113 27.64 15.63 10.27
N ILE A 114 27.07 14.55 10.82
CA ILE A 114 27.90 13.51 11.40
C ILE A 114 28.72 12.80 10.32
N ALA A 115 28.18 12.69 9.11
CA ALA A 115 28.93 12.04 8.04
C ALA A 115 30.17 12.84 7.67
N LYS A 116 30.04 14.17 7.59
CA LYS A 116 31.21 15.00 7.32
C LYS A 116 32.18 15.00 8.49
N ALA A 117 31.65 14.97 9.72
CA ALA A 117 32.56 14.96 10.87
C ALA A 117 33.41 13.70 10.91
N LEU A 118 32.92 12.60 10.33
CA LEU A 118 33.64 11.34 10.36
C LEU A 118 34.32 11.01 9.03
N ASP A 119 34.30 11.94 8.08
CA ASP A 119 34.94 11.74 6.78
C ASP A 119 34.49 10.42 6.15
N ILE A 120 33.17 10.27 6.01
CA ILE A 120 32.60 9.02 5.55
C ILE A 120 32.53 9.07 4.02
N ASP A 121 33.17 8.07 3.38
CA ASP A 121 33.14 7.96 1.93
C ASP A 121 33.00 6.52 1.46
N GLU A 122 32.80 5.56 2.38
CA GLU A 122 32.76 4.15 2.01
C GLU A 122 31.50 3.77 1.26
N GLU A 123 30.47 4.62 1.29
CA GLU A 123 29.21 4.37 0.58
C GLU A 123 28.79 5.61 -0.18
N ASP A 124 27.85 5.41 -1.11
CA ASP A 124 27.44 6.49 -2.00
C ASP A 124 26.71 7.59 -1.24
N VAL A 125 25.64 7.24 -0.56
CA VAL A 125 24.91 8.17 0.30
C VAL A 125 24.86 7.57 1.70
N PRO A 126 25.79 7.94 2.57
CA PRO A 126 25.88 7.30 3.88
C PRO A 126 24.76 7.72 4.81
N ALA A 127 23.53 7.39 4.47
CA ALA A 127 22.37 7.93 5.16
C ALA A 127 22.00 7.09 6.36
N ILE A 128 21.67 7.77 7.47
CA ILE A 128 21.10 7.17 8.67
C ILE A 128 19.92 8.04 9.09
N GLU A 129 18.72 7.47 9.07
CA GLU A 129 17.51 8.17 9.47
C GLU A 129 16.78 7.35 10.52
N VAL A 130 16.21 8.04 11.51
CA VAL A 130 15.50 7.41 12.62
C VAL A 130 14.15 8.07 12.87
N ARG A 131 13.52 8.58 11.81
CA ARG A 131 12.25 9.27 11.94
C ARG A 131 11.07 8.44 11.43
N ALA A 132 11.25 7.14 11.23
CA ALA A 132 10.18 6.30 10.72
C ALA A 132 8.93 6.43 11.58
N VAL A 133 7.76 6.38 10.93
CA VAL A 133 6.49 6.57 11.61
C VAL A 133 5.54 5.42 11.33
N LYS A 134 5.16 5.23 10.06
CA LYS A 134 4.08 4.32 9.73
C LYS A 134 4.42 2.87 10.08
N ARG A 135 5.52 2.35 9.54
CA ARG A 135 5.86 0.96 9.77
C ARG A 135 6.73 0.75 11.00
N ASN A 136 6.97 1.80 11.79
CA ASN A 136 7.88 1.71 12.92
C ASN A 136 7.35 0.74 13.97
N PRO A 137 8.15 -0.22 14.43
CA PRO A 137 7.67 -1.16 15.46
C PRO A 137 7.52 -0.53 16.83
N LEU A 138 8.12 0.63 17.07
CA LEU A 138 7.89 1.36 18.30
C LEU A 138 6.97 2.55 18.05
N GLN A 139 6.52 3.15 19.13
CA GLN A 139 5.85 4.44 19.05
C GLN A 139 6.86 5.45 18.53
N PRO A 140 6.60 6.13 17.41
CA PRO A 140 7.69 6.88 16.74
C PRO A 140 8.35 7.96 17.59
N ALA A 141 7.55 8.77 18.30
CA ALA A 141 8.15 9.81 19.13
C ALA A 141 9.04 9.20 20.21
N LEU A 142 8.60 8.11 20.83
CA LEU A 142 9.44 7.46 21.83
C LEU A 142 10.74 6.94 21.23
N TYR A 143 10.66 6.39 20.02
CA TYR A 143 11.85 5.94 19.30
C TYR A 143 12.86 7.08 19.13
N ARG A 144 12.38 8.22 18.63
CA ARG A 144 13.28 9.34 18.42
C ARG A 144 13.85 9.84 19.74
N ILE A 145 13.03 9.88 20.81
CA ILE A 145 13.54 10.37 22.08
C ILE A 145 14.57 9.41 22.66
N LEU A 146 14.41 8.11 22.43
CA LEU A 146 15.44 7.15 22.82
C LEU A 146 16.76 7.45 22.11
N VAL A 147 16.71 7.70 20.80
CA VAL A 147 17.93 7.99 20.06
C VAL A 147 18.54 9.30 20.53
N ARG A 148 17.72 10.33 20.78
CA ARG A 148 18.25 11.62 21.19
C ARG A 148 18.96 11.50 22.53
N TYR A 149 18.46 10.64 23.43
CA TYR A 149 19.09 10.43 24.72
C TYR A 149 20.03 9.23 24.73
N GLY A 150 20.29 8.64 23.57
CA GLY A 150 21.28 7.58 23.45
C GLY A 150 21.02 6.37 24.32
N ARG A 151 19.76 6.00 24.51
CA ARG A 151 19.42 4.89 25.40
C ARG A 151 19.52 3.61 24.58
N VAL A 152 20.70 2.97 24.64
CA VAL A 152 20.89 1.72 23.90
C VAL A 152 20.27 0.55 24.65
N ASP A 153 20.18 0.65 25.97
CA ASP A 153 19.51 -0.39 26.74
C ASP A 153 18.04 -0.50 26.39
N LEU A 154 17.41 0.60 25.96
CA LEU A 154 15.97 0.60 25.72
C LEU A 154 15.58 0.28 24.28
N MET A 155 16.47 0.50 23.32
CA MET A 155 16.22 0.17 21.92
C MET A 155 16.20 -1.32 21.69
N PRO A 156 15.06 -1.94 21.42
CA PRO A 156 15.04 -3.40 21.20
C PRO A 156 15.77 -3.75 19.91
N VAL A 157 16.31 -4.97 19.87
CA VAL A 157 17.08 -5.44 18.72
C VAL A 157 16.32 -6.48 17.90
N THR A 158 15.17 -6.96 18.38
CA THR A 158 14.34 -7.86 17.62
C THR A 158 12.88 -7.47 17.81
N VAL A 159 12.10 -7.65 16.75
CA VAL A 159 10.68 -7.29 16.78
C VAL A 159 9.97 -8.03 17.90
N ASP A 160 10.37 -9.29 18.13
CA ASP A 160 9.74 -10.09 19.18
C ASP A 160 10.09 -9.55 20.56
N GLU A 161 11.28 -8.96 20.73
CA GLU A 161 11.67 -8.41 22.01
C GLU A 161 11.07 -7.04 22.29
N VAL A 162 10.44 -6.41 21.29
CA VAL A 162 9.79 -5.11 21.45
C VAL A 162 8.67 -5.24 22.46
N PRO A 163 8.73 -4.53 23.58
CA PRO A 163 7.68 -4.67 24.58
C PRO A 163 6.45 -3.85 24.22
N PRO A 164 5.26 -4.35 24.57
CA PRO A 164 4.04 -3.60 24.22
C PRO A 164 4.00 -2.22 24.85
N GLU A 165 4.67 -2.01 25.98
CA GLU A 165 4.66 -0.70 26.62
C GLU A 165 5.38 0.36 25.79
N MET A 166 6.04 -0.04 24.70
CA MET A 166 6.71 0.89 23.81
C MET A 166 6.05 0.97 22.45
N ALA A 167 4.90 0.32 22.26
CA ALA A 167 4.23 0.33 20.97
C ALA A 167 2.76 0.70 21.11
N GLY A 168 1.87 -0.29 21.03
CA GLY A 168 0.46 0.02 21.12
C GLY A 168 0.01 0.38 22.51
N GLU A 169 0.64 -0.22 23.53
CA GLU A 169 0.36 0.09 24.94
C GLU A 169 1.30 1.15 25.48
N PHE A 170 1.65 2.15 24.67
CA PHE A 170 2.57 3.18 25.11
C PHE A 170 2.03 3.95 26.31
N GLU A 171 0.70 3.96 26.50
CA GLU A 171 0.14 4.66 27.63
C GLU A 171 0.62 4.07 28.96
N ARG A 172 0.85 2.75 29.01
CA ARG A 172 1.30 2.11 30.24
C ARG A 172 2.62 2.69 30.72
N LEU A 173 3.57 2.86 29.79
CA LEU A 173 4.90 3.36 30.15
C LEU A 173 4.84 4.79 30.65
N ILE A 174 3.94 5.61 30.11
CA ILE A 174 3.83 6.98 30.60
C ILE A 174 3.26 7.00 32.01
N GLU A 175 2.25 6.17 32.26
CA GLU A 175 1.64 6.13 33.58
C GLU A 175 2.54 5.48 34.63
N ARG A 176 3.49 4.65 34.20
CA ARG A 176 4.34 3.95 35.17
C ARG A 176 5.20 4.91 35.97
N TYR A 177 5.57 6.06 35.41
CA TYR A 177 6.55 6.93 36.03
C TYR A 177 5.98 8.22 36.59
N ASP A 178 4.65 8.41 36.55
CA ASP A 178 3.99 9.55 37.18
C ASP A 178 4.61 10.87 36.73
N VAL A 179 4.50 11.14 35.44
CA VAL A 179 5.07 12.33 34.81
C VAL A 179 3.98 13.39 34.71
N PRO A 180 4.25 14.63 35.10
CA PRO A 180 3.24 15.69 34.96
C PRO A 180 2.92 15.95 33.49
N ILE A 181 1.63 15.91 33.16
CA ILE A 181 1.15 16.09 31.80
C ILE A 181 0.23 17.29 31.76
N ASP A 182 0.47 18.21 30.82
CA ASP A 182 -0.37 19.40 30.71
C ASP A 182 -1.49 19.18 29.69
N GLU A 183 -2.31 20.21 29.49
CA GLU A 183 -3.53 20.05 28.69
C GLU A 183 -3.21 19.80 27.22
N LYS A 184 -2.27 20.54 26.64
CA LYS A 184 -1.92 20.30 25.25
C LYS A 184 -1.41 18.87 25.07
N GLU A 185 -0.52 18.43 25.96
CA GLU A 185 -0.05 17.05 25.91
C GLU A 185 -1.19 16.07 26.16
N GLU A 186 -2.20 16.48 26.91
CA GLU A 186 -3.35 15.61 27.15
C GLU A 186 -4.17 15.43 25.88
N ARG A 187 -4.38 16.50 25.11
CA ARG A 187 -5.09 16.37 23.84
C ARG A 187 -4.27 15.53 22.86
N ILE A 188 -2.94 15.72 22.87
CA ILE A 188 -2.10 14.94 21.99
C ILE A 188 -2.18 13.46 22.36
N LEU A 189 -2.18 13.15 23.65
CA LEU A 189 -2.34 11.76 24.05
C LEU A 189 -3.70 11.23 23.64
N GLU A 190 -4.74 12.06 23.73
CA GLU A 190 -6.06 11.62 23.30
C GLU A 190 -6.04 11.22 21.83
N ILE A 191 -5.36 12.01 20.99
CA ILE A 191 -5.28 11.63 19.58
C ILE A 191 -4.46 10.36 19.41
N LEU A 192 -3.33 10.25 20.11
CA LEU A 192 -2.44 9.12 19.94
C LEU A 192 -3.06 7.81 20.42
N ARG A 193 -4.02 7.88 21.35
CA ARG A 193 -4.68 6.65 21.80
C ARG A 193 -5.48 6.01 20.67
N GLU A 194 -6.08 6.83 19.79
CA GLU A 194 -6.76 6.29 18.61
C GLU A 194 -5.77 5.57 17.70
N ASN A 195 -4.65 6.21 17.42
CA ASN A 195 -3.62 5.64 16.55
C ASN A 195 -2.27 6.11 17.02
N PRO A 196 -1.52 5.27 17.72
CA PRO A 196 -0.18 5.68 18.18
C PRO A 196 0.76 6.08 17.06
N TRP A 197 0.53 5.59 15.86
CA TRP A 197 1.42 5.92 14.74
C TRP A 197 0.89 7.06 13.90
N THR A 198 0.07 7.92 14.47
CA THR A 198 -0.40 9.09 13.72
C THR A 198 0.77 10.02 13.49
N PRO A 199 1.05 10.42 12.24
CA PRO A 199 2.13 11.37 12.01
C PRO A 199 1.89 12.68 12.72
N HIS A 200 2.98 13.38 13.04
CA HIS A 200 2.88 14.56 13.90
C HIS A 200 2.16 15.70 13.22
N ASP A 201 2.34 15.87 11.91
CA ASP A 201 1.60 16.93 11.24
C ASP A 201 0.10 16.63 11.20
N GLU A 202 -0.30 15.35 11.20
CA GLU A 202 -1.72 15.04 11.30
C GLU A 202 -2.28 15.43 12.66
N ILE A 203 -1.51 15.18 13.72
CA ILE A 203 -1.89 15.65 15.05
C ILE A 203 -2.00 17.16 15.05
N ALA A 204 -1.07 17.83 14.38
CA ALA A 204 -1.12 19.28 14.30
C ALA A 204 -2.39 19.76 13.61
N ARG A 205 -2.76 19.10 12.51
CA ARG A 205 -3.98 19.49 11.81
C ARG A 205 -5.19 19.27 12.70
N ARG A 206 -5.28 18.09 13.32
CA ARG A 206 -6.50 17.77 14.06
C ARG A 206 -6.65 18.63 15.30
N LEU A 207 -5.55 18.97 15.96
CA LEU A 207 -5.62 19.85 17.12
C LEU A 207 -5.56 21.34 16.76
N GLY A 208 -5.40 21.67 15.48
CA GLY A 208 -5.31 23.05 15.06
C GLY A 208 -4.04 23.74 15.49
N LEU A 209 -2.99 22.97 15.81
CA LEU A 209 -1.73 23.52 16.27
C LEU A 209 -0.69 23.51 15.16
N SER A 210 0.48 24.06 15.45
CA SER A 210 1.61 23.92 14.56
C SER A 210 2.37 22.64 14.91
N VAL A 211 3.22 22.20 13.99
CA VAL A 211 4.00 21.00 14.25
C VAL A 211 4.91 21.21 15.45
N SER A 212 5.49 22.41 15.58
CA SER A 212 6.37 22.68 16.72
C SER A 212 5.61 22.63 18.04
N GLU A 213 4.35 23.06 18.04
CA GLU A 213 3.56 23.00 19.27
C GLU A 213 3.27 21.57 19.66
N VAL A 214 3.06 20.69 18.67
CA VAL A 214 2.76 19.29 18.98
C VAL A 214 4.01 18.57 19.44
N GLU A 215 5.14 18.83 18.77
CA GLU A 215 6.38 18.15 19.14
C GLU A 215 6.95 18.72 20.43
N GLY A 216 7.19 20.03 20.45
CA GLY A 216 7.84 20.64 21.59
C GLY A 216 9.33 20.42 21.54
N GLU A 217 10.00 20.88 22.58
CA GLU A 217 11.45 20.74 22.67
C GLU A 217 11.80 19.34 23.20
N LYS A 218 12.88 18.77 22.68
CA LYS A 218 13.30 17.41 23.06
C LYS A 218 13.98 17.45 24.43
N ASP A 219 13.18 17.80 25.44
CA ASP A 219 13.72 18.06 26.76
C ASP A 219 12.56 18.03 27.74
N PRO A 220 12.76 17.49 28.95
CA PRO A 220 11.62 17.37 29.88
C PRO A 220 10.97 18.69 30.26
N GLU A 221 11.66 19.81 30.10
CA GLU A 221 11.09 21.10 30.48
C GLU A 221 10.59 21.84 29.23
N SER A 222 9.55 21.26 28.63
CA SER A 222 8.84 21.92 27.53
C SER A 222 7.43 21.31 27.48
N SER A 223 6.73 21.51 26.36
CA SER A 223 5.35 21.05 26.22
C SER A 223 5.15 20.45 24.84
N GLY A 224 4.78 19.18 24.80
CA GLY A 224 4.65 18.48 23.54
C GLY A 224 5.00 17.01 23.73
N ILE A 225 4.81 16.25 22.65
CA ILE A 225 5.03 14.82 22.76
C ILE A 225 6.51 14.52 22.96
N TYR A 226 7.39 15.26 22.27
CA TYR A 226 8.82 15.11 22.51
C TYR A 226 9.15 15.40 23.97
N SER A 227 8.63 16.52 24.50
CA SER A 227 8.92 16.87 25.88
C SER A 227 8.38 15.80 26.82
N LEU A 228 7.18 15.28 26.53
CA LEU A 228 6.58 14.28 27.41
C LEU A 228 7.42 13.01 27.46
N TRP A 229 7.82 12.48 26.30
CA TRP A 229 8.66 11.30 26.31
C TRP A 229 9.99 11.58 27.00
N SER A 230 10.56 12.78 26.80
CA SER A 230 11.79 13.13 27.49
C SER A 230 11.61 13.08 29.00
N ARG A 231 10.49 13.61 29.49
CA ARG A 231 10.18 13.51 30.91
C ARG A 231 10.11 12.06 31.35
N VAL A 232 9.52 11.20 30.53
CA VAL A 232 9.37 9.80 30.94
C VAL A 232 10.71 9.08 30.87
N VAL A 233 11.52 9.35 29.86
CA VAL A 233 12.72 8.55 29.63
C VAL A 233 13.78 8.83 30.70
N VAL A 234 13.98 10.10 31.06
CA VAL A 234 15.05 10.44 31.98
C VAL A 234 14.82 9.85 33.36
N ASN A 235 13.59 9.44 33.68
CA ASN A 235 13.34 8.79 34.96
C ASN A 235 13.61 7.29 34.93
N ILE A 236 13.97 6.74 33.78
CA ILE A 236 14.31 5.33 33.67
C ILE A 236 15.80 5.16 33.93
N GLU A 237 16.15 4.35 34.92
CA GLU A 237 17.57 4.12 35.18
C GLU A 237 18.19 3.34 34.04
N TYR A 238 19.45 3.66 33.74
CA TYR A 238 20.17 3.04 32.62
C TYR A 238 20.58 1.63 32.99
N ASP A 239 20.11 0.65 32.22
CA ASP A 239 20.42 -0.76 32.46
C ASP A 239 21.65 -1.13 31.64
N GLU A 240 22.82 -1.05 32.28
CA GLU A 240 24.08 -1.21 31.55
C GLU A 240 24.23 -2.62 30.99
N ARG A 241 23.82 -3.64 31.75
CA ARG A 241 23.97 -5.01 31.28
C ARG A 241 23.16 -5.26 30.03
N THR A 242 21.92 -4.75 29.98
CA THR A 242 21.10 -4.93 28.79
C THR A 242 21.70 -4.22 27.59
N ALA A 243 22.30 -3.05 27.82
CA ALA A 243 22.96 -2.33 26.73
C ALA A 243 24.13 -3.15 26.19
N LYS A 244 24.95 -3.73 27.08
CA LYS A 244 26.05 -4.56 26.62
C LYS A 244 25.53 -5.78 25.85
N ARG A 245 24.43 -6.37 26.31
CA ARG A 245 23.86 -7.52 25.63
C ARG A 245 23.41 -7.15 24.21
N HIS A 246 22.75 -5.99 24.08
CA HIS A 246 22.31 -5.54 22.75
C HIS A 246 23.48 -5.27 21.83
N VAL A 247 24.54 -4.65 22.36
CA VAL A 247 25.73 -4.39 21.56
C VAL A 247 26.35 -5.71 21.10
N LYS A 248 26.33 -6.73 21.97
CA LYS A 248 26.86 -8.04 21.60
C LYS A 248 26.04 -8.66 20.48
N ARG A 249 24.70 -8.60 20.59
CA ARG A 249 23.83 -9.32 19.68
C ARG A 249 23.72 -8.66 18.31
N ARG A 250 23.76 -7.32 18.25
CA ARG A 250 23.24 -6.62 17.09
C ARG A 250 24.02 -6.89 15.81
N ASP A 251 25.35 -7.08 15.88
CA ASP A 251 26.10 -7.28 14.65
C ASP A 251 25.68 -8.57 13.96
N ARG A 252 25.69 -9.68 14.70
CA ARG A 252 25.26 -10.95 14.11
C ARG A 252 23.79 -10.89 13.71
N LEU A 253 22.96 -10.18 14.48
CA LEU A 253 21.57 -10.05 14.09
C LEU A 253 21.44 -9.35 12.75
N LEU A 254 22.24 -8.30 12.54
CA LEU A 254 22.20 -7.57 11.27
C LEU A 254 22.65 -8.47 10.12
N GLU A 255 23.70 -9.26 10.34
CA GLU A 255 24.12 -10.16 9.27
C GLU A 255 23.04 -11.18 8.94
N GLU A 256 22.36 -11.69 9.96
CA GLU A 256 21.26 -12.63 9.73
C GLU A 256 20.12 -11.95 8.98
N LEU A 257 19.87 -10.67 9.28
CA LEU A 257 18.83 -9.95 8.56
C LEU A 257 19.17 -9.80 7.09
N TYR A 258 20.42 -9.48 6.79
CA TYR A 258 20.82 -9.37 5.39
C TYR A 258 20.69 -10.70 4.67
N GLU A 259 21.06 -11.81 5.34
CA GLU A 259 20.89 -13.11 4.72
C GLU A 259 19.42 -13.42 4.48
N HIS A 260 18.56 -13.07 5.44
CA HIS A 260 17.13 -13.29 5.29
C HIS A 260 16.55 -12.44 4.16
N LEU A 261 17.08 -11.23 3.97
CA LEU A 261 16.65 -10.39 2.86
C LEU A 261 17.07 -10.98 1.53
N GLU A 262 18.32 -11.45 1.42
CA GLU A 262 18.75 -12.09 0.19
C GLU A 262 17.90 -13.30 -0.12
N GLU A 263 17.53 -14.08 0.90
CA GLU A 263 16.66 -15.24 0.68
C GLU A 263 15.26 -14.83 0.26
N LEU A 264 14.73 -13.75 0.85
CA LEU A 264 13.36 -13.32 0.59
C LEU A 264 13.23 -12.54 -0.72
N SER A 265 14.26 -11.79 -1.09
CA SER A 265 14.20 -11.01 -2.32
C SER A 265 14.06 -11.88 -3.55
N GLU A 266 14.50 -13.14 -3.48
CA GLU A 266 14.34 -14.05 -4.61
C GLU A 266 12.88 -14.27 -4.96
N ARG A 267 11.98 -14.13 -3.99
CA ARG A 267 10.56 -14.33 -4.20
C ARG A 267 9.93 -13.22 -5.05
N TYR A 268 10.63 -12.10 -5.23
CA TYR A 268 10.06 -10.94 -5.90
C TYR A 268 10.92 -10.38 -7.03
N LEU A 269 12.20 -10.73 -7.13
CA LEU A 269 13.08 -10.13 -8.12
C LEU A 269 13.83 -11.21 -8.90
N ARG A 270 14.37 -10.81 -10.05
CA ARG A 270 15.25 -11.70 -10.80
C ARG A 270 16.66 -11.69 -10.22
N HIS A 271 17.14 -10.51 -9.80
CA HIS A 271 18.44 -10.38 -9.16
C HIS A 271 18.25 -10.24 -7.67
N PRO A 272 18.64 -11.22 -6.85
CA PRO A 272 18.42 -11.12 -5.40
C PRO A 272 19.14 -9.93 -4.81
N LEU A 273 18.54 -9.36 -3.76
CA LEU A 273 19.07 -8.16 -3.10
C LEU A 273 20.25 -8.57 -2.23
N THR A 274 21.39 -8.76 -2.89
CA THR A 274 22.63 -8.95 -2.17
C THR A 274 23.12 -7.61 -1.64
N ARG A 275 23.95 -7.68 -0.60
CA ARG A 275 24.54 -6.47 -0.04
C ARG A 275 25.30 -5.69 -1.12
N ARG A 276 26.05 -6.40 -1.98
CA ARG A 276 26.76 -5.73 -3.07
C ARG A 276 25.78 -5.01 -4.00
N TRP A 277 24.68 -5.67 -4.36
CA TRP A 277 23.70 -5.05 -5.24
C TRP A 277 23.12 -3.78 -4.62
N ILE A 278 22.85 -3.81 -3.32
CA ILE A 278 22.25 -2.68 -2.64
C ILE A 278 23.24 -1.52 -2.56
N VAL A 279 24.51 -1.80 -2.27
CA VAL A 279 25.47 -0.71 -2.20
C VAL A 279 25.72 -0.11 -3.58
N GLU A 280 25.72 -0.95 -4.61
CA GLU A 280 25.97 -0.47 -5.97
C GLU A 280 24.71 0.09 -6.64
N HIS A 281 23.61 0.25 -5.91
CA HIS A 281 22.38 0.80 -6.48
C HIS A 281 21.65 1.68 -5.48
N LYS A 282 22.38 2.33 -4.57
CA LYS A 282 21.72 3.09 -3.52
C LYS A 282 20.88 4.22 -4.10
N ARG A 283 21.37 4.87 -5.15
CA ARG A 283 20.62 6.00 -5.69
C ARG A 283 19.35 5.53 -6.41
N ASP A 284 19.36 4.32 -6.97
CA ASP A 284 18.14 3.81 -7.59
C ASP A 284 17.09 3.50 -6.54
N ILE A 285 17.50 2.93 -5.40
CA ILE A 285 16.54 2.58 -4.37
C ILE A 285 15.93 3.83 -3.76
N MET A 286 16.76 4.80 -3.40
CA MET A 286 16.27 6.00 -2.73
C MET A 286 15.45 6.87 -3.67
N ARG A 287 15.69 6.77 -4.98
CA ARG A 287 15.14 7.72 -5.94
C ARG A 287 13.63 7.79 -5.85
N ARG A 288 12.96 6.63 -5.78
CA ARG A 288 11.51 6.59 -5.69
C ARG A 288 11.01 7.17 -4.37
N TYR A 289 11.56 6.69 -3.26
CA TYR A 289 11.11 7.11 -1.93
C TYR A 289 11.30 8.61 -1.73
N LEU A 290 12.44 9.15 -2.13
CA LEU A 290 12.68 10.59 -1.99
C LEU A 290 11.67 11.38 -2.81
N GLU A 291 11.35 10.90 -4.01
CA GLU A 291 10.39 11.62 -4.84
C GLU A 291 9.00 11.61 -4.21
N GLN A 292 8.59 10.48 -3.62
CA GLN A 292 7.29 10.44 -2.97
C GLN A 292 7.25 11.37 -1.75
N ARG A 293 8.33 11.41 -0.98
CA ARG A 293 8.42 12.37 0.11
C ARG A 293 8.24 13.79 -0.40
N ILE A 294 8.98 14.14 -1.47
CA ILE A 294 8.92 15.51 -2.00
C ILE A 294 7.52 15.83 -2.48
N VAL A 295 6.86 14.86 -3.13
CA VAL A 295 5.51 15.10 -3.65
C VAL A 295 4.54 15.35 -2.49
N GLU A 296 4.56 14.48 -1.48
CA GLU A 296 3.66 14.69 -0.33
C GLU A 296 3.92 16.04 0.30
N CYS A 297 5.19 16.42 0.45
CA CYS A 297 5.51 17.66 1.13
C CYS A 297 5.02 18.86 0.32
N ALA A 298 5.32 18.89 -0.98
CA ALA A 298 4.87 20.01 -1.81
C ALA A 298 3.36 20.09 -1.87
N LEU A 299 2.69 18.94 -1.87
CA LEU A 299 1.23 18.93 -1.89
C LEU A 299 0.68 19.52 -0.59
N LYS A 300 1.21 19.10 0.55
CA LYS A 300 0.77 19.68 1.82
C LYS A 300 1.06 21.17 1.86
N LEU A 301 2.17 21.60 1.25
CA LEU A 301 2.48 23.03 1.21
C LEU A 301 1.48 23.79 0.37
N GLN A 302 1.03 23.20 -0.75
CA GLN A 302 0.07 23.89 -1.62
C GLN A 302 -1.31 23.93 -0.99
N ASP A 303 -1.74 22.84 -0.36
CA ASP A 303 -3.12 22.75 0.11
C ASP A 303 -3.30 23.36 1.50
N ARG A 304 -2.64 22.79 2.51
CA ARG A 304 -2.89 23.25 3.88
C ARG A 304 -2.23 24.59 4.17
N TYR A 305 -1.23 25.00 3.40
CA TYR A 305 -0.53 26.25 3.67
C TYR A 305 -0.64 27.28 2.54
N GLY A 306 -1.28 26.93 1.42
CA GLY A 306 -1.56 27.90 0.38
C GLY A 306 -0.34 28.56 -0.24
N ILE A 307 0.72 27.80 -0.44
CA ILE A 307 1.92 28.30 -1.09
C ILE A 307 1.85 27.97 -2.58
N ARG A 308 2.37 28.87 -3.41
CA ARG A 308 2.39 28.65 -4.85
C ARG A 308 3.06 27.32 -5.18
N GLU A 309 2.59 26.68 -6.25
CA GLU A 309 3.07 25.35 -6.60
C GLU A 309 4.58 25.34 -6.83
N ASP A 310 5.09 26.34 -7.55
CA ASP A 310 6.53 26.41 -7.81
C ASP A 310 7.32 26.55 -6.52
N VAL A 311 6.93 27.51 -5.67
CA VAL A 311 7.64 27.76 -4.43
C VAL A 311 7.53 26.56 -3.49
N ALA A 312 6.33 25.97 -3.40
CA ALA A 312 6.14 24.82 -2.53
C ALA A 312 6.99 23.64 -2.98
N LEU A 313 7.04 23.38 -4.28
CA LEU A 313 7.85 22.28 -4.77
C LEU A 313 9.32 22.56 -4.53
N CYS A 314 9.75 23.82 -4.69
CA CYS A 314 11.14 24.18 -4.42
C CYS A 314 11.49 23.96 -2.95
N LEU A 315 10.61 24.36 -2.04
CA LEU A 315 10.88 24.17 -0.63
C LEU A 315 10.90 22.70 -0.25
N ALA A 316 9.99 21.90 -0.82
CA ALA A 316 10.00 20.47 -0.54
C ALA A 316 11.26 19.81 -1.05
N ARG A 317 11.74 20.21 -2.23
CA ARG A 317 12.98 19.63 -2.74
C ARG A 317 14.18 20.06 -1.91
N ALA A 318 14.17 21.30 -1.41
CA ALA A 318 15.35 21.83 -0.75
C ALA A 318 15.65 21.13 0.56
N PHE A 319 14.61 20.81 1.33
CA PHE A 319 14.74 20.24 2.66
C PHE A 319 14.35 18.76 2.71
N ASP A 320 14.43 18.08 1.56
CA ASP A 320 14.14 16.65 1.48
C ASP A 320 12.74 16.31 1.99
N GLY A 321 11.79 17.21 1.79
CA GLY A 321 10.41 16.90 2.07
C GLY A 321 10.07 16.67 3.53
N SER A 322 10.58 17.50 4.43
CA SER A 322 10.26 17.44 5.86
C SER A 322 9.61 18.76 6.24
N ILE A 323 8.28 18.76 6.36
CA ILE A 323 7.56 19.98 6.71
C ILE A 323 7.83 20.38 8.15
N SER A 324 8.26 19.45 9.00
CA SER A 324 8.69 19.83 10.34
C SER A 324 9.93 20.69 10.28
N MET A 325 10.86 20.34 9.38
CA MET A 325 12.09 21.10 9.25
C MET A 325 11.85 22.45 8.58
N ILE A 326 10.87 22.54 7.67
CA ILE A 326 10.62 23.81 7.00
C ILE A 326 10.07 24.83 7.98
N ALA A 327 9.10 24.42 8.81
CA ALA A 327 8.49 25.31 9.78
C ALA A 327 9.43 25.71 10.92
N THR A 328 10.65 25.18 10.95
CA THR A 328 11.62 25.57 11.97
C THR A 328 12.87 26.17 11.34
N THR A 329 12.80 26.58 10.06
CA THR A 329 13.92 27.15 9.33
C THR A 329 13.79 28.66 9.27
N PRO A 330 14.86 29.41 9.57
CA PRO A 330 14.78 30.87 9.51
C PRO A 330 14.46 31.36 8.10
N TYR A 331 13.89 32.57 8.04
CA TYR A 331 13.42 33.11 6.76
C TYR A 331 14.58 33.31 5.80
N ARG A 332 15.75 33.70 6.32
CA ARG A 332 16.91 33.92 5.46
C ARG A 332 17.30 32.65 4.73
N THR A 333 17.24 31.51 5.40
CA THR A 333 17.59 30.26 4.74
C THR A 333 16.57 29.89 3.69
N LEU A 334 15.28 30.07 3.99
CA LEU A 334 14.23 29.77 3.01
C LEU A 334 14.38 30.64 1.76
N LYS A 335 14.72 31.92 1.93
CA LYS A 335 14.94 32.75 0.76
C LYS A 335 16.22 32.38 0.03
N ASP A 336 17.23 31.89 0.76
CA ASP A 336 18.47 31.45 0.11
C ASP A 336 18.23 30.25 -0.79
N VAL A 337 17.45 29.27 -0.33
CA VAL A 337 17.17 28.10 -1.16
C VAL A 337 15.98 28.31 -2.09
N CYS A 338 15.16 29.33 -1.84
CA CYS A 338 13.98 29.60 -2.66
C CYS A 338 13.76 31.10 -2.73
N PRO A 339 14.39 31.78 -3.70
CA PRO A 339 14.33 33.25 -3.73
C PRO A 339 12.96 33.82 -4.05
N ASP A 340 12.06 33.04 -4.63
CA ASP A 340 10.73 33.53 -4.99
C ASP A 340 9.72 33.40 -3.86
N LEU A 341 10.15 32.96 -2.67
CA LEU A 341 9.23 32.78 -1.55
C LEU A 341 8.77 34.14 -1.02
N THR A 342 7.47 34.26 -0.76
CA THR A 342 6.91 35.46 -0.15
C THR A 342 7.15 35.44 1.35
N LEU A 343 7.33 36.64 1.93
CA LEU A 343 7.36 36.72 3.39
C LEU A 343 6.05 36.23 3.98
N GLU A 344 4.93 36.48 3.29
CA GLU A 344 3.64 36.00 3.78
C GLU A 344 3.53 34.47 3.72
N GLU A 345 4.04 33.87 2.64
CA GLU A 345 4.05 32.41 2.57
C GLU A 345 4.91 31.81 3.67
N ALA A 346 6.08 32.41 3.92
CA ALA A 346 6.96 31.91 4.98
C ALA A 346 6.30 32.06 6.34
N LYS A 347 5.59 33.17 6.57
CA LYS A 347 4.87 33.32 7.83
C LYS A 347 3.72 32.33 7.91
N SER A 348 3.18 31.89 6.76
CA SER A 348 2.15 30.88 6.78
C SER A 348 2.71 29.53 7.23
N VAL A 349 3.85 29.13 6.65
CA VAL A 349 4.37 27.80 6.96
C VAL A 349 5.09 27.77 8.31
N ASN A 350 5.89 28.79 8.62
CA ASN A 350 6.66 28.86 9.87
C ASN A 350 5.86 29.69 10.87
N ARG A 351 5.09 29.00 11.71
CA ARG A 351 4.23 29.71 12.65
C ARG A 351 5.02 30.40 13.76
N THR A 352 6.25 29.97 14.05
CA THR A 352 7.07 30.72 14.99
C THR A 352 7.43 32.09 14.40
N LEU A 353 7.77 32.13 13.12
CA LEU A 353 8.04 33.41 12.46
C LEU A 353 6.79 34.30 12.45
N ALA A 354 5.63 33.71 12.19
CA ALA A 354 4.41 34.49 12.21
C ALA A 354 4.14 35.04 13.60
N THR A 355 4.37 34.24 14.64
CA THR A 355 4.15 34.75 16.00
C THR A 355 5.13 35.86 16.34
N LEU A 356 6.40 35.72 15.93
CA LEU A 356 7.40 36.72 16.25
C LEU A 356 7.16 38.02 15.49
N ILE A 357 6.55 37.97 14.31
CA ILE A 357 6.34 39.18 13.52
C ILE A 357 4.97 39.79 13.84
N ASP A 358 3.91 39.05 13.60
CA ASP A 358 2.56 39.60 13.71
C ASP A 358 2.09 39.74 15.16
N GLU A 359 2.98 39.65 16.14
CA GLU A 359 2.55 39.82 17.52
C GLU A 359 3.61 40.56 18.33
N HIS A 360 4.88 40.26 18.07
CA HIS A 360 5.98 40.93 18.74
C HIS A 360 6.69 41.93 17.83
N GLY A 361 6.07 42.30 16.71
CA GLY A 361 6.57 43.31 15.80
C GLY A 361 8.06 43.22 15.53
N LEU A 362 8.55 42.00 15.35
CA LEU A 362 9.98 41.80 15.16
C LEU A 362 10.35 41.99 13.70
N SER A 363 11.62 42.34 13.49
CA SER A 363 12.18 42.32 12.15
C SER A 363 12.31 40.87 11.67
N PRO A 364 12.22 40.64 10.36
CA PRO A 364 12.52 39.30 9.84
C PRO A 364 13.87 38.78 10.29
N ASP A 365 14.89 39.63 10.35
CA ASP A 365 16.21 39.19 10.79
C ASP A 365 16.23 38.88 12.28
N ALA A 366 15.49 39.66 13.08
CA ALA A 366 15.42 39.37 14.51
C ALA A 366 14.69 38.06 14.77
N ALA A 367 13.55 37.86 14.10
CA ALA A 367 12.85 36.60 14.23
C ALA A 367 13.70 35.43 13.75
N ASP A 368 14.49 35.66 12.71
CA ASP A 368 15.42 34.62 12.24
C ASP A 368 16.48 34.32 13.29
N GLU A 369 16.96 35.35 13.99
CA GLU A 369 17.90 35.15 15.08
C GLU A 369 17.31 34.23 16.14
N LEU A 370 16.08 34.53 16.57
CA LEU A 370 15.42 33.71 17.58
C LEU A 370 15.20 32.29 17.07
N ILE A 371 14.87 32.15 15.79
CA ILE A 371 14.61 30.83 15.23
C ILE A 371 15.91 30.03 15.14
N GLU A 372 17.02 30.70 14.83
CA GLU A 372 18.30 29.99 14.76
C GLU A 372 18.75 29.55 16.15
N HIS A 373 18.50 30.36 17.17
CA HIS A 373 19.01 30.00 18.49
C HIS A 373 18.08 29.04 19.22
N PHE A 374 16.76 29.24 19.12
CA PHE A 374 15.80 28.46 19.91
C PHE A 374 14.81 27.68 19.06
N GLU A 375 14.92 27.73 17.73
CA GLU A 375 14.10 26.93 16.83
C GLU A 375 12.63 27.35 16.87
N SER A 376 11.99 27.25 18.02
CA SER A 376 10.56 27.47 18.09
C SER A 376 10.21 28.26 19.33
N ILE A 377 8.93 28.66 19.41
CA ILE A 377 8.46 29.33 20.62
C ILE A 377 8.61 28.40 21.80
N ALA A 378 8.20 27.13 21.64
CA ALA A 378 8.35 26.18 22.73
C ALA A 378 9.82 25.99 23.10
N GLY A 379 10.73 26.21 22.15
CA GLY A 379 12.15 26.17 22.47
C GLY A 379 12.58 27.36 23.30
N ILE A 380 12.00 28.54 23.04
CA ILE A 380 12.25 29.71 23.88
C ILE A 380 11.73 29.48 25.30
N LEU A 381 10.53 28.93 25.41
CA LEU A 381 9.98 28.66 26.73
C LEU A 381 10.80 27.61 27.46
N ALA A 382 11.48 26.72 26.74
CA ALA A 382 12.28 25.67 27.35
C ALA A 382 13.66 26.13 27.80
N THR A 383 14.09 27.33 27.40
CA THR A 383 15.40 27.86 27.76
C THR A 383 15.29 28.68 29.04
N ASP A 384 16.30 28.55 29.90
CA ASP A 384 16.32 29.32 31.15
C ASP A 384 16.43 30.81 30.86
N LEU A 385 15.80 31.62 31.71
CA LEU A 385 15.82 33.06 31.51
C LEU A 385 17.22 33.63 31.72
N GLU A 386 17.93 33.15 32.75
CA GLU A 386 19.31 33.57 32.95
C GLU A 386 20.20 33.15 31.79
N GLU A 387 19.87 32.04 31.13
CA GLU A 387 20.60 31.65 29.92
C GLU A 387 20.41 32.68 28.82
N ILE A 388 19.19 33.19 28.66
CA ILE A 388 18.94 34.21 27.66
C ILE A 388 19.65 35.51 28.02
N GLU A 389 19.66 35.88 29.30
CA GLU A 389 20.37 37.10 29.70
C GLU A 389 21.87 36.96 29.47
N ARG A 390 22.43 35.77 29.75
CA ARG A 390 23.83 35.53 29.45
C ARG A 390 24.10 35.65 27.95
N MET A 391 23.21 35.10 27.13
CA MET A 391 23.37 35.22 25.69
C MET A 391 23.31 36.68 25.25
N TYR A 392 22.47 37.49 25.90
CA TYR A 392 22.39 38.90 25.53
C TYR A 392 23.64 39.66 25.96
N GLU A 393 24.16 39.37 27.15
CA GLU A 393 25.36 40.04 27.63
C GLU A 393 26.57 39.69 26.78
N GLU A 394 26.66 38.43 26.33
CA GLU A 394 27.76 38.01 25.47
C GLU A 394 27.62 38.54 24.05
N GLY A 395 26.58 39.32 23.74
CA GLY A 395 26.37 39.85 22.41
C GLY A 395 25.85 38.87 21.38
N ARG A 396 25.57 37.62 21.77
CA ARG A 396 25.07 36.62 20.85
C ARG A 396 23.61 36.81 20.48
N LEU A 397 22.91 37.75 21.13
CA LEU A 397 21.51 38.01 20.86
C LEU A 397 21.29 39.52 20.81
N SER A 398 20.53 39.97 19.82
CA SER A 398 20.31 41.40 19.62
C SER A 398 19.33 41.96 20.64
N GLU A 399 19.18 43.29 20.62
CA GLU A 399 18.30 43.96 21.58
C GLU A 399 16.84 43.58 21.35
N GLU A 400 16.37 43.70 20.11
CA GLU A 400 14.97 43.41 19.80
C GLU A 400 14.64 41.95 20.10
N ALA A 401 15.52 41.04 19.69
CA ALA A 401 15.29 39.62 19.94
C ALA A 401 15.28 39.31 21.43
N TYR A 402 16.19 39.93 22.18
CA TYR A 402 16.23 39.68 23.63
C TYR A 402 14.96 40.19 24.30
N ARG A 403 14.54 41.41 23.97
CA ARG A 403 13.31 41.95 24.55
C ARG A 403 12.11 41.08 24.20
N ALA A 404 12.03 40.61 22.95
CA ALA A 404 10.91 39.77 22.55
C ALA A 404 10.92 38.44 23.30
N ALA A 405 12.09 37.82 23.43
CA ALA A 405 12.18 36.56 24.18
C ALA A 405 11.78 36.77 25.63
N VAL A 406 12.20 37.89 26.22
CA VAL A 406 11.83 38.17 27.60
C VAL A 406 10.32 38.32 27.72
N GLU A 407 9.71 39.09 26.82
CA GLU A 407 8.26 39.28 26.89
C GLU A 407 7.50 37.98 26.66
N ILE A 408 8.07 37.07 25.86
CA ILE A 408 7.45 35.76 25.68
C ILE A 408 7.54 34.94 26.95
N GLN A 409 8.70 34.95 27.61
CA GLN A 409 8.85 34.17 28.84
C GLN A 409 7.89 34.66 29.91
N LEU A 410 7.83 35.99 30.09
CA LEU A 410 6.98 36.54 31.14
C LEU A 410 5.50 36.29 30.84
N ALA A 411 5.10 36.44 29.58
CA ALA A 411 3.68 36.29 29.23
C ALA A 411 3.16 34.91 29.59
N GLU A 412 4.03 33.90 29.61
CA GLU A 412 3.58 32.56 29.98
C GLU A 412 3.16 32.47 31.44
N LEU A 413 3.59 33.42 32.27
CA LEU A 413 3.19 33.45 33.67
C LEU A 413 2.33 34.65 34.03
N THR A 414 2.52 35.79 33.37
CA THR A 414 1.69 36.96 33.65
C THR A 414 0.23 36.74 33.30
N LYS A 415 -0.07 35.74 32.46
CA LYS A 415 -1.45 35.44 32.13
C LYS A 415 -2.21 34.82 33.30
N LYS A 416 -1.50 34.26 34.28
CA LYS A 416 -2.17 33.70 35.45
C LYS A 416 -2.72 34.81 36.33
N GLU A 417 -3.84 34.51 36.99
CA GLU A 417 -4.51 35.51 37.81
C GLU A 417 -3.69 35.81 39.05
N GLY A 418 -3.38 37.09 39.25
CA GLY A 418 -2.61 37.54 40.39
C GLY A 418 -1.12 37.58 40.17
N VAL A 419 -0.63 37.09 39.04
CA VAL A 419 0.80 37.08 38.73
C VAL A 419 1.07 38.18 37.71
N GLY A 420 1.94 39.12 38.08
CA GLY A 420 2.34 40.20 37.21
C GLY A 420 3.78 40.06 36.76
N ARG A 421 4.38 41.21 36.41
CA ARG A 421 5.75 41.16 35.89
C ARG A 421 6.74 40.83 36.99
N LYS A 422 6.57 41.40 38.18
CA LYS A 422 7.53 41.17 39.27
C LYS A 422 7.49 39.72 39.74
N THR A 423 6.29 39.19 39.96
CA THR A 423 6.18 37.83 40.45
C THR A 423 6.65 36.83 39.41
N ALA A 424 6.35 37.07 38.14
CA ALA A 424 6.85 36.19 37.09
C ALA A 424 8.37 36.26 36.98
N GLU A 425 8.92 37.48 37.07
CA GLU A 425 10.37 37.65 37.10
C GLU A 425 11.00 36.81 38.23
N ARG A 426 10.43 36.89 39.43
CA ARG A 426 11.00 36.17 40.56
C ARG A 426 10.82 34.66 40.40
N LEU A 427 9.69 34.22 39.85
CA LEU A 427 9.50 32.79 39.61
C LEU A 427 10.49 32.26 38.59
N LEU A 428 10.73 33.02 37.52
CA LEU A 428 11.71 32.60 36.52
C LEU A 428 13.12 32.60 37.10
N ARG A 429 13.44 33.57 37.96
CA ARG A 429 14.74 33.55 38.63
C ARG A 429 14.88 32.31 39.50
N ALA A 430 13.83 31.97 40.24
CA ALA A 430 13.92 30.87 41.18
C ALA A 430 13.89 29.51 40.52
N PHE A 431 13.31 29.40 39.31
CA PHE A 431 13.17 28.08 38.70
C PHE A 431 13.58 28.04 37.23
N GLY A 432 14.09 29.11 36.67
CA GLY A 432 14.72 29.06 35.36
C GLY A 432 13.92 29.38 34.12
N ASN A 433 12.78 28.70 33.95
CA ASN A 433 11.99 28.85 32.74
C ASN A 433 10.53 28.60 33.07
N PRO A 434 9.59 29.20 32.34
CA PRO A 434 8.18 29.07 32.71
C PRO A 434 7.67 27.64 32.62
N GLU A 435 8.25 26.80 31.75
CA GLU A 435 7.83 25.41 31.70
C GLU A 435 8.12 24.70 33.01
N ARG A 436 9.30 24.95 33.60
CA ARG A 436 9.61 24.37 34.90
C ARG A 436 8.69 24.90 36.00
N VAL A 437 8.31 26.18 35.92
CA VAL A 437 7.38 26.75 36.90
C VAL A 437 6.04 26.04 36.82
N LYS A 438 5.48 25.94 35.61
CA LYS A 438 4.21 25.24 35.45
C LYS A 438 4.34 23.79 35.84
N GLN A 439 5.51 23.19 35.62
CA GLN A 439 5.72 21.80 36.00
C GLN A 439 5.67 21.61 37.51
N LEU A 440 6.36 22.48 38.26
CA LEU A 440 6.30 22.42 39.70
C LEU A 440 4.88 22.71 40.21
N ALA A 441 4.15 23.57 39.50
CA ALA A 441 2.75 23.81 39.86
C ALA A 441 1.95 22.52 39.72
N ARG A 442 2.13 21.80 38.62
CA ARG A 442 1.41 20.55 38.43
C ARG A 442 1.89 19.48 39.41
N GLU A 443 3.15 19.54 39.82
CA GLU A 443 3.66 18.61 40.82
C GLU A 443 3.19 18.94 42.23
N PHE A 444 2.36 19.98 42.39
CA PHE A 444 1.80 20.37 43.69
C PHE A 444 2.89 20.78 44.68
N GLU A 445 3.99 21.35 44.17
CA GLU A 445 5.06 21.86 45.03
C GLU A 445 4.66 23.22 45.59
N ILE A 446 3.69 23.18 46.50
CA ILE A 446 3.08 24.41 47.01
C ILE A 446 4.05 25.14 47.93
N GLU A 447 4.75 24.41 48.80
CA GLU A 447 5.71 25.05 49.70
C GLU A 447 6.90 25.60 48.94
N LYS A 448 7.38 24.87 47.93
CA LYS A 448 8.49 25.37 47.12
C LYS A 448 8.10 26.64 46.38
N LEU A 449 6.86 26.71 45.91
CA LEU A 449 6.42 27.92 45.20
C LEU A 449 6.21 29.06 46.18
N ALA A 450 5.59 28.78 47.33
CA ALA A 450 5.31 29.83 48.31
C ALA A 450 6.57 30.42 48.91
N SER A 451 7.71 29.74 48.80
CA SER A 451 8.96 30.31 49.26
C SER A 451 9.39 31.51 48.44
N VAL A 452 8.91 31.64 47.20
CA VAL A 452 9.29 32.77 46.36
C VAL A 452 8.63 34.03 46.88
N GLU A 453 9.38 35.13 46.84
CA GLU A 453 8.87 36.42 47.32
C GLU A 453 7.72 36.89 46.43
N GLY A 454 6.52 36.99 47.02
CA GLY A 454 5.36 37.46 46.31
C GLY A 454 4.34 36.40 45.97
N VAL A 455 4.65 35.14 46.24
CA VAL A 455 3.76 34.02 45.95
C VAL A 455 2.87 33.83 47.16
N GLY A 456 1.64 34.34 47.09
CA GLY A 456 0.68 34.24 48.17
C GLY A 456 -0.48 33.32 47.85
N GLU A 457 -1.65 33.61 48.41
CA GLU A 457 -2.79 32.70 48.23
C GLU A 457 -3.32 32.75 46.81
N ARG A 458 -3.49 33.94 46.25
CA ARG A 458 -4.06 34.04 44.91
C ARG A 458 -3.16 33.37 43.88
N VAL A 459 -1.84 33.58 43.98
CA VAL A 459 -0.92 32.99 43.01
C VAL A 459 -0.93 31.47 43.15
N LEU A 460 -1.00 30.95 44.37
CA LEU A 460 -1.07 29.50 44.54
C LEU A 460 -2.38 28.94 43.97
N ARG A 461 -3.49 29.65 44.19
CA ARG A 461 -4.77 29.22 43.65
C ARG A 461 -4.77 29.25 42.12
N SER A 462 -4.00 30.16 41.54
CA SER A 462 -3.94 30.25 40.08
C SER A 462 -2.97 29.25 39.48
N LEU A 463 -1.92 28.87 40.21
CA LEU A 463 -0.90 27.99 39.65
C LEU A 463 -1.17 26.51 39.95
N VAL A 464 -1.20 26.16 41.23
CA VAL A 464 -1.37 24.76 41.64
C VAL A 464 -2.79 24.31 41.32
N PRO A 465 -2.97 23.31 40.46
CA PRO A 465 -4.33 22.88 40.11
C PRO A 465 -5.00 22.18 41.28
N GLY A 466 -6.23 22.59 41.58
CA GLY A 466 -6.97 22.01 42.68
C GLY A 466 -6.60 22.55 44.04
N TYR A 467 -5.61 23.42 44.13
CA TYR A 467 -5.29 24.04 45.42
C TYR A 467 -6.43 24.92 45.88
N ALA A 468 -7.06 25.66 44.96
CA ALA A 468 -8.17 26.51 45.34
C ALA A 468 -9.35 25.70 45.87
N SER A 469 -9.54 24.48 45.35
CA SER A 469 -10.67 23.66 45.79
C SER A 469 -10.43 23.09 47.19
N LEU A 470 -9.19 22.73 47.51
CA LEU A 470 -8.91 22.13 48.81
C LEU A 470 -8.75 23.18 49.90
N ILE A 471 -8.00 24.25 49.62
CA ILE A 471 -7.71 25.23 50.64
C ILE A 471 -8.97 25.96 51.10
N SER A 472 -10.01 25.98 50.26
CA SER A 472 -11.25 26.66 50.65
C SER A 472 -12.01 25.91 51.73
N ILE A 473 -11.71 24.62 51.93
CA ILE A 473 -12.36 23.86 52.99
C ILE A 473 -11.81 24.30 54.34
N ARG A 474 -12.70 24.56 55.29
CA ARG A 474 -12.29 24.98 56.62
C ARG A 474 -11.51 23.89 57.33
N GLY A 475 -10.41 24.28 57.98
CA GLY A 475 -9.57 23.37 58.71
C GLY A 475 -8.39 22.84 57.91
N ILE A 476 -8.46 22.89 56.59
CA ILE A 476 -7.38 22.43 55.73
C ILE A 476 -6.43 23.60 55.46
N ASP A 477 -5.21 23.51 55.96
CA ASP A 477 -4.21 24.54 55.77
C ASP A 477 -3.30 24.18 54.59
N ARG A 478 -2.27 24.99 54.36
CA ARG A 478 -1.43 24.84 53.20
C ARG A 478 -0.70 23.49 53.20
N GLU A 479 -0.10 23.14 54.33
CA GLU A 479 0.68 21.91 54.43
C GLU A 479 -0.20 20.69 54.24
N ARG A 480 -1.39 20.69 54.84
CA ARG A 480 -2.32 19.57 54.67
C ARG A 480 -2.78 19.44 53.22
N ALA A 481 -3.04 20.58 52.57
CA ALA A 481 -3.47 20.56 51.17
C ALA A 481 -2.38 19.97 50.28
N GLU A 482 -1.13 20.41 50.49
CA GLU A 482 -0.03 19.86 49.71
C GLU A 482 0.15 18.37 49.99
N ARG A 483 0.03 17.97 51.26
CA ARG A 483 0.17 16.56 51.62
C ARG A 483 -0.86 15.70 50.90
N LEU A 484 -2.12 16.14 50.91
CA LEU A 484 -3.18 15.38 50.26
C LEU A 484 -2.97 15.33 48.75
N LEU A 485 -2.68 16.47 48.13
CA LEU A 485 -2.51 16.52 46.69
C LEU A 485 -1.35 15.65 46.23
N LYS A 486 -0.27 15.58 47.02
CA LYS A 486 0.84 14.71 46.65
C LYS A 486 0.53 13.24 46.95
N LYS A 487 -0.26 12.95 47.99
CA LYS A 487 -0.53 11.56 48.34
C LYS A 487 -1.47 10.91 47.34
N TYR A 488 -2.52 11.63 46.91
CA TYR A 488 -3.50 11.01 46.04
C TYR A 488 -3.36 11.40 44.57
N GLY A 489 -2.77 12.55 44.27
CA GLY A 489 -2.47 12.91 42.91
C GLY A 489 -3.37 13.95 42.27
N GLY A 490 -4.20 14.64 43.04
CA GLY A 490 -5.08 15.65 42.51
C GLY A 490 -6.34 15.76 43.34
N TYR A 491 -7.01 16.90 43.20
CA TYR A 491 -8.23 17.12 43.98
C TYR A 491 -9.27 16.06 43.70
N SER A 492 -9.37 15.62 42.45
CA SER A 492 -10.31 14.57 42.10
C SER A 492 -9.97 13.26 42.80
N LYS A 493 -8.67 12.95 42.90
CA LYS A 493 -8.27 11.71 43.57
C LYS A 493 -8.44 11.81 45.08
N VAL A 494 -8.30 13.01 45.65
CA VAL A 494 -8.57 13.18 47.07
C VAL A 494 -10.06 13.01 47.34
N ARG A 495 -10.91 13.42 46.40
CA ARG A 495 -12.34 13.24 46.56
C ARG A 495 -12.74 11.77 46.48
N GLU A 496 -12.02 10.98 45.69
CA GLU A 496 -12.31 9.55 45.53
C GLU A 496 -11.69 8.69 46.62
N ALA A 497 -10.87 9.27 47.50
CA ALA A 497 -10.19 8.50 48.52
C ALA A 497 -11.17 7.93 49.53
N GLY A 498 -10.75 6.87 50.21
CA GLY A 498 -11.59 6.25 51.21
C GLY A 498 -11.69 7.09 52.48
N VAL A 499 -12.76 6.86 53.23
CA VAL A 499 -12.98 7.62 54.46
C VAL A 499 -11.95 7.27 55.51
N GLU A 500 -11.58 5.99 55.60
CA GLU A 500 -10.63 5.56 56.62
C GLU A 500 -9.25 6.16 56.39
N GLU A 501 -8.78 6.17 55.13
CA GLU A 501 -7.45 6.71 54.87
C GLU A 501 -7.43 8.23 55.00
N LEU A 502 -8.57 8.89 54.76
CA LEU A 502 -8.64 10.33 55.02
C LEU A 502 -8.65 10.61 56.52
N ARG A 503 -9.29 9.75 57.31
CA ARG A 503 -9.22 9.88 58.77
C ARG A 503 -7.80 9.64 59.27
N GLU A 504 -7.07 8.72 58.64
CA GLU A 504 -5.68 8.46 59.05
C GLU A 504 -4.79 9.66 58.78
N ASP A 505 -5.13 10.48 57.80
CA ASP A 505 -4.35 11.68 57.48
C ASP A 505 -4.60 12.83 58.45
N GLY A 506 -5.59 12.70 59.33
CA GLY A 506 -5.89 13.75 60.28
C GLY A 506 -7.00 14.68 59.84
N LEU A 507 -8.04 14.10 59.24
CA LEU A 507 -9.19 14.85 58.77
C LEU A 507 -10.40 14.57 59.64
N THR A 508 -11.07 15.62 60.07
CA THR A 508 -12.30 15.47 60.84
C THR A 508 -13.41 14.91 59.95
N ASP A 509 -14.39 14.26 60.58
CA ASP A 509 -15.54 13.77 59.84
C ASP A 509 -16.31 14.90 59.19
N ALA A 510 -16.30 16.09 59.80
CA ALA A 510 -16.94 17.24 59.17
C ALA A 510 -16.17 17.68 57.92
N GLN A 511 -14.84 17.64 57.99
CA GLN A 511 -14.03 18.00 56.82
C GLN A 511 -14.28 17.03 55.67
N ILE A 512 -14.29 15.73 55.96
CA ILE A 512 -14.54 14.74 54.91
C ILE A 512 -15.97 14.85 54.38
N ARG A 513 -16.92 15.15 55.26
CA ARG A 513 -18.31 15.33 54.82
C ARG A 513 -18.43 16.53 53.89
N GLU A 514 -17.70 17.61 54.18
CA GLU A 514 -17.71 18.76 53.29
C GLU A 514 -17.02 18.45 51.97
N LEU A 515 -15.90 17.73 52.02
CA LEU A 515 -15.16 17.40 50.81
C LEU A 515 -15.99 16.54 49.88
N LYS A 516 -16.46 15.39 50.38
CA LYS A 516 -17.20 14.46 49.53
C LYS A 516 -18.64 14.91 49.28
N GLY A 517 -19.18 15.81 50.12
CA GLY A 517 -20.55 16.24 49.97
C GLY A 517 -21.56 15.20 50.38
N LEU A 518 -21.29 14.48 51.48
CA LEU A 518 -22.13 13.38 51.93
C LEU A 518 -22.95 13.75 53.16
N LYS A 519 -23.30 15.04 53.33
CA LYS A 519 -24.12 15.42 54.46
C LYS A 519 -25.55 14.89 54.30
N THR A 520 -26.12 15.03 53.10
CA THR A 520 -27.45 14.47 52.87
C THR A 520 -27.43 12.95 52.98
N LEU A 521 -26.35 12.31 52.54
CA LEU A 521 -26.28 10.86 52.62
C LEU A 521 -26.04 10.40 54.06
N GLU A 522 -25.27 11.16 54.84
CA GLU A 522 -25.07 10.83 56.25
C GLU A 522 -26.26 11.23 57.12
N SER A 523 -27.20 12.03 56.60
CA SER A 523 -28.45 12.25 57.31
C SER A 523 -29.38 11.04 57.21
N ILE A 524 -29.14 10.14 56.27
CA ILE A 524 -29.94 8.94 56.10
C ILE A 524 -29.21 7.76 56.72
N VAL A 525 -27.98 7.52 56.29
CA VAL A 525 -27.15 6.45 56.83
C VAL A 525 -26.38 6.98 58.04
N GLY A 526 -26.23 6.13 59.05
CA GLY A 526 -25.66 6.60 60.31
C GLY A 526 -24.18 6.95 60.20
N ASP A 527 -23.42 6.17 59.43
CA ASP A 527 -21.98 6.34 59.32
C ASP A 527 -21.61 6.94 57.97
N LEU A 528 -20.32 7.22 57.81
CA LEU A 528 -19.81 7.80 56.57
C LEU A 528 -19.33 6.77 55.58
N GLU A 529 -18.91 5.58 56.05
CA GLU A 529 -18.38 4.56 55.14
C GLU A 529 -19.44 4.07 54.17
N LYS A 530 -20.66 3.81 54.66
CA LYS A 530 -21.71 3.32 53.79
C LYS A 530 -22.18 4.41 52.82
N ALA A 531 -22.24 5.66 53.30
CA ALA A 531 -22.57 6.76 52.39
C ALA A 531 -21.52 6.90 51.30
N ASP A 532 -20.24 6.74 51.66
CA ASP A 532 -19.16 6.82 50.68
C ASP A 532 -19.24 5.64 49.70
N GLU A 533 -19.61 4.46 50.19
CA GLU A 533 -19.76 3.31 49.31
C GLU A 533 -20.91 3.50 48.34
N LEU A 534 -21.99 4.15 48.79
CA LEU A 534 -23.07 4.51 47.88
C LEU A 534 -22.61 5.54 46.84
N LYS A 535 -21.83 6.53 47.27
CA LYS A 535 -21.28 7.50 46.33
C LYS A 535 -20.35 6.85 45.33
N ARG A 536 -19.65 5.79 45.74
CA ARG A 536 -18.83 5.01 44.81
C ARG A 536 -19.72 4.26 43.82
N LYS A 537 -20.74 3.57 44.35
CA LYS A 537 -21.59 2.71 43.53
C LYS A 537 -22.35 3.53 42.48
N TYR A 538 -23.07 4.57 42.92
CA TYR A 538 -23.97 5.32 42.05
C TYR A 538 -23.40 6.66 41.60
N GLY A 539 -22.66 7.36 42.44
CA GLY A 539 -21.99 8.58 42.05
C GLY A 539 -22.71 9.85 42.42
N SER A 540 -24.01 9.78 42.69
CA SER A 540 -24.79 10.97 43.01
C SER A 540 -25.92 10.60 43.96
N ALA A 541 -26.17 11.48 44.94
CA ALA A 541 -27.27 11.25 45.87
C ALA A 541 -28.62 11.26 45.17
N SER A 542 -28.76 12.11 44.13
CA SER A 542 -29.99 12.12 43.34
C SER A 542 -30.17 10.80 42.59
N ALA A 543 -29.08 10.19 42.14
CA ALA A 543 -29.16 8.88 41.53
C ALA A 543 -29.65 7.83 42.53
N VAL A 544 -29.19 7.93 43.79
CA VAL A 544 -29.68 7.04 44.84
C VAL A 544 -31.17 7.29 45.10
N ARG A 545 -31.60 8.55 45.01
CA ARG A 545 -33.02 8.86 45.16
C ARG A 545 -33.84 8.25 44.04
N ARG A 546 -33.34 8.30 42.80
CA ARG A 546 -34.09 7.80 41.65
C ARG A 546 -34.19 6.28 41.64
N LEU A 547 -33.37 5.58 42.42
CA LEU A 547 -33.37 4.13 42.44
C LEU A 547 -34.77 3.58 42.72
N PRO A 548 -35.16 2.47 42.11
CA PRO A 548 -36.49 1.90 42.37
C PRO A 548 -36.61 1.46 43.83
N VAL A 549 -37.86 1.20 44.24
CA VAL A 549 -38.12 0.85 45.63
C VAL A 549 -37.48 -0.49 45.98
N GLU A 550 -37.46 -1.43 45.03
CA GLU A 550 -36.91 -2.75 45.31
C GLU A 550 -35.40 -2.70 45.45
N GLU A 551 -34.71 -2.01 44.56
CA GLU A 551 -33.26 -1.91 44.66
C GLU A 551 -32.84 -1.10 45.88
N LEU A 552 -33.69 -0.17 46.33
CA LEU A 552 -33.41 0.56 47.57
C LEU A 552 -33.63 -0.33 48.79
N ARG A 553 -34.64 -1.21 48.73
CA ARG A 553 -34.87 -2.14 49.82
C ARG A 553 -33.76 -3.19 49.91
N GLU A 554 -33.33 -3.70 48.75
CA GLU A 554 -32.17 -4.58 48.71
C GLU A 554 -30.92 -3.82 49.14
N LEU A 555 -30.16 -4.40 50.06
CA LEU A 555 -29.01 -3.78 50.71
C LEU A 555 -29.39 -2.50 51.46
N GLY A 556 -30.68 -2.25 51.66
CA GLY A 556 -31.14 -1.09 52.38
C GLY A 556 -31.44 -1.41 53.84
N PHE A 557 -31.85 -0.38 54.57
CA PHE A 557 -32.07 -0.47 56.00
C PHE A 557 -33.55 -0.49 56.38
N SER A 558 -34.29 0.55 56.03
CA SER A 558 -35.68 0.66 56.44
C SER A 558 -36.52 1.19 55.29
N ASP A 559 -37.82 0.87 55.33
CA ASP A 559 -38.77 1.44 54.38
C ASP A 559 -39.10 2.89 54.70
N ASP A 560 -39.13 3.26 55.99
CA ASP A 560 -39.29 4.65 56.35
C ASP A 560 -38.12 5.49 55.85
N GLU A 561 -36.92 4.92 55.86
CA GLU A 561 -35.77 5.60 55.29
C GLU A 561 -35.92 5.78 53.78
N ILE A 562 -36.47 4.77 53.10
CA ILE A 562 -36.71 4.88 51.65
C ILE A 562 -37.73 5.98 51.37
N ALA A 563 -38.78 6.05 52.18
CA ALA A 563 -39.77 7.11 52.01
C ALA A 563 -39.17 8.49 52.31
N GLU A 564 -38.25 8.57 53.27
CA GLU A 564 -37.59 9.82 53.57
C GLU A 564 -36.63 10.24 52.46
N ILE A 565 -36.06 9.27 51.73
CA ILE A 565 -35.13 9.58 50.65
C ILE A 565 -35.86 10.26 49.49
N LYS A 566 -36.95 9.64 49.02
CA LYS A 566 -37.69 10.14 47.87
C LYS A 566 -38.58 11.34 48.20
N GLY A 567 -38.63 11.76 49.45
CA GLY A 567 -39.45 12.90 49.84
C GLY A 567 -40.94 12.65 49.70
N ILE A 568 -41.39 11.50 50.16
CA ILE A 568 -42.81 11.15 50.07
C ILE A 568 -43.56 11.83 51.21
N PRO A 569 -44.67 12.53 50.94
CA PRO A 569 -45.43 13.15 52.02
C PRO A 569 -45.99 12.13 52.98
N LYS A 570 -46.34 12.59 54.18
CA LYS A 570 -46.88 11.71 55.20
C LYS A 570 -48.23 11.14 54.78
N LYS A 571 -49.09 11.97 54.18
CA LYS A 571 -50.39 11.50 53.70
C LYS A 571 -50.22 10.44 52.61
N LEU A 572 -49.32 10.70 51.66
CA LEU A 572 -49.13 9.76 50.56
C LEU A 572 -48.43 8.48 51.03
N ARG A 573 -47.57 8.57 52.04
CA ARG A 573 -46.87 7.39 52.54
C ARG A 573 -47.75 6.56 53.47
N GLU A 574 -48.74 7.18 54.13
CA GLU A 574 -49.63 6.43 55.00
C GLU A 574 -50.89 5.95 54.29
N ALA A 575 -51.25 6.55 53.16
CA ALA A 575 -52.45 6.17 52.43
C ALA A 575 -52.23 5.01 51.48
N PHE A 576 -50.99 4.73 51.08
CA PHE A 576 -50.69 3.67 50.14
C PHE A 576 -49.47 2.91 50.64
N ASP A 577 -48.98 1.98 49.83
CA ASP A 577 -47.74 1.27 50.11
C ASP A 577 -46.57 2.05 49.50
N LEU A 578 -45.36 1.50 49.63
CA LEU A 578 -44.19 2.20 49.12
C LEU A 578 -44.19 2.23 47.59
N GLU A 579 -44.53 1.11 46.95
CA GLU A 579 -44.44 1.02 45.49
C GLU A 579 -45.36 2.03 44.82
N THR A 580 -46.65 1.98 45.13
CA THR A 580 -47.61 2.83 44.43
C THR A 580 -47.40 4.31 44.77
N ALA A 581 -47.13 4.62 46.04
CA ALA A 581 -46.91 6.01 46.43
C ALA A 581 -45.65 6.58 45.79
N ALA A 582 -44.58 5.79 45.76
CA ALA A 582 -43.34 6.26 45.11
C ALA A 582 -43.55 6.43 43.62
N GLU A 583 -44.28 5.52 42.98
CA GLU A 583 -44.55 5.67 41.55
C GLU A 583 -45.38 6.91 41.27
N LEU A 584 -46.41 7.16 42.07
CA LEU A 584 -47.22 8.37 41.90
C LEU A 584 -46.39 9.63 42.10
N TYR A 585 -45.52 9.62 43.13
CA TYR A 585 -44.72 10.81 43.41
C TYR A 585 -43.69 11.08 42.32
N GLU A 586 -43.09 10.01 41.77
CA GLU A 586 -42.12 10.19 40.69
C GLU A 586 -42.77 10.44 39.34
N ARG A 587 -44.07 10.15 39.20
CA ARG A 587 -44.76 10.46 37.96
C ARG A 587 -45.41 11.84 37.96
N TYR A 588 -45.81 12.35 39.13
CA TYR A 588 -46.49 13.64 39.22
C TYR A 588 -45.74 14.70 40.00
N GLY A 589 -44.86 14.33 40.91
CA GLY A 589 -44.03 15.31 41.60
C GLY A 589 -44.59 15.83 42.91
N SER A 590 -45.79 16.40 42.87
CA SER A 590 -46.41 17.02 44.05
C SER A 590 -47.75 16.37 44.35
N LEU A 591 -48.15 16.44 45.62
CA LEU A 591 -49.45 15.90 46.01
C LEU A 591 -50.60 16.69 45.40
N LYS A 592 -50.38 17.98 45.12
CA LYS A 592 -51.41 18.78 44.46
C LYS A 592 -51.68 18.25 43.05
N GLU A 593 -50.63 17.91 42.31
CA GLU A 593 -50.83 17.29 41.00
C GLU A 593 -51.48 15.92 41.11
N ILE A 594 -51.17 15.18 42.18
CA ILE A 594 -51.83 13.90 42.43
C ILE A 594 -53.33 14.11 42.58
N GLY A 595 -53.73 15.09 43.39
CA GLY A 595 -55.14 15.37 43.59
C GLY A 595 -55.83 15.93 42.37
N ARG A 596 -55.08 16.64 41.51
CA ARG A 596 -55.69 17.27 40.34
C ARG A 596 -55.89 16.27 39.21
N ARG A 597 -54.86 15.49 38.88
CA ARG A 597 -54.91 14.61 37.71
C ARG A 597 -55.46 13.22 38.02
N LEU A 598 -55.70 12.90 39.29
CA LEU A 598 -56.31 11.63 39.67
C LEU A 598 -57.70 11.87 40.24
N SER A 599 -58.59 10.90 40.02
CA SER A 599 -59.95 10.99 40.49
C SER A 599 -60.09 10.38 41.88
N TYR A 600 -61.15 10.79 42.59
CA TYR A 600 -61.42 10.27 43.92
C TYR A 600 -61.65 8.76 43.89
N ASP A 601 -62.35 8.27 42.85
CA ASP A 601 -62.57 6.84 42.72
C ASP A 601 -61.25 6.09 42.49
N ASP A 602 -60.33 6.69 41.73
CA ASP A 602 -59.02 6.05 41.55
C ASP A 602 -58.26 5.98 42.87
N LEU A 603 -58.32 7.05 43.67
CA LEU A 603 -57.68 7.04 44.99
C LEU A 603 -58.29 5.97 45.88
N LEU A 604 -59.62 5.79 45.82
CA LEU A 604 -60.26 4.74 46.61
C LEU A 604 -59.85 3.35 46.12
N GLU A 605 -59.76 3.17 44.80
CA GLU A 605 -59.37 1.88 44.25
C GLU A 605 -57.93 1.53 44.59
N LEU A 606 -57.05 2.54 44.70
CA LEU A 606 -55.67 2.28 45.09
C LEU A 606 -55.54 1.95 46.58
N GLY A 607 -56.62 2.00 47.35
CA GLY A 607 -56.57 1.60 48.75
C GLY A 607 -56.39 2.74 49.72
N ALA A 608 -57.09 3.85 49.51
CA ALA A 608 -57.00 5.03 50.36
C ALA A 608 -58.28 5.20 51.16
N THR A 609 -58.12 5.63 52.41
CA THR A 609 -59.29 5.93 53.24
C THR A 609 -60.11 7.05 52.59
N PRO A 610 -61.44 6.94 52.59
CA PRO A 610 -62.27 8.02 52.01
C PRO A 610 -61.96 9.41 52.54
N LYS A 611 -61.72 9.56 53.84
CA LYS A 611 -61.37 10.87 54.37
C LYS A 611 -59.96 11.29 53.95
N ALA A 612 -59.02 10.33 53.90
CA ALA A 612 -57.67 10.65 53.47
C ALA A 612 -57.61 10.90 51.96
N ALA A 613 -58.37 10.13 51.18
CA ALA A 613 -58.38 10.33 49.72
C ALA A 613 -58.97 11.68 49.33
N ALA A 614 -59.90 12.22 50.14
CA ALA A 614 -60.45 13.52 49.84
C ALA A 614 -59.44 14.63 50.08
N GLU A 615 -58.61 14.49 51.12
CA GLU A 615 -57.55 15.47 51.37
C GLU A 615 -56.44 15.37 50.33
N ILE A 616 -56.13 14.16 49.86
CA ILE A 616 -55.17 14.00 48.77
C ILE A 616 -55.70 14.65 47.50
N LYS A 617 -56.99 14.48 47.23
CA LYS A 617 -57.64 15.14 46.10
C LYS A 617 -57.69 16.66 46.32
N GLU A 690 -44.21 43.01 57.39
CA GLU A 690 -42.85 43.02 57.94
C GLU A 690 -42.86 42.82 59.45
N ARG A 691 -41.79 42.22 59.96
CA ARG A 691 -41.66 41.86 61.37
C ARG A 691 -41.07 43.00 62.20
N SER A 692 -40.92 42.74 63.50
CA SER A 692 -40.46 43.72 64.47
C SER A 692 -38.92 43.70 64.56
N GLU A 693 -38.39 44.54 65.47
CA GLU A 693 -36.95 44.60 65.64
C GLU A 693 -36.39 43.30 66.22
N GLU A 694 -37.06 42.71 67.20
CA GLU A 694 -36.58 41.45 67.75
C GLU A 694 -36.65 40.32 66.73
N GLU A 695 -37.69 40.30 65.90
CA GLU A 695 -37.85 39.25 64.90
C GLU A 695 -36.75 39.33 63.84
N TRP A 696 -36.46 40.52 63.34
CA TRP A 696 -35.33 40.70 62.42
C TRP A 696 -34.00 40.43 63.10
N LYS A 697 -33.88 40.79 64.38
CA LYS A 697 -32.64 40.54 65.12
C LYS A 697 -32.36 39.04 65.25
N GLU A 698 -33.41 38.23 65.40
CA GLU A 698 -33.19 36.78 65.47
C GLU A 698 -32.58 36.26 64.17
N TRP A 699 -33.09 36.70 63.02
CA TRP A 699 -32.51 36.29 61.74
C TRP A 699 -31.09 36.81 61.60
N LEU A 700 -30.82 38.03 62.06
CA LEU A 700 -29.47 38.58 61.99
C LEU A 700 -28.51 37.77 62.86
N GLU A 701 -28.96 37.36 64.05
CA GLU A 701 -28.14 36.50 64.90
C GLU A 701 -27.90 35.15 64.25
N ARG A 702 -28.89 34.64 63.52
CA ARG A 702 -28.70 33.37 62.82
C ARG A 702 -27.66 33.48 61.72
N LYS A 703 -27.69 34.58 60.96
CA LYS A 703 -26.87 34.65 59.74
C LYS A 703 -25.40 34.97 60.05
N VAL A 704 -25.14 36.01 60.85
CA VAL A 704 -23.79 36.50 61.06
C VAL A 704 -23.35 36.41 62.51
N GLY A 705 -24.09 35.68 63.34
CA GLY A 705 -23.76 35.58 64.76
C GLY A 705 -24.28 36.76 65.55
N GLU A 706 -24.26 36.60 66.88
CA GLU A 706 -24.84 37.61 67.76
C GLU A 706 -24.00 38.90 67.76
N GLY A 707 -22.67 38.76 67.78
CA GLY A 707 -21.79 39.91 67.85
C GLY A 707 -21.92 40.86 66.67
N ARG A 708 -21.75 40.34 65.46
CA ARG A 708 -21.89 41.18 64.28
C ARG A 708 -23.32 41.70 64.11
N ALA A 709 -24.32 40.91 64.53
CA ALA A 709 -25.70 41.38 64.45
C ALA A 709 -25.92 42.60 65.35
N ARG A 710 -25.44 42.54 66.58
CA ARG A 710 -25.62 43.69 67.47
C ARG A 710 -24.75 44.87 67.01
N ARG A 711 -23.60 44.60 66.39
CA ARG A 711 -22.81 45.69 65.81
C ARG A 711 -23.57 46.39 64.70
N LEU A 712 -24.22 45.61 63.81
CA LEU A 712 -25.01 46.20 62.74
C LEU A 712 -26.21 46.97 63.29
N ILE A 713 -26.86 46.45 64.33
CA ILE A 713 -28.01 47.13 64.91
C ILE A 713 -27.58 48.44 65.58
N GLU A 714 -26.43 48.44 66.25
CA GLU A 714 -25.94 49.67 66.89
C GLU A 714 -25.45 50.68 65.88
N TYR A 715 -24.93 50.23 64.73
CA TYR A 715 -24.48 51.17 63.71
C TYR A 715 -25.66 51.89 63.07
N PHE A 716 -26.66 51.15 62.62
CA PHE A 716 -27.83 51.71 61.98
C PHE A 716 -28.93 51.95 63.01
N GLY A 717 -30.17 52.15 62.56
CA GLY A 717 -31.29 52.37 63.46
C GLY A 717 -31.61 51.15 64.30
N SER A 718 -32.10 50.10 63.66
CA SER A 718 -32.47 48.87 64.36
C SER A 718 -32.29 47.69 63.41
N ALA A 719 -32.74 46.51 63.84
CA ALA A 719 -32.67 45.33 62.97
C ALA A 719 -33.60 45.44 61.79
N GLY A 720 -34.68 46.21 61.92
CA GLY A 720 -35.54 46.48 60.78
C GLY A 720 -34.82 47.27 59.70
N GLU A 721 -33.99 48.24 60.10
CA GLU A 721 -33.21 49.00 59.12
C GLU A 721 -32.17 48.11 58.44
N VAL A 722 -31.56 47.20 59.20
CA VAL A 722 -30.61 46.26 58.62
C VAL A 722 -31.29 45.36 57.60
N GLY A 723 -32.49 44.87 57.93
CA GLY A 723 -33.24 44.06 56.99
C GLY A 723 -33.68 44.83 55.76
N LYS A 724 -34.03 46.10 55.94
CA LYS A 724 -34.38 46.95 54.80
C LYS A 724 -33.19 47.15 53.88
N LEU A 725 -31.99 47.33 54.46
CA LEU A 725 -30.79 47.46 53.65
C LEU A 725 -30.42 46.14 52.96
N VAL A 726 -30.68 45.01 53.62
CA VAL A 726 -30.37 43.71 53.04
C VAL A 726 -31.29 43.41 51.86
N GLU A 727 -32.59 43.67 52.03
CA GLU A 727 -33.53 43.40 50.95
C GLU A 727 -33.28 44.29 49.74
N ASN A 728 -32.71 45.49 49.96
CA ASN A 728 -32.33 46.39 48.88
C ASN A 728 -30.91 46.18 48.41
N ALA A 729 -30.18 45.22 48.98
CA ALA A 729 -28.80 44.91 48.61
C ALA A 729 -27.89 46.14 48.75
N GLU A 730 -27.89 46.70 49.97
CA GLU A 730 -27.04 47.86 50.27
C GLU A 730 -25.69 47.37 50.81
N VAL A 731 -24.91 46.80 49.91
CA VAL A 731 -23.62 46.22 50.29
C VAL A 731 -22.64 47.31 50.71
N SER A 732 -22.62 48.44 49.98
CA SER A 732 -21.68 49.51 50.29
C SER A 732 -21.90 50.04 51.70
N LYS A 733 -23.15 50.27 52.08
CA LYS A 733 -23.44 50.77 53.42
C LYS A 733 -23.21 49.71 54.48
N LEU A 734 -23.43 48.43 54.13
CA LEU A 734 -23.20 47.36 55.10
C LEU A 734 -21.71 47.19 55.38
N LEU A 735 -20.86 47.40 54.39
CA LEU A 735 -19.41 47.27 54.57
C LEU A 735 -18.80 48.44 55.32
N GLU A 736 -19.52 49.56 55.46
CA GLU A 736 -19.01 50.70 56.21
C GLU A 736 -18.78 50.35 57.67
N VAL A 737 -19.58 49.43 58.21
CA VAL A 737 -19.52 49.05 59.63
C VAL A 737 -18.18 48.36 59.91
N PRO A 738 -17.37 48.88 60.83
CA PRO A 738 -16.15 48.18 61.24
C PRO A 738 -16.47 46.85 61.90
N GLY A 739 -15.81 45.79 61.44
CA GLY A 739 -16.09 44.45 61.88
C GLY A 739 -16.99 43.66 60.96
N ILE A 740 -17.39 44.24 59.83
CA ILE A 740 -18.25 43.58 58.85
C ILE A 740 -17.49 43.49 57.55
N GLY A 741 -17.28 42.27 57.06
CA GLY A 741 -16.54 42.05 55.83
C GLY A 741 -17.35 41.34 54.77
N ASP A 742 -16.66 40.73 53.81
CA ASP A 742 -17.36 40.09 52.69
C ASP A 742 -18.03 38.79 53.11
N GLU A 743 -17.43 38.05 54.05
CA GLU A 743 -18.02 36.78 54.48
C GLU A 743 -19.30 36.97 55.27
N ALA A 744 -19.55 38.18 55.79
CA ALA A 744 -20.81 38.47 56.45
C ALA A 744 -21.85 38.99 55.47
N VAL A 745 -21.45 39.88 54.57
CA VAL A 745 -22.39 40.42 53.60
C VAL A 745 -22.88 39.33 52.65
N ALA A 746 -21.97 38.46 52.21
CA ALA A 746 -22.36 37.36 51.33
C ALA A 746 -23.32 36.40 52.03
N ARG A 747 -23.13 36.20 53.35
CA ARG A 747 -24.06 35.37 54.09
C ARG A 747 -25.39 36.08 54.32
N LEU A 748 -25.38 37.41 54.33
CA LEU A 748 -26.61 38.18 54.45
C LEU A 748 -27.29 38.36 53.10
N VAL A 749 -26.55 38.83 52.10
CA VAL A 749 -27.08 39.06 50.75
C VAL A 749 -26.75 37.83 49.91
N PRO A 750 -27.74 37.00 49.56
CA PRO A 750 -27.45 35.82 48.73
C PRO A 750 -27.03 36.25 47.32
N GLY A 751 -25.99 35.57 46.82
CA GLY A 751 -25.46 35.86 45.50
C GLY A 751 -24.27 36.80 45.50
N TYR A 752 -23.95 37.42 46.63
CA TYR A 752 -22.80 38.31 46.69
C TYR A 752 -21.48 37.54 46.56
N LYS A 753 -21.43 36.32 47.08
CA LYS A 753 -20.21 35.53 47.00
C LYS A 753 -19.85 35.22 45.55
N THR A 754 -20.84 34.83 44.76
CA THR A 754 -20.59 34.53 43.35
C THR A 754 -20.13 35.77 42.59
N LEU A 755 -20.74 36.92 42.87
CA LEU A 755 -20.37 38.14 42.18
C LEU A 755 -18.97 38.60 42.57
N ARG A 756 -18.58 38.42 43.84
CA ARG A 756 -17.21 38.77 44.22
C ARG A 756 -16.19 37.80 43.63
N ASP A 757 -16.55 36.51 43.55
CA ASP A 757 -15.65 35.55 42.94
C ASP A 757 -15.45 35.78 41.45
N ALA A 758 -16.38 36.47 40.80
CA ALA A 758 -16.22 36.83 39.39
C ALA A 758 -15.35 38.07 39.20
N GLY A 759 -14.83 38.65 40.29
CA GLY A 759 -13.96 39.80 40.17
C GLY A 759 -14.67 41.14 40.16
N LEU A 760 -15.87 41.22 40.72
CA LEU A 760 -16.64 42.46 40.71
C LEU A 760 -16.41 43.25 41.99
N THR A 761 -16.22 44.55 41.83
CA THR A 761 -16.15 45.45 42.98
C THR A 761 -17.45 45.33 43.79
N PRO A 762 -17.39 45.44 45.13
CA PRO A 762 -18.64 45.44 45.91
C PRO A 762 -19.68 46.42 45.38
N ALA A 763 -19.25 47.58 44.89
CA ALA A 763 -20.20 48.51 44.26
C ALA A 763 -20.77 47.93 42.97
N GLU A 764 -19.93 47.25 42.19
CA GLU A 764 -20.40 46.63 40.95
C GLU A 764 -21.38 45.50 41.24
N ALA A 765 -21.08 44.67 42.24
CA ALA A 765 -22.02 43.62 42.63
C ALA A 765 -23.32 44.22 43.14
N GLU A 766 -23.24 45.33 43.87
CA GLU A 766 -24.44 46.01 44.34
C GLU A 766 -25.30 46.49 43.17
N ARG A 767 -24.66 47.12 42.17
CA ARG A 767 -25.39 47.59 41.00
C ARG A 767 -26.03 46.43 40.25
N VAL A 768 -25.32 45.32 40.10
CA VAL A 768 -25.88 44.17 39.40
C VAL A 768 -27.07 43.59 40.15
N LEU A 769 -26.94 43.42 41.47
CA LEU A 769 -28.04 42.88 42.26
C LEU A 769 -29.24 43.82 42.25
N LYS A 770 -29.02 45.13 42.22
CA LYS A 770 -30.15 46.05 42.12
C LYS A 770 -30.79 45.98 40.74
N ARG A 771 -29.99 45.78 39.70
CA ARG A 771 -30.52 45.80 38.34
C ARG A 771 -31.32 44.55 38.03
N TYR A 772 -30.82 43.37 38.42
CA TYR A 772 -31.48 42.12 38.04
C TYR A 772 -32.13 41.38 39.19
N GLY A 773 -31.68 41.59 40.43
CA GLY A 773 -32.33 41.03 41.59
C GLY A 773 -31.83 39.67 42.03
N SER A 774 -31.16 38.92 41.16
CA SER A 774 -30.58 37.64 41.56
C SER A 774 -29.59 37.19 40.49
N VAL A 775 -28.54 36.50 40.93
CA VAL A 775 -27.48 36.08 40.02
C VAL A 775 -28.01 35.09 38.99
N SER A 776 -29.00 34.28 39.37
CA SER A 776 -29.60 33.34 38.42
C SER A 776 -30.24 34.08 37.25
N LYS A 777 -30.96 35.17 37.54
CA LYS A 777 -31.55 35.98 36.48
C LYS A 777 -30.50 36.77 35.71
N VAL A 778 -29.33 37.02 36.31
CA VAL A 778 -28.24 37.65 35.58
C VAL A 778 -27.68 36.69 34.54
N GLN A 779 -27.42 35.44 34.94
CA GLN A 779 -26.73 34.50 34.06
C GLN A 779 -27.55 34.17 32.83
N GLU A 780 -28.88 34.18 32.94
CA GLU A 780 -29.73 33.80 31.81
C GLU A 780 -30.18 35.00 30.99
N GLY A 781 -30.50 36.12 31.63
CA GLY A 781 -31.10 37.24 30.94
C GLY A 781 -30.12 38.29 30.44
N ALA A 782 -29.11 38.61 31.25
CA ALA A 782 -28.21 39.72 30.93
C ALA A 782 -27.41 39.44 29.66
N THR A 783 -27.20 40.50 28.89
CA THR A 783 -26.40 40.48 27.68
C THR A 783 -25.08 41.21 27.94
N PRO A 784 -24.05 40.95 27.11
CA PRO A 784 -22.77 41.64 27.35
C PRO A 784 -22.87 43.15 27.27
N ASP A 785 -23.67 43.67 26.35
CA ASP A 785 -23.85 45.12 26.27
C ASP A 785 -24.59 45.66 27.50
N GLU A 786 -25.55 44.91 28.02
CA GLU A 786 -26.24 45.33 29.23
C GLU A 786 -25.27 45.45 30.41
N LEU A 787 -24.38 44.46 30.57
CA LEU A 787 -23.41 44.52 31.66
C LEU A 787 -22.37 45.59 31.41
N ARG A 788 -22.02 45.85 30.15
CA ARG A 788 -21.11 46.95 29.85
C ARG A 788 -21.75 48.30 30.15
N GLU A 789 -23.07 48.39 30.07
CA GLU A 789 -23.76 49.60 30.49
C GLU A 789 -23.62 49.83 32.00
N LEU A 790 -23.47 48.74 32.77
CA LEU A 790 -23.27 48.86 34.20
C LEU A 790 -21.84 49.17 34.58
N GLY A 791 -20.90 49.09 33.63
CA GLY A 791 -19.53 49.41 33.90
C GLY A 791 -18.64 48.23 34.26
N LEU A 792 -18.90 47.06 33.68
CA LEU A 792 -18.10 45.88 33.95
C LEU A 792 -17.12 45.64 32.82
N GLY A 793 -15.90 45.22 33.18
CA GLY A 793 -14.94 44.82 32.18
C GLY A 793 -15.32 43.52 31.50
N ASP A 794 -14.82 43.33 30.29
CA ASP A 794 -15.19 42.15 29.51
C ASP A 794 -14.75 40.86 30.19
N ALA A 795 -13.68 40.91 30.98
CA ALA A 795 -13.26 39.73 31.73
C ALA A 795 -14.32 39.36 32.77
N LYS A 796 -14.81 40.36 33.51
CA LYS A 796 -15.86 40.12 34.49
C LYS A 796 -17.15 39.64 33.83
N ILE A 797 -17.45 40.17 32.64
CA ILE A 797 -18.65 39.74 31.91
C ILE A 797 -18.53 38.29 31.52
N ALA A 798 -17.37 37.90 30.99
CA ALA A 798 -17.16 36.50 30.60
C ALA A 798 -17.21 35.58 31.80
N ARG A 799 -16.68 36.03 32.93
CA ARG A 799 -16.76 35.21 34.14
C ARG A 799 -18.20 35.04 34.59
N ILE A 800 -18.97 36.13 34.63
CA ILE A 800 -20.31 36.09 35.21
C ILE A 800 -21.33 35.45 34.29
N LEU A 801 -21.09 35.42 32.98
CA LEU A 801 -22.03 34.85 32.04
C LEU A 801 -21.73 33.40 31.69
N GLY A 802 -20.74 32.78 32.36
CA GLY A 802 -20.43 31.40 32.09
C GLY A 802 -19.81 31.13 30.75
N LEU A 803 -19.20 32.14 30.13
CA LEU A 803 -18.55 32.01 28.84
C LEU A 803 -17.04 31.94 28.98
N ARG A 804 -16.54 31.52 30.14
CA ARG A 804 -15.09 31.47 30.34
C ARG A 804 -14.43 30.43 29.45
N SER A 805 -15.17 29.41 29.02
CA SER A 805 -14.60 28.39 28.13
C SER A 805 -14.39 28.94 26.73
N LEU A 806 -15.39 29.63 26.18
CA LEU A 806 -15.29 30.13 24.82
C LEU A 806 -14.33 31.30 24.67
N VAL A 807 -14.07 32.06 25.74
CA VAL A 807 -13.16 33.19 25.62
C VAL A 807 -11.71 32.74 25.75
N ASN A 808 -11.45 31.71 26.56
CA ASN A 808 -10.11 31.17 26.75
C ASN A 808 -9.56 30.52 25.48
N ALA A 809 -10.35 30.43 24.43
CA ALA A 809 -9.95 29.83 23.16
C ALA A 809 -9.75 30.89 22.09
N ARG A 810 -9.19 32.04 22.49
CA ARG A 810 -8.86 33.13 21.58
C ARG A 810 -10.11 33.70 20.89
N LEU A 811 -11.18 33.87 21.68
CA LEU A 811 -12.40 34.49 21.18
C LEU A 811 -12.80 35.63 22.11
N ASP A 812 -13.47 36.63 21.53
CA ASP A 812 -13.96 37.77 22.30
C ASP A 812 -15.28 37.41 22.99
N VAL A 813 -15.75 38.33 23.84
CA VAL A 813 -16.95 38.03 24.63
C VAL A 813 -18.20 38.25 23.80
N ASP A 814 -18.17 39.17 22.83
CA ASP A 814 -19.34 39.41 22.01
C ASP A 814 -19.68 38.18 21.17
N THR A 815 -18.69 37.65 20.45
CA THR A 815 -18.93 36.44 19.67
C THR A 815 -19.20 35.24 20.56
N ALA A 816 -18.70 35.23 21.80
CA ALA A 816 -19.03 34.15 22.73
C ALA A 816 -20.51 34.19 23.09
N TYR A 817 -21.03 35.38 23.40
CA TYR A 817 -22.47 35.49 23.66
C TYR A 817 -23.28 35.20 22.41
N GLU A 818 -22.78 35.58 21.23
CA GLU A 818 -23.49 35.26 20.00
C GLU A 818 -23.54 33.75 19.76
N LEU A 819 -22.50 33.02 20.18
CA LEU A 819 -22.53 31.57 20.07
C LEU A 819 -23.49 30.96 21.08
N ALA A 820 -23.49 31.48 22.31
CA ALA A 820 -24.46 30.99 23.29
C ALA A 820 -25.90 31.38 22.95
N ARG A 821 -26.09 32.37 22.08
CA ARG A 821 -27.40 32.79 21.60
C ARG A 821 -27.85 32.01 20.36
N ARG A 822 -26.98 31.90 19.36
CA ARG A 822 -27.29 31.15 18.14
C ARG A 822 -27.50 29.68 18.47
N TYR A 823 -26.52 29.05 19.10
CA TYR A 823 -26.65 27.70 19.61
C TYR A 823 -27.20 27.78 21.03
N GLY A 824 -27.75 26.66 21.51
CA GLY A 824 -28.43 26.71 22.79
C GLY A 824 -27.55 27.05 23.98
N SER A 825 -26.71 26.13 24.39
CA SER A 825 -25.88 26.25 25.58
C SER A 825 -24.42 26.47 25.19
N VAL A 826 -23.58 26.70 26.19
CA VAL A 826 -22.14 26.72 25.95
C VAL A 826 -21.69 25.31 25.57
N SER A 827 -22.32 24.30 26.13
CA SER A 827 -22.02 22.91 25.77
C SER A 827 -22.52 22.59 24.37
N ALA A 828 -23.58 23.26 23.92
CA ALA A 828 -24.15 23.02 22.59
C ALA A 828 -23.35 23.66 21.48
N VAL A 829 -22.41 24.57 21.79
CA VAL A 829 -21.52 25.09 20.76
C VAL A 829 -20.47 24.05 20.39
N ARG A 830 -20.12 23.16 21.32
CA ARG A 830 -19.09 22.14 21.13
C ARG A 830 -19.56 20.97 20.27
N ALA A 831 -20.80 20.98 19.80
CA ALA A 831 -21.31 19.91 18.96
C ALA A 831 -21.86 20.45 17.64
N ALA A 832 -21.30 21.56 17.17
CA ALA A 832 -21.73 22.22 15.95
C ALA A 832 -20.88 21.78 14.77
N PRO A 833 -21.40 21.89 13.54
CA PRO A 833 -20.61 21.49 12.38
C PRO A 833 -19.45 22.44 12.13
N VAL A 834 -18.31 21.87 11.73
CA VAL A 834 -17.12 22.68 11.46
C VAL A 834 -17.36 23.65 10.31
N ALA A 835 -18.20 23.26 9.34
CA ALA A 835 -18.51 24.14 8.22
C ALA A 835 -19.22 25.40 8.70
N GLU A 836 -20.20 25.25 9.59
CA GLU A 836 -20.88 26.42 10.13
C GLU A 836 -19.97 27.27 11.01
N LEU A 837 -18.89 26.69 11.56
CA LEU A 837 -17.97 27.50 12.33
C LEU A 837 -17.02 28.29 11.41
N ARG A 838 -16.60 27.68 10.30
CA ARG A 838 -15.83 28.45 9.32
C ARG A 838 -16.70 29.49 8.63
N GLU A 839 -18.00 29.23 8.52
CA GLU A 839 -18.94 30.23 8.02
C GLU A 839 -18.97 31.45 8.93
N LEU A 840 -18.85 31.23 10.24
CA LEU A 840 -18.80 32.31 11.22
C LEU A 840 -17.45 33.00 11.26
N GLY A 841 -16.46 32.51 10.49
CA GLY A 841 -15.16 33.14 10.44
C GLY A 841 -14.23 32.70 11.56
N LEU A 842 -14.15 31.40 11.79
CA LEU A 842 -13.31 30.84 12.84
C LEU A 842 -12.10 30.14 12.24
N SER A 843 -11.00 30.16 12.98
CA SER A 843 -9.79 29.46 12.60
C SER A 843 -9.84 28.02 13.12
N ASP A 844 -9.11 27.12 12.45
CA ASP A 844 -9.14 25.73 12.87
C ASP A 844 -8.54 25.55 14.26
N ARG A 845 -7.79 26.54 14.76
CA ARG A 845 -7.29 26.47 16.13
C ARG A 845 -8.45 26.48 17.12
N ALA A 846 -9.31 27.50 17.01
CA ALA A 846 -10.43 27.63 17.92
C ALA A 846 -11.47 26.54 17.68
N ILE A 847 -11.68 26.16 16.42
CA ILE A 847 -12.60 25.08 16.13
C ILE A 847 -12.12 23.79 16.78
N ALA A 848 -10.81 23.55 16.76
CA ALA A 848 -10.27 22.37 17.43
C ALA A 848 -10.37 22.50 18.95
N ARG A 849 -10.24 23.71 19.47
CA ARG A 849 -10.39 23.90 20.91
C ARG A 849 -11.82 23.60 21.36
N ILE A 850 -12.80 24.02 20.55
CA ILE A 850 -14.21 23.82 20.91
C ILE A 850 -14.63 22.37 20.65
N ALA A 851 -14.69 21.96 19.38
CA ALA A 851 -15.04 20.59 19.04
C ALA A 851 -13.81 19.77 18.63
N GLY A 852 -13.23 20.06 17.48
CA GLY A 852 -12.02 19.37 17.01
C GLY A 852 -12.25 18.74 15.65
N ILE A 853 -11.29 18.95 14.76
CA ILE A 853 -11.28 18.16 13.52
C ILE A 853 -10.93 16.72 13.86
N PRO A 854 -11.49 15.71 13.17
CA PRO A 854 -12.52 15.72 12.12
C PRO A 854 -13.88 15.31 12.65
N ALA B 2 -12.20 23.45 -19.37
CA ALA B 2 -12.33 22.55 -18.23
C ALA B 2 -12.86 21.17 -18.64
N LEU B 3 -12.78 20.22 -17.71
CA LEU B 3 -13.27 18.88 -17.98
C LEU B 3 -14.79 18.87 -18.00
N VAL B 4 -15.36 18.12 -18.94
CA VAL B 4 -16.81 18.06 -19.14
C VAL B 4 -17.31 16.73 -18.61
N TYR B 5 -18.12 16.77 -17.57
CA TYR B 5 -18.84 15.59 -17.08
C TYR B 5 -20.32 15.90 -17.13
N ASP B 6 -21.04 15.27 -18.05
CA ASP B 6 -22.45 15.59 -18.21
C ASP B 6 -23.16 14.48 -18.97
N ALA B 7 -24.45 14.33 -18.71
CA ALA B 7 -25.32 13.42 -19.45
C ALA B 7 -26.74 13.91 -19.28
N GLU B 8 -27.59 13.59 -20.25
CA GLU B 8 -28.98 14.01 -20.23
C GLU B 8 -29.92 12.80 -20.14
N PHE B 9 -31.01 12.96 -19.39
CA PHE B 9 -31.97 11.89 -19.18
C PHE B 9 -33.06 11.97 -20.25
N VAL B 10 -33.37 10.83 -20.87
CA VAL B 10 -34.34 10.80 -21.95
C VAL B 10 -35.35 9.68 -21.73
N GLY B 11 -35.63 9.37 -20.45
CA GLY B 11 -36.63 8.40 -20.10
C GLY B 11 -37.95 9.04 -19.67
N SER B 12 -38.81 8.21 -19.06
CA SER B 12 -40.08 8.68 -18.55
C SER B 12 -39.93 9.19 -17.12
N GLU B 13 -41.01 9.78 -16.60
CA GLU B 13 -40.97 10.32 -15.24
C GLU B 13 -40.91 9.20 -14.21
N ARG B 14 -41.63 8.10 -14.45
CA ARG B 14 -41.53 6.94 -13.59
C ARG B 14 -40.11 6.37 -13.59
N GLU B 15 -39.54 6.22 -14.80
CA GLU B 15 -38.15 5.80 -14.90
C GLU B 15 -37.21 6.81 -14.27
N PHE B 16 -37.54 8.11 -14.35
CA PHE B 16 -36.72 9.12 -13.69
C PHE B 16 -36.69 8.91 -12.18
N GLU B 17 -37.86 8.69 -11.58
CA GLU B 17 -37.89 8.43 -10.14
C GLU B 17 -37.15 7.15 -9.80
N GLU B 18 -37.30 6.11 -10.64
CA GLU B 18 -36.57 4.86 -10.42
C GLU B 18 -35.06 5.09 -10.40
N GLU B 19 -34.55 5.76 -11.44
CA GLU B 19 -33.12 5.98 -11.54
C GLU B 19 -32.62 6.85 -10.39
N ARG B 20 -33.40 7.87 -10.00
CA ARG B 20 -32.96 8.69 -8.88
C ARG B 20 -32.89 7.89 -7.60
N GLU B 21 -33.88 7.03 -7.34
CA GLU B 21 -33.84 6.21 -6.14
C GLU B 21 -32.65 5.25 -6.16
N THR B 22 -32.41 4.64 -7.32
CA THR B 22 -31.27 3.73 -7.44
C THR B 22 -29.97 4.46 -7.15
N PHE B 23 -29.79 5.62 -7.76
CA PHE B 23 -28.55 6.37 -7.59
C PHE B 23 -28.37 6.81 -6.15
N LEU B 24 -29.47 7.22 -5.48
CA LEU B 24 -29.33 7.70 -4.11
C LEU B 24 -28.99 6.55 -3.17
N LYS B 25 -29.56 5.37 -3.42
CA LYS B 25 -29.15 4.23 -2.61
C LYS B 25 -27.68 3.87 -2.88
N GLY B 26 -27.25 4.00 -4.14
CA GLY B 26 -25.85 3.77 -4.45
C GLY B 26 -24.94 4.76 -3.74
N VAL B 27 -25.38 6.01 -3.65
CA VAL B 27 -24.61 7.01 -2.91
C VAL B 27 -24.56 6.65 -1.42
N LYS B 28 -25.67 6.19 -0.87
CA LYS B 28 -25.68 5.73 0.52
C LYS B 28 -24.64 4.63 0.73
N ALA B 29 -24.62 3.64 -0.18
CA ALA B 29 -23.70 2.52 -0.05
C ALA B 29 -22.24 2.98 -0.20
N TYR B 30 -21.97 3.85 -1.16
CA TYR B 30 -20.60 4.30 -1.32
C TYR B 30 -20.17 5.19 -0.15
N ASP B 31 -21.11 5.93 0.44
CA ASP B 31 -20.80 6.66 1.67
C ASP B 31 -20.35 5.70 2.74
N GLY B 32 -21.03 4.56 2.85
CA GLY B 32 -20.57 3.54 3.79
C GLY B 32 -19.17 3.04 3.50
N VAL B 33 -18.87 2.80 2.22
CA VAL B 33 -17.51 2.42 1.86
C VAL B 33 -16.52 3.44 2.39
N LEU B 34 -16.80 4.72 2.11
CA LEU B 34 -15.88 5.79 2.50
C LEU B 34 -15.75 5.87 4.01
N ALA B 35 -16.86 5.71 4.73
CA ALA B 35 -16.83 5.83 6.19
C ALA B 35 -16.05 4.69 6.81
N THR B 36 -16.20 3.47 6.29
CA THR B 36 -15.42 2.35 6.81
C THR B 36 -13.93 2.55 6.55
N ARG B 37 -13.56 3.03 5.35
CA ARG B 37 -12.14 3.28 5.12
C ARG B 37 -11.64 4.39 6.04
N TYR B 38 -12.46 5.40 6.28
CA TYR B 38 -12.08 6.48 7.19
C TYR B 38 -11.81 5.95 8.59
N LEU B 39 -12.72 5.10 9.09
CA LEU B 39 -12.51 4.50 10.41
C LEU B 39 -11.23 3.67 10.44
N MET B 40 -10.96 2.95 9.35
CA MET B 40 -9.72 2.18 9.28
C MET B 40 -8.51 3.11 9.36
N GLU B 41 -8.57 4.26 8.69
CA GLU B 41 -7.43 5.17 8.69
C GLU B 41 -7.25 5.85 10.05
N ARG B 42 -8.35 6.09 10.77
CA ARG B 42 -8.29 6.89 11.99
C ARG B 42 -7.81 6.08 13.20
N SER B 43 -8.19 4.81 13.29
CA SER B 43 -7.85 4.02 14.47
C SER B 43 -6.96 2.86 14.06
N SER B 44 -5.86 2.68 14.79
CA SER B 44 -4.96 1.56 14.54
C SER B 44 -5.61 0.24 14.94
N SER B 45 -6.47 0.27 15.96
CA SER B 45 -7.16 -0.97 16.35
C SER B 45 -8.19 -1.38 15.31
N ALA B 46 -8.93 -0.42 14.77
CA ALA B 46 -9.91 -0.73 13.74
C ALA B 46 -9.25 -1.16 12.43
N LYS B 47 -8.00 -0.79 12.21
CA LYS B 47 -7.31 -1.24 11.00
C LYS B 47 -7.09 -2.74 10.98
N ASN B 48 -7.06 -3.38 12.15
CA ASN B 48 -6.89 -4.82 12.24
C ASN B 48 -8.19 -5.58 12.47
N ASP B 49 -9.29 -4.88 12.73
CA ASP B 49 -10.57 -5.53 13.02
C ASP B 49 -11.13 -6.19 11.76
N GLU B 50 -11.26 -7.52 11.80
CA GLU B 50 -11.83 -8.24 10.65
C GLU B 50 -13.30 -7.92 10.47
N GLU B 51 -14.00 -7.61 11.56
CA GLU B 51 -15.40 -7.23 11.45
C GLU B 51 -15.55 -5.96 10.63
N LEU B 52 -14.68 -4.97 10.86
CA LEU B 52 -14.77 -3.72 10.09
C LEU B 52 -14.42 -3.95 8.63
N LEU B 53 -13.45 -4.83 8.35
CA LEU B 53 -13.15 -5.13 6.95
C LEU B 53 -14.32 -5.82 6.27
N GLU B 54 -14.96 -6.77 6.96
CA GLU B 54 -16.13 -7.42 6.38
C GLU B 54 -17.23 -6.41 6.12
N LEU B 55 -17.42 -5.47 7.04
CA LEU B 55 -18.40 -4.40 6.83
C LEU B 55 -18.03 -3.57 5.60
N HIS B 56 -16.74 -3.27 5.43
CA HIS B 56 -16.28 -2.51 4.28
C HIS B 56 -16.58 -3.24 2.98
N GLN B 57 -16.27 -4.53 2.93
CA GLN B 57 -16.56 -5.31 1.73
C GLN B 57 -18.06 -5.44 1.49
N ASN B 58 -18.86 -5.52 2.56
CA ASN B 58 -20.30 -5.52 2.37
C ASN B 58 -20.77 -4.23 1.72
N PHE B 59 -20.22 -3.09 2.16
CA PHE B 59 -20.57 -1.83 1.54
C PHE B 59 -20.17 -1.80 0.07
N ILE B 60 -18.99 -2.37 -0.25
CA ILE B 60 -18.58 -2.45 -1.66
C ILE B 60 -19.58 -3.28 -2.45
N LEU B 61 -19.99 -4.42 -1.90
CA LEU B 61 -20.93 -5.28 -2.59
C LEU B 61 -22.24 -4.55 -2.87
N LEU B 62 -22.78 -3.86 -1.87
CA LEU B 62 -24.05 -3.19 -2.07
C LEU B 62 -23.91 -2.05 -3.07
N THR B 63 -22.77 -1.34 -3.03
CA THR B 63 -22.55 -0.30 -4.03
C THR B 63 -22.58 -0.87 -5.43
N GLY B 64 -21.92 -2.03 -5.63
CA GLY B 64 -21.98 -2.68 -6.93
C GLY B 64 -23.37 -3.12 -7.31
N SER B 65 -24.12 -3.68 -6.36
CA SER B 65 -25.48 -4.10 -6.68
C SER B 65 -26.32 -2.90 -7.13
N TYR B 66 -26.27 -1.80 -6.38
CA TYR B 66 -27.04 -0.62 -6.76
C TYR B 66 -26.57 -0.07 -8.09
N ALA B 67 -25.27 -0.13 -8.35
CA ALA B 67 -24.76 0.37 -9.61
C ALA B 67 -25.27 -0.46 -10.77
N CYS B 68 -25.41 -1.78 -10.58
CA CYS B 68 -25.85 -2.64 -11.68
C CYS B 68 -27.25 -2.31 -12.13
N SER B 69 -28.10 -1.85 -11.22
CA SER B 69 -29.49 -1.55 -11.54
C SER B 69 -29.67 -0.20 -12.24
N ILE B 70 -28.59 0.54 -12.48
CA ILE B 70 -28.69 1.82 -13.17
C ILE B 70 -28.93 1.59 -14.66
N ASP B 71 -29.90 2.29 -15.23
CA ASP B 71 -30.26 2.18 -16.64
C ASP B 71 -30.53 0.71 -17.04
N PRO B 72 -31.56 0.08 -16.43
CA PRO B 72 -31.82 -1.33 -16.76
C PRO B 72 -32.32 -1.53 -18.18
N THR B 73 -33.21 -0.66 -18.66
CA THR B 73 -33.67 -0.76 -20.04
C THR B 73 -32.60 -0.38 -21.06
N GLU B 74 -31.46 0.14 -20.61
CA GLU B 74 -30.32 0.51 -21.46
C GLU B 74 -30.69 1.58 -22.49
N ASP B 75 -31.67 2.42 -22.16
CA ASP B 75 -32.08 3.51 -23.04
C ASP B 75 -32.44 4.78 -22.30
N ARG B 76 -32.43 4.79 -20.97
CA ARG B 76 -32.88 5.93 -20.18
C ARG B 76 -31.90 7.09 -20.22
N TYR B 77 -30.69 6.90 -20.72
CA TYR B 77 -29.69 7.95 -20.78
C TYR B 77 -29.19 8.09 -22.21
N GLN B 78 -28.77 9.31 -22.56
CA GLN B 78 -28.14 9.56 -23.85
C GLN B 78 -27.17 10.73 -23.70
N ASN B 79 -26.20 10.78 -24.62
CA ASN B 79 -25.14 11.78 -24.61
C ASN B 79 -24.40 11.81 -23.27
N VAL B 80 -23.86 10.65 -22.90
CA VAL B 80 -23.09 10.51 -21.68
C VAL B 80 -21.66 10.95 -21.97
N ILE B 81 -21.21 12.01 -21.28
CA ILE B 81 -19.90 12.62 -21.53
C ILE B 81 -19.05 12.45 -20.29
N VAL B 82 -17.89 11.82 -20.45
CA VAL B 82 -16.90 11.70 -19.37
C VAL B 82 -15.61 12.37 -19.83
N ARG B 83 -15.15 13.34 -19.04
CA ARG B 83 -13.92 14.12 -19.29
C ARG B 83 -13.89 14.72 -20.71
N GLY B 84 -15.04 14.78 -21.38
CA GLY B 84 -15.12 15.29 -22.73
C GLY B 84 -15.20 14.26 -23.83
N VAL B 85 -15.52 13.00 -23.50
CA VAL B 85 -15.62 11.92 -24.47
C VAL B 85 -17.06 11.43 -24.49
N ASN B 86 -17.64 11.29 -25.69
CA ASN B 86 -19.01 10.83 -25.82
C ASN B 86 -19.03 9.32 -25.88
N PHE B 87 -19.52 8.68 -24.80
CA PHE B 87 -19.55 7.23 -24.75
C PHE B 87 -20.67 6.63 -25.59
N ASP B 88 -21.74 7.39 -25.85
CA ASP B 88 -22.88 6.84 -26.58
C ASP B 88 -22.44 6.22 -27.91
N GLU B 89 -21.67 6.98 -28.69
CA GLU B 89 -21.28 6.51 -30.01
C GLU B 89 -20.44 5.25 -29.93
N ARG B 90 -19.54 5.18 -28.93
CA ARG B 90 -18.63 4.03 -28.86
C ARG B 90 -19.32 2.77 -28.37
N VAL B 91 -20.18 2.90 -27.35
CA VAL B 91 -20.87 1.72 -26.82
C VAL B 91 -21.72 1.06 -27.90
N GLN B 92 -22.33 1.85 -28.77
CA GLN B 92 -23.11 1.30 -29.87
C GLN B 92 -22.24 0.45 -30.80
N ARG B 93 -21.00 0.86 -31.03
CA ARG B 93 -20.14 0.17 -31.97
C ARG B 93 -19.53 -1.11 -31.39
N LEU B 94 -19.68 -1.36 -30.09
CA LEU B 94 -19.20 -2.62 -29.54
C LEU B 94 -20.12 -3.76 -29.94
N SER B 95 -19.57 -4.98 -29.95
CA SER B 95 -20.36 -6.13 -30.38
C SER B 95 -21.55 -6.36 -29.46
N THR B 96 -21.36 -6.22 -28.15
CA THR B 96 -22.43 -6.46 -27.19
C THR B 96 -23.26 -5.23 -26.87
N GLY B 97 -22.91 -4.07 -27.42
CA GLY B 97 -23.70 -2.89 -27.14
C GLY B 97 -23.73 -2.57 -25.66
N GLY B 98 -24.91 -2.52 -25.07
CA GLY B 98 -25.05 -2.24 -23.65
C GLY B 98 -25.42 -0.80 -23.37
N SER B 99 -25.49 -0.49 -22.06
CA SER B 99 -25.90 0.83 -21.55
C SER B 99 -24.71 1.77 -21.47
N PRO B 100 -24.80 2.97 -22.05
CA PRO B 100 -23.70 3.93 -21.88
C PRO B 100 -23.58 4.44 -20.45
N ALA B 101 -24.67 4.42 -19.68
CA ALA B 101 -24.59 4.89 -18.29
C ALA B 101 -23.66 4.00 -17.46
N ARG B 102 -23.93 2.69 -17.44
CA ARG B 102 -23.08 1.79 -16.67
C ARG B 102 -21.69 1.75 -17.24
N TYR B 103 -21.57 1.84 -18.57
CA TYR B 103 -20.24 1.89 -19.17
C TYR B 103 -19.46 3.10 -18.67
N ALA B 104 -20.15 4.20 -18.40
CA ALA B 104 -19.48 5.40 -17.91
C ALA B 104 -19.15 5.29 -16.42
N ILE B 105 -20.04 4.67 -15.63
CA ILE B 105 -19.88 4.72 -14.20
C ILE B 105 -18.66 3.91 -13.72
N VAL B 106 -18.15 2.98 -14.54
CA VAL B 106 -16.93 2.27 -14.16
C VAL B 106 -15.67 3.10 -14.39
N TYR B 107 -15.80 4.33 -14.86
CA TYR B 107 -14.66 5.22 -14.94
C TYR B 107 -14.54 6.04 -13.65
N ARG B 108 -13.34 6.58 -13.43
CA ARG B 108 -13.12 7.40 -12.25
C ARG B 108 -13.89 8.71 -12.36
N ARG B 109 -14.70 8.99 -11.33
CA ARG B 109 -15.60 10.13 -11.33
C ARG B 109 -16.51 10.14 -12.55
N GLY B 110 -16.83 8.95 -13.05
CA GLY B 110 -17.84 8.84 -14.10
C GLY B 110 -19.24 9.09 -13.60
N TRP B 111 -19.47 8.92 -12.29
CA TRP B 111 -20.77 9.19 -11.70
C TRP B 111 -21.21 10.64 -11.89
N ARG B 112 -20.26 11.54 -12.17
CA ARG B 112 -20.62 12.94 -12.29
C ARG B 112 -21.56 13.18 -13.47
N ALA B 113 -21.50 12.33 -14.50
CA ALA B 113 -22.43 12.45 -15.61
C ALA B 113 -23.82 11.94 -15.23
N ILE B 114 -23.88 10.76 -14.61
CA ILE B 114 -25.17 10.22 -14.20
C ILE B 114 -25.79 11.08 -13.11
N ALA B 115 -24.98 11.73 -12.29
CA ALA B 115 -25.51 12.59 -11.25
C ALA B 115 -26.17 13.84 -11.86
N LYS B 116 -25.52 14.44 -12.87
CA LYS B 116 -26.12 15.58 -13.54
C LYS B 116 -27.38 15.18 -14.29
N ALA B 117 -27.36 14.00 -14.92
CA ALA B 117 -28.54 13.57 -15.66
C ALA B 117 -29.75 13.42 -14.75
N LEU B 118 -29.54 13.13 -13.46
CA LEU B 118 -30.63 12.92 -12.53
C LEU B 118 -30.88 14.11 -11.60
N ASP B 119 -30.23 15.25 -11.85
CA ASP B 119 -30.43 16.48 -11.06
C ASP B 119 -30.33 16.21 -9.56
N ILE B 120 -29.22 15.57 -9.18
CA ILE B 120 -29.03 15.12 -7.81
C ILE B 120 -28.32 16.18 -7.00
N ASP B 121 -28.93 16.58 -5.88
CA ASP B 121 -28.37 17.58 -4.98
C ASP B 121 -28.59 17.22 -3.53
N GLU B 122 -29.08 16.01 -3.23
CA GLU B 122 -29.44 15.64 -1.87
C GLU B 122 -28.23 15.41 -0.97
N GLU B 123 -27.03 15.27 -1.55
CA GLU B 123 -25.82 15.05 -0.78
C GLU B 123 -24.69 15.94 -1.30
N ASP B 124 -23.65 16.07 -0.48
CA ASP B 124 -22.55 16.97 -0.78
C ASP B 124 -21.80 16.53 -2.03
N VAL B 125 -21.28 15.31 -2.03
CA VAL B 125 -20.61 14.74 -3.20
C VAL B 125 -21.31 13.44 -3.55
N PRO B 126 -22.26 13.48 -4.50
CA PRO B 126 -23.02 12.27 -4.80
C PRO B 126 -22.18 11.25 -5.55
N ALA B 127 -21.14 10.74 -4.89
CA ALA B 127 -20.15 9.91 -5.56
C ALA B 127 -20.56 8.44 -5.51
N ILE B 128 -20.37 7.75 -6.64
CA ILE B 128 -20.54 6.31 -6.75
C ILE B 128 -19.34 5.76 -7.53
N GLU B 129 -18.54 4.92 -6.87
CA GLU B 129 -17.36 4.35 -7.52
C GLU B 129 -17.39 2.83 -7.41
N VAL B 130 -16.97 2.16 -8.47
CA VAL B 130 -16.97 0.70 -8.52
C VAL B 130 -15.64 0.19 -9.03
N ARG B 131 -14.55 0.89 -8.72
CA ARG B 131 -13.24 0.48 -9.17
C ARG B 131 -12.41 -0.08 -8.03
N ALA B 132 -13.03 -0.39 -6.90
CA ALA B 132 -12.28 -0.87 -5.74
C ALA B 132 -11.41 -2.06 -6.12
N VAL B 133 -10.21 -2.11 -5.53
CA VAL B 133 -9.24 -3.16 -5.86
C VAL B 133 -8.74 -3.85 -4.60
N LYS B 134 -8.10 -3.11 -3.70
CA LYS B 134 -7.38 -3.74 -2.59
C LYS B 134 -8.34 -4.51 -1.67
N ARG B 135 -9.34 -3.83 -1.14
CA ARG B 135 -10.23 -4.48 -0.19
C ARG B 135 -11.43 -5.15 -0.87
N ASN B 136 -11.45 -5.22 -2.20
CA ASN B 136 -12.65 -5.72 -2.88
C ASN B 136 -12.87 -7.19 -2.57
N PRO B 137 -14.09 -7.58 -2.17
CA PRO B 137 -14.33 -9.02 -1.93
C PRO B 137 -14.39 -9.84 -3.20
N LEU B 138 -14.54 -9.22 -4.36
CA LEU B 138 -14.47 -9.93 -5.64
C LEU B 138 -13.14 -9.65 -6.33
N GLN B 139 -12.89 -10.40 -7.39
CA GLN B 139 -11.80 -10.06 -8.28
C GLN B 139 -12.15 -8.73 -8.94
N PRO B 140 -11.30 -7.70 -8.83
CA PRO B 140 -11.75 -6.34 -9.21
C PRO B 140 -12.23 -6.21 -10.65
N ALA B 141 -11.50 -6.77 -11.61
CA ALA B 141 -11.92 -6.62 -13.01
C ALA B 141 -13.28 -7.26 -13.24
N LEU B 142 -13.49 -8.46 -12.68
CA LEU B 142 -14.78 -9.10 -12.82
C LEU B 142 -15.88 -8.25 -12.19
N TYR B 143 -15.58 -7.60 -11.06
CA TYR B 143 -16.53 -6.68 -10.43
C TYR B 143 -16.94 -5.57 -11.39
N ARG B 144 -15.95 -4.93 -12.01
CA ARG B 144 -16.24 -3.84 -12.94
C ARG B 144 -17.02 -4.34 -14.15
N ILE B 145 -16.67 -5.51 -14.68
CA ILE B 145 -17.38 -6.03 -15.84
C ILE B 145 -18.81 -6.42 -15.47
N LEU B 146 -19.02 -6.93 -14.26
CA LEU B 146 -20.37 -7.20 -13.80
C LEU B 146 -21.18 -5.92 -13.79
N VAL B 147 -20.60 -4.82 -13.31
CA VAL B 147 -21.32 -3.55 -13.30
C VAL B 147 -21.57 -3.05 -14.72
N ARG B 148 -20.61 -3.22 -15.62
CA ARG B 148 -20.81 -2.71 -16.97
C ARG B 148 -21.98 -3.42 -17.65
N TYR B 149 -22.16 -4.71 -17.38
CA TYR B 149 -23.24 -5.47 -17.99
C TYR B 149 -24.47 -5.56 -17.11
N GLY B 150 -24.52 -4.79 -16.02
CA GLY B 150 -25.72 -4.68 -15.20
C GLY B 150 -26.22 -5.99 -14.62
N ARG B 151 -25.31 -6.86 -14.21
CA ARG B 151 -25.68 -8.18 -13.70
C ARG B 151 -25.99 -8.09 -12.21
N VAL B 152 -27.27 -7.88 -11.90
CA VAL B 152 -27.67 -7.83 -10.50
C VAL B 152 -27.77 -9.23 -9.96
N ASP B 153 -28.06 -10.19 -10.85
CA ASP B 153 -28.09 -11.60 -10.47
C ASP B 153 -26.73 -12.08 -9.99
N LEU B 154 -25.64 -11.53 -10.53
CA LEU B 154 -24.31 -12.04 -10.22
C LEU B 154 -23.62 -11.29 -9.08
N MET B 155 -24.01 -10.04 -8.83
CA MET B 155 -23.45 -9.21 -7.77
C MET B 155 -23.93 -9.69 -6.41
N PRO B 156 -23.09 -10.30 -5.58
CA PRO B 156 -23.55 -10.74 -4.26
C PRO B 156 -23.84 -9.55 -3.36
N VAL B 157 -24.79 -9.73 -2.43
CA VAL B 157 -25.19 -8.66 -1.54
C VAL B 157 -24.68 -8.84 -0.11
N THR B 158 -24.08 -9.99 0.21
CA THR B 158 -23.44 -10.18 1.50
C THR B 158 -22.15 -10.94 1.26
N VAL B 159 -21.15 -10.68 2.11
CA VAL B 159 -19.83 -11.28 1.91
C VAL B 159 -19.91 -12.80 1.91
N ASP B 160 -20.79 -13.38 2.74
CA ASP B 160 -20.89 -14.83 2.80
C ASP B 160 -21.43 -15.41 1.50
N GLU B 161 -22.26 -14.66 0.79
CA GLU B 161 -22.82 -15.14 -0.46
C GLU B 161 -21.79 -15.13 -1.60
N VAL B 162 -20.65 -14.46 -1.42
CA VAL B 162 -19.61 -14.40 -2.45
C VAL B 162 -19.00 -15.77 -2.71
N PRO B 163 -19.11 -16.29 -3.93
CA PRO B 163 -18.56 -17.61 -4.21
C PRO B 163 -17.07 -17.52 -4.48
N PRO B 164 -16.30 -18.55 -4.08
CA PRO B 164 -14.85 -18.50 -4.35
C PRO B 164 -14.51 -18.43 -5.81
N GLU B 165 -15.37 -18.92 -6.71
CA GLU B 165 -15.07 -18.79 -8.13
C GLU B 165 -15.18 -17.34 -8.61
N MET B 166 -15.60 -16.41 -7.75
CA MET B 166 -15.62 -14.99 -8.08
C MET B 166 -14.59 -14.19 -7.30
N ALA B 167 -13.73 -14.87 -6.53
CA ALA B 167 -12.74 -14.17 -5.73
C ALA B 167 -11.36 -14.77 -5.94
N GLY B 168 -10.87 -15.52 -4.96
CA GLY B 168 -9.53 -16.06 -5.05
C GLY B 168 -9.41 -17.19 -6.06
N GLU B 169 -10.48 -17.98 -6.21
CA GLU B 169 -10.54 -19.05 -7.19
C GLU B 169 -11.22 -18.58 -8.47
N PHE B 170 -10.93 -17.36 -8.91
CA PHE B 170 -11.57 -16.82 -10.11
C PHE B 170 -11.26 -17.67 -11.34
N GLU B 171 -10.15 -18.41 -11.32
CA GLU B 171 -9.80 -19.24 -12.47
C GLU B 171 -10.87 -20.29 -12.75
N ARG B 172 -11.55 -20.79 -11.72
CA ARG B 172 -12.57 -21.82 -11.91
C ARG B 172 -13.69 -21.32 -12.81
N LEU B 173 -14.14 -20.08 -12.59
CA LEU B 173 -15.26 -19.55 -13.37
C LEU B 173 -14.89 -19.36 -14.84
N ILE B 174 -13.64 -19.03 -15.14
CA ILE B 174 -13.25 -18.86 -16.54
C ILE B 174 -13.22 -20.21 -17.25
N GLU B 175 -12.72 -21.25 -16.58
CA GLU B 175 -12.65 -22.57 -17.21
C GLU B 175 -14.02 -23.20 -17.39
N ARG B 176 -15.01 -22.77 -16.61
CA ARG B 176 -16.33 -23.37 -16.70
C ARG B 176 -16.97 -23.12 -18.06
N TYR B 177 -16.61 -22.02 -18.73
CA TYR B 177 -17.33 -21.61 -19.93
C TYR B 177 -16.51 -21.75 -21.21
N ASP B 178 -15.31 -22.29 -21.14
CA ASP B 178 -14.49 -22.59 -22.34
C ASP B 178 -14.40 -21.37 -23.26
N VAL B 179 -13.77 -20.33 -22.76
CA VAL B 179 -13.63 -19.06 -23.46
C VAL B 179 -12.27 -19.03 -24.14
N PRO B 180 -12.19 -18.62 -25.41
CA PRO B 180 -10.88 -18.54 -26.07
C PRO B 180 -9.99 -17.49 -25.40
N ILE B 181 -8.79 -17.92 -25.02
CA ILE B 181 -7.83 -17.08 -24.32
C ILE B 181 -6.58 -16.94 -25.17
N ASP B 182 -6.12 -15.71 -25.39
CA ASP B 182 -4.93 -15.50 -26.19
C ASP B 182 -3.70 -15.40 -25.31
N GLU B 183 -2.53 -15.18 -25.92
CA GLU B 183 -1.27 -15.26 -25.19
C GLU B 183 -1.15 -14.14 -24.15
N LYS B 184 -1.48 -12.92 -24.54
CA LYS B 184 -1.43 -11.80 -23.60
C LYS B 184 -2.32 -12.05 -22.41
N GLU B 185 -3.55 -12.49 -22.66
CA GLU B 185 -4.45 -12.83 -21.57
C GLU B 185 -3.91 -13.98 -20.73
N GLU B 186 -3.14 -14.89 -21.34
CA GLU B 186 -2.55 -15.97 -20.56
C GLU B 186 -1.49 -15.47 -19.60
N ARG B 187 -0.63 -14.55 -20.06
CA ARG B 187 0.36 -13.96 -19.16
C ARG B 187 -0.32 -13.15 -18.06
N ILE B 188 -1.38 -12.43 -18.41
CA ILE B 188 -2.11 -11.66 -17.40
C ILE B 188 -2.74 -12.60 -16.37
N LEU B 189 -3.32 -13.71 -16.82
CA LEU B 189 -3.88 -14.67 -15.88
C LEU B 189 -2.80 -15.30 -15.01
N GLU B 190 -1.63 -15.56 -15.58
CA GLU B 190 -0.54 -16.11 -14.79
C GLU B 190 -0.17 -15.15 -13.66
N ILE B 191 -0.16 -13.84 -13.95
CA ILE B 191 0.12 -12.89 -12.88
C ILE B 191 -1.01 -12.91 -11.87
N LEU B 192 -2.27 -12.93 -12.34
CA LEU B 192 -3.43 -12.81 -11.46
C LEU B 192 -3.66 -14.04 -10.58
N ARG B 193 -3.14 -15.20 -10.97
CA ARG B 193 -3.27 -16.38 -10.12
C ARG B 193 -2.48 -16.21 -8.83
N GLU B 194 -1.31 -15.56 -8.91
CA GLU B 194 -0.52 -15.27 -7.71
C GLU B 194 -1.30 -14.39 -6.76
N ASN B 195 -1.89 -13.31 -7.29
CA ASN B 195 -2.63 -12.34 -6.49
C ASN B 195 -3.75 -11.77 -7.34
N PRO B 196 -4.99 -12.25 -7.16
CA PRO B 196 -6.10 -11.71 -7.97
C PRO B 196 -6.28 -10.22 -7.84
N TRP B 197 -5.82 -9.62 -6.75
CA TRP B 197 -6.00 -8.20 -6.50
C TRP B 197 -4.78 -7.38 -6.90
N THR B 198 -4.01 -7.86 -7.86
CA THR B 198 -2.91 -7.07 -8.38
C THR B 198 -3.47 -5.90 -9.17
N PRO B 199 -3.09 -4.66 -8.85
CA PRO B 199 -3.58 -3.52 -9.64
C PRO B 199 -3.16 -3.63 -11.10
N HIS B 200 -3.97 -3.04 -11.97
CA HIS B 200 -3.78 -3.25 -13.40
C HIS B 200 -2.52 -2.56 -13.90
N ASP B 201 -2.18 -1.37 -13.37
CA ASP B 201 -0.97 -0.74 -13.86
C ASP B 201 0.27 -1.54 -13.44
N GLU B 202 0.20 -2.26 -12.32
CA GLU B 202 1.32 -3.14 -11.94
C GLU B 202 1.46 -4.29 -12.93
N ILE B 203 0.36 -4.86 -13.38
CA ILE B 203 0.42 -5.88 -14.43
C ILE B 203 1.00 -5.29 -15.71
N ALA B 204 0.59 -4.06 -16.06
CA ALA B 204 1.14 -3.44 -17.26
C ALA B 204 2.64 -3.20 -17.14
N ARG B 205 3.08 -2.71 -15.98
CA ARG B 205 4.49 -2.46 -15.76
C ARG B 205 5.29 -3.75 -15.81
N ARG B 206 4.81 -4.80 -15.13
CA ARG B 206 5.57 -6.04 -15.07
C ARG B 206 5.58 -6.76 -16.42
N LEU B 207 4.50 -6.67 -17.19
CA LEU B 207 4.44 -7.27 -18.52
C LEU B 207 4.97 -6.35 -19.62
N GLY B 208 5.37 -5.11 -19.28
CA GLY B 208 5.85 -4.21 -20.29
C GLY B 208 4.83 -3.70 -21.27
N LEU B 209 3.54 -3.77 -20.91
CA LEU B 209 2.47 -3.27 -21.75
C LEU B 209 1.97 -1.94 -21.21
N SER B 210 1.04 -1.35 -21.93
CA SER B 210 0.33 -0.20 -21.41
C SER B 210 -0.86 -0.68 -20.59
N VAL B 211 -1.44 0.23 -19.82
CA VAL B 211 -2.64 -0.12 -19.06
C VAL B 211 -3.75 -0.52 -20.03
N SER B 212 -3.82 0.18 -21.17
CA SER B 212 -4.84 -0.12 -22.17
C SER B 212 -4.65 -1.52 -22.75
N GLU B 213 -3.41 -1.95 -22.93
CA GLU B 213 -3.15 -3.29 -23.46
C GLU B 213 -3.56 -4.37 -22.47
N VAL B 214 -3.37 -4.13 -21.17
CA VAL B 214 -3.70 -5.13 -20.17
C VAL B 214 -5.20 -5.20 -19.95
N GLU B 215 -5.87 -4.06 -19.90
CA GLU B 215 -7.31 -4.06 -19.67
C GLU B 215 -8.08 -4.49 -20.91
N GLY B 216 -7.85 -3.83 -22.04
CA GLY B 216 -8.60 -4.12 -23.25
C GLY B 216 -9.98 -3.46 -23.22
N GLU B 217 -10.75 -3.74 -24.27
CA GLU B 217 -12.09 -3.18 -24.39
C GLU B 217 -13.11 -4.01 -23.62
N LYS B 218 -14.09 -3.33 -23.00
CA LYS B 218 -15.08 -4.01 -22.15
C LYS B 218 -16.13 -4.70 -23.02
N ASP B 219 -15.66 -5.69 -23.77
CA ASP B 219 -16.45 -6.37 -24.80
C ASP B 219 -15.79 -7.68 -25.12
N PRO B 220 -16.54 -8.76 -25.34
CA PRO B 220 -15.90 -10.07 -25.58
C PRO B 220 -14.98 -10.09 -26.79
N GLU B 221 -15.13 -9.16 -27.73
CA GLU B 221 -14.29 -9.13 -28.92
C GLU B 221 -13.17 -8.09 -28.76
N SER B 222 -12.25 -8.40 -27.84
CA SER B 222 -11.06 -7.61 -27.65
C SER B 222 -10.01 -8.52 -27.02
N SER B 223 -8.95 -7.93 -26.45
CA SER B 223 -7.86 -8.69 -25.83
C SER B 223 -7.46 -7.98 -24.55
N GLY B 224 -7.56 -8.68 -23.44
CA GLY B 224 -7.29 -8.07 -22.16
C GLY B 224 -8.17 -8.68 -21.10
N ILE B 225 -7.92 -8.26 -19.85
CA ILE B 225 -8.68 -8.85 -18.75
C ILE B 225 -10.14 -8.40 -18.81
N TYR B 226 -10.39 -7.14 -19.18
CA TYR B 226 -11.76 -6.69 -19.39
C TYR B 226 -12.44 -7.50 -20.49
N SER B 227 -11.76 -7.66 -21.63
CA SER B 227 -12.35 -8.41 -22.72
C SER B 227 -12.59 -9.87 -22.30
N LEU B 228 -11.66 -10.45 -21.56
CA LEU B 228 -11.79 -11.84 -21.13
C LEU B 228 -13.00 -12.03 -20.22
N TRP B 229 -13.14 -11.18 -19.19
CA TRP B 229 -14.31 -11.30 -18.33
C TRP B 229 -15.59 -11.04 -19.12
N SER B 230 -15.55 -10.11 -20.07
CA SER B 230 -16.73 -9.86 -20.92
C SER B 230 -17.12 -11.12 -21.69
N ARG B 231 -16.13 -11.82 -22.23
CA ARG B 231 -16.39 -13.09 -22.89
C ARG B 231 -17.02 -14.08 -21.92
N VAL B 232 -16.53 -14.12 -20.68
CA VAL B 232 -17.09 -15.08 -19.73
C VAL B 232 -18.49 -14.67 -19.30
N VAL B 233 -18.71 -13.37 -19.06
CA VAL B 233 -19.97 -12.96 -18.46
C VAL B 233 -21.12 -13.11 -19.45
N VAL B 234 -20.91 -12.73 -20.72
CA VAL B 234 -22.02 -12.78 -21.67
C VAL B 234 -22.50 -14.21 -21.89
N ASN B 235 -21.67 -15.21 -21.56
CA ASN B 235 -22.07 -16.61 -21.67
C ASN B 235 -22.78 -17.12 -20.42
N ILE B 236 -22.94 -16.30 -19.40
CA ILE B 236 -23.68 -16.68 -18.20
C ILE B 236 -25.14 -16.31 -18.42
N GLU B 237 -26.03 -17.29 -18.33
CA GLU B 237 -27.44 -17.01 -18.51
C GLU B 237 -27.95 -16.14 -17.37
N TYR B 238 -28.88 -15.24 -17.68
CA TYR B 238 -29.38 -14.31 -16.67
C TYR B 238 -30.31 -15.02 -15.71
N ASP B 239 -29.94 -15.04 -14.43
CA ASP B 239 -30.71 -15.71 -13.39
C ASP B 239 -31.68 -14.71 -12.76
N GLU B 240 -32.90 -14.67 -13.31
CA GLU B 240 -33.86 -13.65 -12.91
C GLU B 240 -34.27 -13.79 -11.45
N ARG B 241 -34.43 -15.04 -10.98
CA ARG B 241 -34.87 -15.26 -9.61
C ARG B 241 -33.84 -14.72 -8.63
N THR B 242 -32.55 -14.97 -8.89
CA THR B 242 -31.52 -14.45 -8.01
C THR B 242 -31.47 -12.93 -8.06
N ALA B 243 -31.70 -12.34 -9.24
CA ALA B 243 -31.72 -10.88 -9.32
C ALA B 243 -32.83 -10.31 -8.45
N LYS B 244 -34.03 -10.88 -8.53
CA LYS B 244 -35.12 -10.40 -7.70
C LYS B 244 -34.82 -10.59 -6.22
N ARG B 245 -34.20 -11.72 -5.86
CA ARG B 245 -33.85 -11.95 -4.47
C ARG B 245 -32.85 -10.91 -3.97
N HIS B 246 -31.84 -10.59 -4.79
CA HIS B 246 -30.87 -9.57 -4.40
C HIS B 246 -31.55 -8.22 -4.24
N VAL B 247 -32.43 -7.87 -5.17
CA VAL B 247 -33.12 -6.59 -5.06
C VAL B 247 -33.93 -6.54 -3.78
N LYS B 248 -34.56 -7.66 -3.42
CA LYS B 248 -35.33 -7.69 -2.17
C LYS B 248 -34.43 -7.50 -0.96
N ARG B 249 -33.26 -8.14 -0.93
CA ARG B 249 -32.45 -8.12 0.27
C ARG B 249 -31.67 -6.82 0.45
N ARG B 250 -31.22 -6.19 -0.64
CA ARG B 250 -30.15 -5.21 -0.51
C ARG B 250 -30.57 -3.98 0.29
N ASP B 251 -31.80 -3.53 0.13
CA ASP B 251 -32.22 -2.33 0.85
C ASP B 251 -32.18 -2.55 2.35
N ARG B 252 -32.83 -3.62 2.82
CA ARG B 252 -32.79 -3.93 4.25
C ARG B 252 -31.39 -4.24 4.72
N LEU B 253 -30.57 -4.85 3.87
CA LEU B 253 -29.17 -5.09 4.24
C LEU B 253 -28.43 -3.78 4.44
N LEU B 254 -28.68 -2.79 3.58
CA LEU B 254 -27.97 -1.52 3.66
C LEU B 254 -28.24 -0.82 4.98
N GLU B 255 -29.51 -0.81 5.42
CA GLU B 255 -29.80 -0.19 6.71
C GLU B 255 -29.12 -0.94 7.83
N GLU B 256 -29.01 -2.27 7.71
CA GLU B 256 -28.30 -3.04 8.72
C GLU B 256 -26.83 -2.69 8.78
N LEU B 257 -26.22 -2.43 7.61
CA LEU B 257 -24.80 -2.08 7.59
C LEU B 257 -24.54 -0.76 8.31
N TYR B 258 -25.39 0.24 8.09
CA TYR B 258 -25.19 1.53 8.76
C TYR B 258 -25.34 1.38 10.27
N GLU B 259 -26.32 0.58 10.71
CA GLU B 259 -26.49 0.34 12.14
C GLU B 259 -25.30 -0.44 12.68
N HIS B 260 -24.78 -1.39 11.92
CA HIS B 260 -23.61 -2.13 12.38
C HIS B 260 -22.39 -1.23 12.49
N LEU B 261 -22.28 -0.25 11.60
CA LEU B 261 -21.16 0.68 11.66
C LEU B 261 -21.29 1.61 12.87
N GLU B 262 -22.49 2.15 13.10
CA GLU B 262 -22.71 2.98 14.27
C GLU B 262 -22.42 2.21 15.55
N GLU B 263 -22.80 0.93 15.60
CA GLU B 263 -22.51 0.10 16.75
C GLU B 263 -21.00 -0.15 16.88
N LEU B 264 -20.32 -0.30 15.74
CA LEU B 264 -18.90 -0.63 15.76
C LEU B 264 -18.04 0.60 16.02
N SER B 265 -18.46 1.77 15.52
CA SER B 265 -17.67 2.98 15.75
C SER B 265 -17.64 3.37 17.23
N GLU B 266 -18.65 2.97 18.01
CA GLU B 266 -18.62 3.25 19.44
C GLU B 266 -17.45 2.57 20.14
N ARG B 267 -16.99 1.44 19.59
CA ARG B 267 -15.87 0.73 20.19
C ARG B 267 -14.56 1.47 20.02
N TYR B 268 -14.50 2.47 19.13
CA TYR B 268 -13.23 3.13 18.81
C TYR B 268 -13.25 4.64 18.89
N LEU B 269 -14.41 5.29 18.91
CA LEU B 269 -14.47 6.75 18.85
C LEU B 269 -15.35 7.30 19.97
N ARG B 270 -15.19 8.59 20.22
CA ARG B 270 -16.08 9.27 21.15
C ARG B 270 -17.40 9.65 20.47
N HIS B 271 -17.34 10.07 19.20
CA HIS B 271 -18.55 10.39 18.44
C HIS B 271 -18.83 9.25 17.48
N PRO B 272 -19.91 8.47 17.70
CA PRO B 272 -20.20 7.35 16.80
C PRO B 272 -20.50 7.81 15.38
N LEU B 273 -20.12 6.98 14.41
CA LEU B 273 -20.30 7.29 12.99
C LEU B 273 -21.76 7.05 12.63
N THR B 274 -22.61 8.00 13.01
CA THR B 274 -24.00 7.94 12.58
C THR B 274 -24.10 8.39 11.13
N ARG B 275 -25.19 7.97 10.48
CA ARG B 275 -25.43 8.39 9.10
C ARG B 275 -25.42 9.90 8.96
N ARG B 276 -26.05 10.60 9.91
CA ARG B 276 -26.02 12.05 9.88
C ARG B 276 -24.58 12.57 9.95
N TRP B 277 -23.77 11.99 10.83
CA TRP B 277 -22.37 12.39 10.96
C TRP B 277 -21.62 12.20 9.64
N ILE B 278 -21.88 11.09 8.95
CA ILE B 278 -21.17 10.79 7.72
C ILE B 278 -21.60 11.74 6.61
N VAL B 279 -22.89 12.09 6.55
CA VAL B 279 -23.31 13.03 5.52
C VAL B 279 -22.75 14.43 5.80
N GLU B 280 -22.68 14.79 7.08
CA GLU B 280 -22.19 16.12 7.48
C GLU B 280 -20.66 16.21 7.49
N HIS B 281 -19.96 15.19 7.01
CA HIS B 281 -18.50 15.20 6.98
C HIS B 281 -17.96 14.51 5.74
N LYS B 282 -18.71 14.55 4.63
CA LYS B 282 -18.28 13.81 3.45
C LYS B 282 -16.93 14.30 2.95
N ARG B 283 -16.69 15.60 3.03
CA ARG B 283 -15.42 16.12 2.54
C ARG B 283 -14.26 15.79 3.48
N ASP B 284 -14.54 15.65 4.79
CA ASP B 284 -13.50 15.26 5.73
C ASP B 284 -13.06 13.83 5.52
N ILE B 285 -14.00 12.94 5.22
CA ILE B 285 -13.66 11.53 5.01
C ILE B 285 -12.86 11.35 3.71
N MET B 286 -13.34 11.97 2.63
CA MET B 286 -12.73 11.73 1.32
C MET B 286 -11.36 12.40 1.19
N ARG B 287 -11.11 13.49 1.91
CA ARG B 287 -9.95 14.33 1.63
C ARG B 287 -8.64 13.55 1.76
N ARG B 288 -8.50 12.73 2.80
CA ARG B 288 -7.25 11.99 2.99
C ARG B 288 -7.04 10.98 1.87
N TYR B 289 -8.08 10.19 1.58
CA TYR B 289 -7.98 9.19 0.53
C TYR B 289 -7.67 9.84 -0.81
N LEU B 290 -8.34 10.96 -1.11
CA LEU B 290 -8.08 11.69 -2.35
C LEU B 290 -6.64 12.19 -2.40
N GLU B 291 -6.12 12.66 -1.27
CA GLU B 291 -4.76 13.18 -1.26
C GLU B 291 -3.74 12.08 -1.52
N GLN B 292 -3.90 10.90 -0.90
CA GLN B 292 -2.96 9.82 -1.19
C GLN B 292 -3.11 9.36 -2.63
N ARG B 293 -4.33 9.34 -3.16
CA ARG B 293 -4.51 9.01 -4.58
C ARG B 293 -3.71 9.96 -5.46
N ILE B 294 -3.85 11.27 -5.22
CA ILE B 294 -3.16 12.26 -6.05
C ILE B 294 -1.65 12.09 -5.92
N VAL B 295 -1.15 11.84 -4.71
CA VAL B 295 0.29 11.69 -4.52
C VAL B 295 0.81 10.51 -5.32
N GLU B 296 0.18 9.34 -5.15
CA GLU B 296 0.64 8.15 -5.87
C GLU B 296 0.55 8.36 -7.38
N CYS B 297 -0.50 9.03 -7.86
CA CYS B 297 -0.66 9.23 -9.30
C CYS B 297 0.44 10.13 -9.84
N ALA B 298 0.68 11.27 -9.18
CA ALA B 298 1.73 12.17 -9.64
C ALA B 298 3.09 11.50 -9.57
N LEU B 299 3.29 10.63 -8.57
CA LEU B 299 4.55 9.90 -8.47
C LEU B 299 4.73 8.96 -9.66
N LYS B 300 3.69 8.21 -10.01
CA LYS B 300 3.79 7.32 -11.16
C LYS B 300 4.05 8.10 -12.45
N LEU B 301 3.44 9.28 -12.57
CA LEU B 301 3.68 10.09 -13.77
C LEU B 301 5.12 10.60 -13.80
N GLN B 302 5.64 11.02 -12.65
CA GLN B 302 7.00 11.56 -12.61
C GLN B 302 8.03 10.46 -12.76
N ASP B 303 7.80 9.31 -12.13
CA ASP B 303 8.80 8.25 -12.08
C ASP B 303 8.73 7.35 -13.30
N ARG B 304 7.62 6.63 -13.48
CA ARG B 304 7.56 5.66 -14.57
C ARG B 304 7.39 6.32 -15.92
N TYR B 305 6.89 7.55 -15.98
CA TYR B 305 6.64 8.20 -17.25
C TYR B 305 7.49 9.42 -17.49
N GLY B 306 8.33 9.82 -16.54
CA GLY B 306 9.25 10.92 -16.78
C GLY B 306 8.59 12.23 -17.13
N ILE B 307 7.50 12.57 -16.49
CA ILE B 307 6.86 13.86 -16.67
C ILE B 307 7.33 14.80 -15.57
N ARG B 308 7.48 16.08 -15.90
CA ARG B 308 7.93 17.07 -14.93
C ARG B 308 7.02 17.09 -13.71
N GLU B 309 7.62 17.36 -12.54
CA GLU B 309 6.88 17.29 -11.28
C GLU B 309 5.69 18.25 -11.30
N ASP B 310 5.88 19.45 -11.84
CA ASP B 310 4.80 20.41 -11.95
C ASP B 310 3.66 19.86 -12.80
N VAL B 311 3.98 19.38 -14.01
CA VAL B 311 2.96 18.87 -14.90
C VAL B 311 2.32 17.60 -14.33
N ALA B 312 3.14 16.72 -13.75
CA ALA B 312 2.60 15.47 -13.21
C ALA B 312 1.61 15.75 -12.09
N LEU B 313 1.96 16.67 -11.20
CA LEU B 313 1.04 17.02 -10.11
C LEU B 313 -0.21 17.68 -10.65
N CYS B 314 -0.08 18.53 -11.68
CA CYS B 314 -1.26 19.15 -12.26
C CYS B 314 -2.21 18.10 -12.84
N LEU B 315 -1.67 17.13 -13.59
CA LEU B 315 -2.50 16.09 -14.19
C LEU B 315 -3.12 15.18 -13.14
N ALA B 316 -2.38 14.87 -12.08
CA ALA B 316 -2.97 14.07 -11.00
C ALA B 316 -4.13 14.83 -10.36
N ARG B 317 -3.98 16.15 -10.20
CA ARG B 317 -5.08 16.95 -9.65
C ARG B 317 -6.26 16.99 -10.61
N ALA B 318 -6.00 17.01 -11.92
CA ALA B 318 -7.08 17.24 -12.88
C ALA B 318 -8.03 16.05 -12.97
N PHE B 319 -7.49 14.83 -13.00
CA PHE B 319 -8.27 13.63 -13.26
C PHE B 319 -8.47 12.76 -12.02
N ASP B 320 -8.43 13.36 -10.84
CA ASP B 320 -8.66 12.66 -9.57
C ASP B 320 -7.71 11.47 -9.42
N GLY B 321 -6.52 11.61 -9.97
CA GLY B 321 -5.47 10.62 -9.74
C GLY B 321 -5.74 9.25 -10.29
N SER B 322 -6.25 9.17 -11.51
CA SER B 322 -6.48 7.89 -12.18
C SER B 322 -5.64 7.86 -13.44
N ILE B 323 -4.47 7.21 -13.35
CA ILE B 323 -3.54 7.16 -14.48
C ILE B 323 -4.09 6.34 -15.63
N SER B 324 -5.08 5.48 -15.35
CA SER B 324 -5.76 4.76 -16.42
C SER B 324 -6.53 5.72 -17.31
N MET B 325 -7.21 6.68 -16.70
CA MET B 325 -8.00 7.64 -17.46
C MET B 325 -7.11 8.65 -18.17
N ILE B 326 -5.95 8.99 -17.59
CA ILE B 326 -5.08 9.98 -18.22
C ILE B 326 -4.50 9.43 -19.51
N ALA B 327 -4.02 8.20 -19.49
CA ALA B 327 -3.39 7.59 -20.66
C ALA B 327 -4.38 7.33 -21.80
N THR B 328 -5.67 7.59 -21.60
CA THR B 328 -6.67 7.44 -22.65
C THR B 328 -7.36 8.76 -22.96
N THR B 329 -6.77 9.87 -22.56
CA THR B 329 -7.34 11.20 -22.76
C THR B 329 -6.68 11.88 -23.95
N PRO B 330 -7.45 12.49 -24.85
CA PRO B 330 -6.85 13.16 -26.01
C PRO B 330 -5.92 14.31 -25.60
N TYR B 331 -4.99 14.62 -26.50
CA TYR B 331 -3.95 15.60 -26.20
C TYR B 331 -4.53 17.00 -25.98
N ARG B 332 -5.53 17.38 -26.78
CA ARG B 332 -6.08 18.72 -26.62
C ARG B 332 -6.67 18.91 -25.23
N THR B 333 -7.34 17.88 -24.71
CA THR B 333 -7.93 17.96 -23.38
C THR B 333 -6.85 18.04 -22.30
N LEU B 334 -5.81 17.22 -22.43
CA LEU B 334 -4.71 17.27 -21.47
C LEU B 334 -4.07 18.67 -21.47
N LYS B 335 -3.92 19.27 -22.64
CA LYS B 335 -3.36 20.63 -22.69
C LYS B 335 -4.34 21.65 -22.14
N ASP B 336 -5.65 21.40 -22.29
CA ASP B 336 -6.64 22.32 -21.74
C ASP B 336 -6.57 22.35 -20.22
N VAL B 337 -6.43 21.19 -19.59
CA VAL B 337 -6.35 21.19 -18.13
C VAL B 337 -4.93 21.45 -17.63
N CYS B 338 -3.92 21.31 -18.47
CA CYS B 338 -2.53 21.51 -18.05
C CYS B 338 -1.74 22.08 -19.22
N PRO B 339 -1.70 23.41 -19.35
CA PRO B 339 -1.11 24.02 -20.55
C PRO B 339 0.39 23.84 -20.68
N ASP B 340 1.12 23.52 -19.63
CA ASP B 340 2.57 23.38 -19.73
C ASP B 340 3.00 22.00 -20.19
N LEU B 341 2.06 21.12 -20.53
CA LEU B 341 2.40 19.76 -20.89
C LEU B 341 3.09 19.73 -22.26
N THR B 342 4.17 18.96 -22.35
CA THR B 342 4.86 18.75 -23.61
C THR B 342 4.13 17.70 -24.43
N LEU B 343 4.19 17.86 -25.76
CA LEU B 343 3.69 16.79 -26.62
C LEU B 343 4.45 15.50 -26.38
N GLU B 344 5.76 15.62 -26.11
CA GLU B 344 6.56 14.42 -25.84
C GLU B 344 6.15 13.75 -24.54
N GLU B 345 5.86 14.54 -23.51
CA GLU B 345 5.38 13.96 -22.26
C GLU B 345 4.05 13.25 -22.46
N ALA B 346 3.13 13.89 -23.20
CA ALA B 346 1.83 13.27 -23.44
C ALA B 346 1.97 11.99 -24.24
N LYS B 347 2.87 11.97 -25.22
CA LYS B 347 3.15 10.74 -25.92
C LYS B 347 3.80 9.71 -24.99
N SER B 348 4.48 10.17 -23.95
CA SER B 348 5.05 9.23 -22.99
C SER B 348 3.96 8.55 -22.17
N VAL B 349 3.02 9.31 -21.63
CA VAL B 349 2.00 8.72 -20.77
C VAL B 349 0.91 8.04 -21.61
N ASN B 350 0.47 8.69 -22.68
CA ASN B 350 -0.59 8.15 -23.55
C ASN B 350 0.09 7.40 -24.68
N ARG B 351 0.25 6.10 -24.50
CA ARG B 351 0.96 5.29 -25.49
C ARG B 351 0.18 5.13 -26.78
N THR B 352 -1.15 5.27 -26.74
CA THR B 352 -1.93 5.27 -27.98
C THR B 352 -1.58 6.47 -28.83
N LEU B 353 -1.44 7.65 -28.22
CA LEU B 353 -1.03 8.85 -28.96
C LEU B 353 0.36 8.66 -29.55
N ALA B 354 1.28 8.05 -28.78
CA ALA B 354 2.62 7.80 -29.30
C ALA B 354 2.59 6.84 -30.47
N THR B 355 1.76 5.79 -30.40
CA THR B 355 1.68 4.87 -31.53
C THR B 355 1.11 5.57 -32.75
N LEU B 356 0.07 6.40 -32.56
CA LEU B 356 -0.55 7.07 -33.71
C LEU B 356 0.37 8.11 -34.33
N ILE B 357 1.28 8.71 -33.56
CA ILE B 357 2.15 9.73 -34.13
C ILE B 357 3.44 9.10 -34.65
N ASP B 358 4.19 8.45 -33.77
CA ASP B 358 5.52 7.95 -34.09
C ASP B 358 5.50 6.67 -34.94
N GLU B 359 4.37 6.31 -35.53
CA GLU B 359 4.35 5.15 -36.42
C GLU B 359 3.41 5.40 -37.60
N HIS B 360 2.28 6.03 -37.34
CA HIS B 360 1.31 6.35 -38.37
C HIS B 360 1.34 7.82 -38.76
N GLY B 361 2.40 8.53 -38.40
CA GLY B 361 2.62 9.91 -38.81
C GLY B 361 1.41 10.80 -38.78
N LEU B 362 0.58 10.65 -37.75
CA LEU B 362 -0.66 11.40 -37.66
C LEU B 362 -0.43 12.79 -37.05
N SER B 363 -1.32 13.71 -37.42
CA SER B 363 -1.39 14.98 -36.73
C SER B 363 -1.88 14.76 -35.30
N PRO B 364 -1.47 15.62 -34.36
CA PRO B 364 -2.05 15.54 -33.01
C PRO B 364 -3.57 15.57 -33.03
N ASP B 365 -4.18 16.36 -33.92
CA ASP B 365 -5.63 16.43 -33.97
C ASP B 365 -6.23 15.15 -34.55
N ALA B 366 -5.54 14.52 -35.51
CA ALA B 366 -6.03 13.24 -36.05
C ALA B 366 -5.99 12.15 -34.99
N ALA B 367 -4.86 12.06 -34.28
CA ALA B 367 -4.77 11.12 -33.17
C ALA B 367 -5.81 11.45 -32.10
N ASP B 368 -6.09 12.73 -31.89
CA ASP B 368 -7.15 13.09 -30.95
C ASP B 368 -8.50 12.59 -31.42
N GLU B 369 -8.75 12.66 -32.74
CA GLU B 369 -9.98 12.09 -33.27
C GLU B 369 -10.09 10.62 -32.91
N LEU B 370 -9.02 9.86 -33.20
CA LEU B 370 -9.06 8.43 -32.91
C LEU B 370 -9.21 8.14 -31.43
N ILE B 371 -8.56 8.94 -30.59
CA ILE B 371 -8.64 8.70 -29.15
C ILE B 371 -10.01 9.05 -28.62
N GLU B 372 -10.65 10.09 -29.18
CA GLU B 372 -11.99 10.44 -28.73
C GLU B 372 -13.01 9.41 -29.16
N HIS B 373 -12.83 8.83 -30.35
CA HIS B 373 -13.85 7.90 -30.84
C HIS B 373 -13.64 6.48 -30.32
N PHE B 374 -12.38 6.01 -30.26
CA PHE B 374 -12.11 4.62 -29.92
C PHE B 374 -11.26 4.44 -28.67
N GLU B 375 -10.89 5.52 -27.99
CA GLU B 375 -10.15 5.48 -26.72
C GLU B 375 -8.74 4.95 -26.88
N SER B 376 -8.58 3.72 -27.36
CA SER B 376 -7.27 3.10 -27.41
C SER B 376 -7.12 2.32 -28.71
N ILE B 377 -5.89 1.86 -28.96
CA ILE B 377 -5.63 1.02 -30.12
C ILE B 377 -6.43 -0.28 -30.01
N ALA B 378 -6.47 -0.87 -28.81
CA ALA B 378 -7.29 -2.07 -28.63
C ALA B 378 -8.75 -1.75 -28.85
N GLY B 379 -9.15 -0.50 -28.62
CA GLY B 379 -10.51 -0.10 -28.95
C GLY B 379 -10.74 -0.03 -30.44
N ILE B 380 -9.74 0.41 -31.20
CA ILE B 380 -9.87 0.38 -32.65
C ILE B 380 -9.98 -1.06 -33.14
N LEU B 381 -9.14 -1.94 -32.61
CA LEU B 381 -9.18 -3.34 -33.04
C LEU B 381 -10.51 -4.00 -32.67
N ALA B 382 -11.17 -3.51 -31.62
CA ALA B 382 -12.45 -4.09 -31.22
C ALA B 382 -13.62 -3.56 -32.01
N THR B 383 -13.42 -2.51 -32.81
CA THR B 383 -14.49 -1.92 -33.60
C THR B 383 -14.54 -2.56 -34.99
N ASP B 384 -15.75 -2.78 -35.49
CA ASP B 384 -15.94 -3.37 -36.80
C ASP B 384 -15.41 -2.45 -37.90
N LEU B 385 -14.86 -3.07 -38.95
CA LEU B 385 -14.29 -2.29 -40.04
C LEU B 385 -15.37 -1.54 -40.80
N GLU B 386 -16.49 -2.20 -41.07
CA GLU B 386 -17.59 -1.50 -41.73
C GLU B 386 -18.10 -0.35 -40.87
N GLU B 387 -17.99 -0.48 -39.55
CA GLU B 387 -18.36 0.63 -38.68
C GLU B 387 -17.44 1.82 -38.90
N ILE B 388 -16.14 1.58 -39.07
CA ILE B 388 -15.21 2.67 -39.32
C ILE B 388 -15.49 3.30 -40.68
N GLU B 389 -15.78 2.49 -41.69
CA GLU B 389 -16.12 3.04 -43.00
C GLU B 389 -17.40 3.86 -42.94
N ARG B 390 -18.38 3.39 -42.16
CA ARG B 390 -19.60 4.15 -41.96
C ARG B 390 -19.31 5.50 -41.31
N MET B 391 -18.44 5.50 -40.29
CA MET B 391 -18.08 6.76 -39.65
C MET B 391 -17.38 7.69 -40.63
N TYR B 392 -16.58 7.13 -41.55
CA TYR B 392 -15.87 7.97 -42.51
C TYR B 392 -16.82 8.56 -43.54
N GLU B 393 -17.77 7.76 -44.01
CA GLU B 393 -18.73 8.25 -45.00
C GLU B 393 -19.62 9.34 -44.43
N GLU B 394 -20.02 9.19 -43.17
CA GLU B 394 -20.86 10.19 -42.52
C GLU B 394 -20.11 11.46 -42.17
N GLY B 395 -18.81 11.54 -42.47
CA GLY B 395 -18.02 12.72 -42.14
C GLY B 395 -17.62 12.85 -40.68
N ARG B 396 -17.98 11.87 -39.83
CA ARG B 396 -17.61 11.92 -38.42
C ARG B 396 -16.14 11.60 -38.18
N LEU B 397 -15.43 11.16 -39.22
CA LEU B 397 -14.02 10.80 -39.09
C LEU B 397 -13.26 11.37 -40.28
N SER B 398 -12.09 11.96 -40.01
CA SER B 398 -11.32 12.60 -41.07
C SER B 398 -10.65 11.54 -41.94
N GLU B 399 -10.09 11.99 -43.06
CA GLU B 399 -9.45 11.03 -43.97
C GLU B 399 -8.23 10.41 -43.33
N GLU B 400 -7.34 11.23 -42.74
CA GLU B 400 -6.13 10.70 -42.13
C GLU B 400 -6.46 9.69 -41.04
N ALA B 401 -7.42 10.05 -40.18
CA ALA B 401 -7.80 9.15 -39.10
C ALA B 401 -8.38 7.85 -39.64
N TYR B 402 -9.21 7.95 -40.69
CA TYR B 402 -9.81 6.74 -41.26
C TYR B 402 -8.75 5.85 -41.87
N ARG B 403 -7.84 6.43 -42.66
CA ARG B 403 -6.78 5.63 -43.26
C ARG B 403 -5.92 4.98 -42.18
N ALA B 404 -5.61 5.73 -41.11
CA ALA B 404 -4.79 5.17 -40.04
C ALA B 404 -5.49 4.03 -39.34
N ALA B 405 -6.77 4.19 -39.02
CA ALA B 405 -7.49 3.10 -38.38
C ALA B 405 -7.55 1.88 -39.28
N VAL B 406 -7.76 2.09 -40.58
CA VAL B 406 -7.82 0.95 -41.50
C VAL B 406 -6.49 0.21 -41.53
N GLU B 407 -5.39 0.95 -41.67
CA GLU B 407 -4.08 0.30 -41.71
C GLU B 407 -3.75 -0.38 -40.40
N ILE B 408 -4.27 0.14 -39.28
CA ILE B 408 -4.09 -0.54 -38.00
C ILE B 408 -4.85 -1.86 -37.98
N GLN B 409 -6.09 -1.85 -38.48
CA GLN B 409 -6.89 -3.07 -38.52
C GLN B 409 -6.24 -4.12 -39.42
N LEU B 410 -5.80 -3.71 -40.61
CA LEU B 410 -5.19 -4.66 -41.54
C LEU B 410 -3.89 -5.21 -40.98
N ALA B 411 -3.08 -4.34 -40.36
CA ALA B 411 -1.77 -4.77 -39.86
C ALA B 411 -1.89 -5.89 -38.84
N GLU B 412 -3.02 -5.96 -38.12
CA GLU B 412 -3.20 -7.03 -37.15
C GLU B 412 -3.31 -8.41 -37.80
N LEU B 413 -3.61 -8.46 -39.11
CA LEU B 413 -3.71 -9.71 -39.84
C LEU B 413 -2.64 -9.87 -40.91
N THR B 414 -2.19 -8.78 -41.55
CA THR B 414 -1.14 -8.87 -42.55
C THR B 414 0.19 -9.34 -41.99
N LYS B 415 0.37 -9.26 -40.66
CA LYS B 415 1.57 -9.78 -40.02
C LYS B 415 1.62 -11.31 -40.08
N LYS B 416 0.47 -11.97 -40.28
CA LYS B 416 0.44 -13.41 -40.40
C LYS B 416 1.04 -13.86 -41.73
N GLU B 417 1.70 -15.02 -41.71
CA GLU B 417 2.39 -15.52 -42.89
C GLU B 417 1.38 -15.98 -43.94
N GLY B 418 1.49 -15.42 -45.15
CA GLY B 418 0.60 -15.78 -46.24
C GLY B 418 -0.64 -14.91 -46.39
N VAL B 419 -0.90 -14.01 -45.45
CA VAL B 419 -2.07 -13.14 -45.50
C VAL B 419 -1.62 -11.73 -45.87
N GLY B 420 -2.16 -11.20 -46.97
CA GLY B 420 -1.87 -9.87 -47.42
C GLY B 420 -3.04 -8.93 -47.24
N ARG B 421 -3.06 -7.88 -48.05
CA ARG B 421 -4.12 -6.88 -47.92
C ARG B 421 -5.47 -7.41 -48.39
N LYS B 422 -5.50 -8.18 -49.49
CA LYS B 422 -6.78 -8.65 -50.03
C LYS B 422 -7.43 -9.67 -49.10
N THR B 423 -6.66 -10.64 -48.62
CA THR B 423 -7.23 -11.67 -47.74
C THR B 423 -7.62 -11.07 -46.40
N ALA B 424 -6.83 -10.13 -45.89
CA ALA B 424 -7.21 -9.45 -44.64
C ALA B 424 -8.47 -8.62 -44.83
N GLU B 425 -8.56 -7.93 -45.98
CA GLU B 425 -9.78 -7.18 -46.29
C GLU B 425 -11.00 -8.10 -46.27
N ARG B 426 -10.90 -9.24 -46.96
CA ARG B 426 -12.05 -10.14 -47.03
C ARG B 426 -12.37 -10.76 -45.67
N LEU B 427 -11.34 -11.07 -44.87
CA LEU B 427 -11.60 -11.60 -43.54
C LEU B 427 -12.30 -10.58 -42.66
N LEU B 428 -11.88 -9.31 -42.73
CA LEU B 428 -12.55 -8.28 -41.94
C LEU B 428 -13.98 -8.07 -42.39
N ARG B 429 -14.23 -8.12 -43.71
CA ARG B 429 -15.60 -8.04 -44.19
C ARG B 429 -16.43 -9.19 -43.65
N ALA B 430 -15.85 -10.39 -43.64
CA ALA B 430 -16.60 -11.57 -43.26
C ALA B 430 -16.84 -11.66 -41.75
N PHE B 431 -15.97 -11.05 -40.95
CA PHE B 431 -16.07 -11.22 -39.51
C PHE B 431 -15.97 -9.94 -38.69
N GLY B 432 -15.91 -8.78 -39.33
CA GLY B 432 -16.06 -7.49 -38.64
C GLY B 432 -14.82 -6.77 -38.15
N ASN B 433 -14.00 -7.45 -37.35
CA ASN B 433 -12.81 -6.84 -36.73
C ASN B 433 -11.77 -7.92 -36.53
N PRO B 434 -10.48 -7.57 -36.55
CA PRO B 434 -9.44 -8.61 -36.47
C PRO B 434 -9.45 -9.39 -35.17
N GLU B 435 -9.92 -8.80 -34.06
CA GLU B 435 -9.99 -9.56 -32.82
C GLU B 435 -10.93 -10.75 -32.98
N ARG B 436 -12.06 -10.55 -33.66
CA ARG B 436 -12.98 -11.66 -33.90
C ARG B 436 -12.35 -12.71 -34.81
N VAL B 437 -11.54 -12.27 -35.78
CA VAL B 437 -10.86 -13.23 -36.66
C VAL B 437 -9.92 -14.11 -35.85
N LYS B 438 -9.07 -13.48 -35.02
CA LYS B 438 -8.17 -14.27 -34.19
C LYS B 438 -8.94 -15.15 -33.22
N GLN B 439 -10.11 -14.68 -32.78
CA GLN B 439 -10.94 -15.49 -31.88
C GLN B 439 -11.42 -16.76 -32.58
N LEU B 440 -11.96 -16.60 -33.79
CA LEU B 440 -12.38 -17.77 -34.55
C LEU B 440 -11.20 -18.68 -34.86
N ALA B 441 -10.01 -18.11 -35.04
CA ALA B 441 -8.83 -18.93 -35.24
C ALA B 441 -8.56 -19.80 -34.02
N ARG B 442 -8.60 -19.21 -32.82
CA ARG B 442 -8.34 -20.00 -31.62
C ARG B 442 -9.46 -21.00 -31.32
N GLU B 443 -10.69 -20.68 -31.73
CA GLU B 443 -11.80 -21.62 -31.54
C GLU B 443 -11.80 -22.74 -32.57
N PHE B 444 -10.80 -22.78 -33.46
CA PHE B 444 -10.63 -23.85 -34.46
C PHE B 444 -11.80 -23.92 -35.43
N GLU B 445 -12.39 -22.77 -35.76
CA GLU B 445 -13.45 -22.72 -36.78
C GLU B 445 -12.80 -22.73 -38.17
N ILE B 446 -12.26 -23.90 -38.51
CA ILE B 446 -11.44 -23.99 -39.73
C ILE B 446 -12.31 -23.90 -40.97
N GLU B 447 -13.45 -24.60 -40.99
CA GLU B 447 -14.33 -24.54 -42.15
C GLU B 447 -14.94 -23.15 -42.28
N LYS B 448 -15.28 -22.53 -41.15
CA LYS B 448 -15.84 -21.19 -41.20
C LYS B 448 -14.84 -20.20 -41.81
N LEU B 449 -13.55 -20.38 -41.49
CA LEU B 449 -12.55 -19.48 -42.06
C LEU B 449 -12.29 -19.80 -43.53
N ALA B 450 -12.21 -21.09 -43.88
CA ALA B 450 -11.91 -21.47 -45.26
C ALA B 450 -13.01 -21.08 -46.23
N SER B 451 -14.21 -20.80 -45.74
CA SER B 451 -15.28 -20.34 -46.62
C SER B 451 -14.97 -18.98 -47.23
N VAL B 452 -14.11 -18.18 -46.61
CA VAL B 452 -13.78 -16.86 -47.15
C VAL B 452 -12.92 -17.02 -48.39
N GLU B 453 -13.16 -16.18 -49.40
CA GLU B 453 -12.39 -16.24 -50.63
C GLU B 453 -10.94 -15.89 -50.37
N GLY B 454 -10.05 -16.85 -50.57
CA GLY B 454 -8.61 -16.66 -50.42
C GLY B 454 -8.00 -17.34 -49.22
N VAL B 455 -8.81 -17.95 -48.36
CA VAL B 455 -8.32 -18.65 -47.17
C VAL B 455 -7.99 -20.07 -47.59
N GLY B 456 -6.71 -20.32 -47.85
CA GLY B 456 -6.28 -21.64 -48.29
C GLY B 456 -5.48 -22.37 -47.24
N GLU B 457 -4.55 -23.23 -47.67
CA GLU B 457 -3.81 -24.05 -46.73
C GLU B 457 -2.85 -23.21 -45.89
N ARG B 458 -2.11 -22.31 -46.54
CA ARG B 458 -1.13 -21.50 -45.82
C ARG B 458 -1.81 -20.57 -44.82
N VAL B 459 -2.92 -19.96 -45.21
CA VAL B 459 -3.61 -19.06 -44.29
C VAL B 459 -4.14 -19.82 -43.08
N LEU B 460 -4.69 -21.02 -43.30
CA LEU B 460 -5.16 -21.81 -42.18
C LEU B 460 -4.00 -22.27 -41.29
N ARG B 461 -2.88 -22.64 -41.88
CA ARG B 461 -1.72 -23.03 -41.08
C ARG B 461 -1.16 -21.85 -40.28
N SER B 462 -1.30 -20.63 -40.80
CA SER B 462 -0.79 -19.48 -40.08
C SER B 462 -1.76 -18.95 -39.03
N LEU B 463 -3.07 -19.15 -39.22
CA LEU B 463 -4.07 -18.60 -38.31
C LEU B 463 -4.48 -19.59 -37.24
N VAL B 464 -5.04 -20.72 -37.63
CA VAL B 464 -5.53 -21.71 -36.68
C VAL B 464 -4.35 -22.36 -35.97
N PRO B 465 -4.24 -22.22 -34.64
CA PRO B 465 -3.11 -22.81 -33.92
C PRO B 465 -3.20 -24.33 -33.90
N GLY B 466 -2.11 -24.99 -34.25
CA GLY B 466 -2.07 -26.44 -34.30
C GLY B 466 -2.66 -27.06 -35.54
N TYR B 467 -3.23 -26.25 -36.46
CA TYR B 467 -3.73 -26.81 -37.70
C TYR B 467 -2.59 -27.32 -38.57
N ALA B 468 -1.48 -26.59 -38.61
CA ALA B 468 -0.34 -27.02 -39.41
C ALA B 468 0.23 -28.34 -38.90
N SER B 469 0.15 -28.58 -37.59
CA SER B 469 0.72 -29.81 -37.03
C SER B 469 -0.16 -31.01 -37.35
N LEU B 470 -1.48 -30.82 -37.36
CA LEU B 470 -2.39 -31.94 -37.61
C LEU B 470 -2.55 -32.23 -39.11
N ILE B 471 -2.73 -31.19 -39.92
CA ILE B 471 -2.98 -31.41 -41.34
C ILE B 471 -1.77 -32.04 -42.03
N SER B 472 -0.57 -31.87 -41.46
CA SER B 472 0.62 -32.45 -42.06
C SER B 472 0.68 -33.97 -41.91
N ILE B 473 -0.09 -34.53 -40.98
CA ILE B 473 -0.12 -35.98 -40.80
C ILE B 473 -0.88 -36.62 -41.96
N ARG B 474 -0.30 -37.68 -42.51
CA ARG B 474 -0.92 -38.38 -43.63
C ARG B 474 -2.24 -39.00 -43.20
N GLY B 475 -3.26 -38.84 -44.05
CA GLY B 475 -4.57 -39.39 -43.79
C GLY B 475 -5.54 -38.46 -43.08
N ILE B 476 -5.02 -37.45 -42.38
CA ILE B 476 -5.85 -36.48 -41.67
C ILE B 476 -6.17 -35.33 -42.60
N ASP B 477 -7.45 -35.18 -42.94
CA ASP B 477 -7.92 -34.13 -43.82
C ASP B 477 -8.44 -32.96 -42.97
N ARG B 478 -9.01 -31.96 -43.65
CA ARG B 478 -9.42 -30.74 -42.96
C ARG B 478 -10.51 -31.02 -41.93
N GLU B 479 -11.53 -31.79 -42.31
CA GLU B 479 -12.65 -32.03 -41.41
C GLU B 479 -12.22 -32.80 -40.17
N ARG B 480 -11.34 -33.79 -40.34
CA ARG B 480 -10.84 -34.55 -39.19
C ARG B 480 -10.03 -33.66 -38.26
N ALA B 481 -9.19 -32.79 -38.82
CA ALA B 481 -8.39 -31.89 -38.00
C ALA B 481 -9.28 -30.96 -37.19
N GLU B 482 -10.29 -30.35 -37.83
CA GLU B 482 -11.19 -29.46 -37.10
C GLU B 482 -11.97 -30.20 -36.03
N ARG B 483 -12.47 -31.40 -36.36
CA ARG B 483 -13.23 -32.19 -35.38
C ARG B 483 -12.37 -32.54 -34.17
N LEU B 484 -11.13 -32.98 -34.41
CA LEU B 484 -10.25 -33.34 -33.30
C LEU B 484 -9.92 -32.11 -32.45
N LEU B 485 -9.55 -31.00 -33.10
CA LEU B 485 -9.18 -29.80 -32.36
C LEU B 485 -10.35 -29.27 -31.54
N LYS B 486 -11.58 -29.40 -32.05
CA LYS B 486 -12.72 -28.96 -31.26
C LYS B 486 -13.06 -29.94 -30.14
N LYS B 487 -12.83 -31.25 -30.36
CA LYS B 487 -13.16 -32.23 -29.33
C LYS B 487 -12.20 -32.17 -28.15
N TYR B 488 -10.90 -32.00 -28.41
CA TYR B 488 -9.93 -32.05 -27.33
C TYR B 488 -9.42 -30.68 -26.90
N GLY B 489 -9.45 -29.68 -27.78
CA GLY B 489 -9.12 -28.33 -27.39
C GLY B 489 -7.77 -27.80 -27.83
N GLY B 490 -7.09 -28.48 -28.75
CA GLY B 490 -5.80 -28.02 -29.21
C GLY B 490 -4.95 -29.22 -29.60
N TYR B 491 -3.93 -28.95 -30.43
CA TYR B 491 -3.07 -30.02 -30.89
C TYR B 491 -2.39 -30.73 -29.73
N SER B 492 -2.01 -29.99 -28.70
CA SER B 492 -1.39 -30.60 -27.53
C SER B 492 -2.35 -31.55 -26.83
N LYS B 493 -3.62 -31.15 -26.73
CA LYS B 493 -4.61 -32.00 -26.06
C LYS B 493 -4.98 -33.21 -26.92
N VAL B 494 -4.97 -33.07 -28.25
CA VAL B 494 -5.23 -34.22 -29.12
C VAL B 494 -4.07 -35.20 -29.04
N ARG B 495 -2.85 -34.70 -28.88
CA ARG B 495 -1.68 -35.57 -28.79
C ARG B 495 -1.68 -36.34 -27.47
N GLU B 496 -2.25 -35.77 -26.41
CA GLU B 496 -2.32 -36.43 -25.11
C GLU B 496 -3.50 -37.39 -24.99
N ALA B 497 -4.38 -37.45 -25.97
CA ALA B 497 -5.57 -38.28 -25.89
C ALA B 497 -5.21 -39.77 -25.89
N GLY B 498 -6.14 -40.58 -25.38
CA GLY B 498 -5.94 -42.01 -25.36
C GLY B 498 -6.06 -42.64 -26.74
N VAL B 499 -5.45 -43.81 -26.88
CA VAL B 499 -5.44 -44.50 -28.17
C VAL B 499 -6.83 -45.01 -28.53
N GLU B 500 -7.57 -45.49 -27.53
CA GLU B 500 -8.90 -46.04 -27.80
C GLU B 500 -9.87 -44.96 -28.28
N GLU B 501 -9.86 -43.80 -27.63
CA GLU B 501 -10.77 -42.73 -28.04
C GLU B 501 -10.36 -42.13 -29.37
N LEU B 502 -9.07 -42.17 -29.70
CA LEU B 502 -8.65 -41.75 -31.04
C LEU B 502 -9.08 -42.76 -32.09
N ARG B 503 -9.08 -44.05 -31.76
CA ARG B 503 -9.61 -45.05 -32.67
C ARG B 503 -11.11 -44.86 -32.87
N GLU B 504 -11.82 -44.45 -31.80
CA GLU B 504 -13.25 -44.21 -31.92
C GLU B 504 -13.54 -43.04 -32.85
N ASP B 505 -12.62 -42.08 -32.95
CA ASP B 505 -12.80 -40.94 -33.84
C ASP B 505 -12.54 -41.29 -35.30
N GLY B 506 -12.01 -42.48 -35.57
CA GLY B 506 -11.73 -42.87 -36.94
C GLY B 506 -10.30 -42.63 -37.35
N LEU B 507 -9.36 -42.91 -36.45
CA LEU B 507 -7.94 -42.76 -36.72
C LEU B 507 -7.30 -44.12 -36.84
N THR B 508 -6.52 -44.31 -37.90
CA THR B 508 -5.77 -45.54 -38.08
C THR B 508 -4.66 -45.65 -37.04
N ASP B 509 -4.24 -46.88 -36.75
CA ASP B 509 -3.13 -47.08 -35.83
C ASP B 509 -1.85 -46.43 -36.35
N ALA B 510 -1.68 -46.36 -37.67
CA ALA B 510 -0.53 -45.66 -38.23
C ALA B 510 -0.64 -44.15 -38.01
N GLN B 511 -1.85 -43.59 -38.14
CA GLN B 511 -2.04 -42.17 -37.90
C GLN B 511 -1.74 -41.82 -36.44
N ILE B 512 -2.26 -42.62 -35.51
CA ILE B 512 -2.01 -42.37 -34.10
C ILE B 512 -0.54 -42.57 -33.76
N ARG B 513 0.09 -43.57 -34.39
CA ARG B 513 1.51 -43.82 -34.17
C ARG B 513 2.35 -42.64 -34.65
N GLU B 514 2.00 -42.05 -35.79
CA GLU B 514 2.71 -40.88 -36.27
C GLU B 514 2.46 -39.67 -35.38
N LEU B 515 1.22 -39.50 -34.93
CA LEU B 515 0.87 -38.37 -34.08
C LEU B 515 1.64 -38.41 -32.77
N LYS B 516 1.53 -39.52 -32.03
CA LYS B 516 2.20 -39.62 -30.74
C LYS B 516 3.69 -39.92 -30.88
N GLY B 517 4.13 -40.42 -32.02
CA GLY B 517 5.53 -40.77 -32.19
C GLY B 517 5.94 -42.02 -31.44
N LEU B 518 5.09 -43.05 -31.45
CA LEU B 518 5.32 -44.28 -30.70
C LEU B 518 5.71 -45.45 -31.60
N LYS B 519 6.35 -45.17 -32.74
CA LYS B 519 6.77 -46.27 -33.61
C LYS B 519 7.89 -47.08 -32.97
N THR B 520 8.87 -46.40 -32.38
CA THR B 520 9.95 -47.11 -31.70
C THR B 520 9.43 -47.88 -30.48
N LEU B 521 8.44 -47.33 -29.78
CA LEU B 521 7.90 -48.02 -28.62
C LEU B 521 7.02 -49.20 -29.03
N GLU B 522 6.27 -49.06 -30.12
CA GLU B 522 5.47 -50.17 -30.61
C GLU B 522 6.31 -51.21 -31.34
N SER B 523 7.57 -50.90 -31.66
CA SER B 523 8.48 -51.92 -32.14
C SER B 523 8.93 -52.86 -31.03
N ILE B 524 8.75 -52.47 -29.77
CA ILE B 524 9.12 -53.30 -28.62
C ILE B 524 7.88 -53.97 -28.04
N VAL B 525 6.89 -53.17 -27.67
CA VAL B 525 5.64 -53.69 -27.13
C VAL B 525 4.69 -53.98 -28.29
N GLY B 526 3.91 -55.05 -28.16
CA GLY B 526 3.08 -55.48 -29.27
C GLY B 526 1.96 -54.52 -29.62
N ASP B 527 1.35 -53.90 -28.61
CA ASP B 527 0.20 -53.04 -28.82
C ASP B 527 0.56 -51.57 -28.63
N LEU B 528 -0.41 -50.71 -28.89
CA LEU B 528 -0.22 -49.27 -28.75
C LEU B 528 -0.61 -48.75 -27.38
N GLU B 529 -1.54 -49.43 -26.70
CA GLU B 529 -2.01 -48.94 -25.41
C GLU B 529 -0.89 -48.95 -24.37
N LYS B 530 -0.10 -50.02 -24.33
CA LYS B 530 0.98 -50.09 -23.35
C LYS B 530 2.10 -49.11 -23.68
N ALA B 531 2.38 -48.91 -24.96
CA ALA B 531 3.36 -47.89 -25.35
C ALA B 531 2.89 -46.50 -24.96
N ASP B 532 1.60 -46.21 -25.16
CA ASP B 532 1.06 -44.91 -24.76
C ASP B 532 1.08 -44.75 -23.24
N GLU B 533 0.80 -45.82 -22.50
CA GLU B 533 0.86 -45.72 -21.05
C GLU B 533 2.28 -45.50 -20.56
N LEU B 534 3.26 -46.11 -21.25
CA LEU B 534 4.66 -45.83 -20.92
C LEU B 534 5.00 -44.37 -21.21
N LYS B 535 4.48 -43.83 -22.31
CA LYS B 535 4.67 -42.42 -22.61
C LYS B 535 3.99 -41.54 -21.56
N ARG B 536 2.89 -42.01 -20.98
CA ARG B 536 2.24 -41.27 -19.90
C ARG B 536 3.10 -41.26 -18.65
N LYS B 537 3.52 -42.43 -18.19
CA LYS B 537 4.27 -42.52 -16.94
C LYS B 537 5.61 -41.82 -17.02
N TYR B 538 6.41 -42.15 -18.05
CA TYR B 538 7.79 -41.69 -18.11
C TYR B 538 7.97 -40.45 -18.98
N GLY B 539 7.19 -40.31 -20.05
CA GLY B 539 7.15 -39.11 -20.84
C GLY B 539 8.01 -39.10 -22.09
N SER B 540 9.04 -39.94 -22.14
CA SER B 540 9.93 -39.97 -23.30
C SER B 540 10.49 -41.39 -23.45
N ALA B 541 10.61 -41.84 -24.70
CA ALA B 541 11.17 -43.16 -24.95
C ALA B 541 12.62 -43.25 -24.51
N SER B 542 13.38 -42.16 -24.62
CA SER B 542 14.77 -42.19 -24.19
C SER B 542 14.89 -42.39 -22.68
N ALA B 543 13.95 -41.81 -21.91
CA ALA B 543 13.93 -42.07 -20.48
C ALA B 543 13.62 -43.53 -20.18
N VAL B 544 12.71 -44.13 -20.95
CA VAL B 544 12.40 -45.55 -20.79
C VAL B 544 13.61 -46.40 -21.12
N ARG B 545 14.40 -46.00 -22.12
CA ARG B 545 15.63 -46.71 -22.43
C ARG B 545 16.64 -46.59 -21.29
N ARG B 546 16.76 -45.39 -20.70
CA ARG B 546 17.71 -45.17 -19.63
C ARG B 546 17.31 -45.87 -18.33
N LEU B 547 16.04 -46.26 -18.19
CA LEU B 547 15.57 -46.87 -16.95
C LEU B 547 16.47 -48.05 -16.58
N PRO B 548 16.71 -48.27 -15.28
CA PRO B 548 17.59 -49.38 -14.88
C PRO B 548 17.01 -50.72 -15.27
N VAL B 549 17.86 -51.74 -15.23
CA VAL B 549 17.45 -53.08 -15.66
C VAL B 549 16.37 -53.63 -14.74
N GLU B 550 16.46 -53.33 -13.44
CA GLU B 550 15.48 -53.85 -12.49
C GLU B 550 14.12 -53.19 -12.68
N GLU B 551 14.09 -51.86 -12.80
CA GLU B 551 12.82 -51.18 -13.00
C GLU B 551 12.23 -51.48 -14.36
N LEU B 552 13.07 -51.80 -15.35
CA LEU B 552 12.56 -52.25 -16.64
C LEU B 552 12.00 -53.66 -16.56
N ARG B 553 12.63 -54.51 -15.75
CA ARG B 553 12.09 -55.85 -15.55
C ARG B 553 10.79 -55.80 -14.76
N GLU B 554 10.74 -54.95 -13.73
CA GLU B 554 9.48 -54.71 -13.03
C GLU B 554 8.48 -54.08 -13.99
N LEU B 555 7.28 -54.64 -14.03
CA LEU B 555 6.23 -54.27 -14.99
C LEU B 555 6.69 -54.46 -16.44
N GLY B 556 7.80 -55.15 -16.66
CA GLY B 556 8.30 -55.42 -17.99
C GLY B 556 7.89 -56.80 -18.49
N PHE B 557 8.28 -57.09 -19.71
CA PHE B 557 7.87 -58.32 -20.38
C PHE B 557 8.99 -59.35 -20.49
N SER B 558 10.11 -59.00 -21.12
CA SER B 558 11.17 -59.96 -21.35
C SER B 558 12.52 -59.31 -21.12
N ASP B 559 13.50 -60.15 -20.78
CA ASP B 559 14.89 -59.68 -20.67
C ASP B 559 15.50 -59.44 -22.04
N ASP B 560 15.13 -60.26 -23.03
CA ASP B 560 15.55 -59.99 -24.40
C ASP B 560 14.95 -58.67 -24.90
N GLU B 561 13.72 -58.36 -24.47
CA GLU B 561 13.15 -57.07 -24.81
C GLU B 561 13.91 -55.93 -24.14
N ILE B 562 14.37 -56.14 -22.90
CA ILE B 562 15.16 -55.12 -22.23
C ILE B 562 16.48 -54.91 -22.96
N ALA B 563 17.12 -56.00 -23.41
CA ALA B 563 18.35 -55.87 -24.18
C ALA B 563 18.11 -55.18 -25.52
N GLU B 564 16.95 -55.41 -26.14
CA GLU B 564 16.62 -54.75 -27.39
C GLU B 564 16.32 -53.26 -27.17
N ILE B 565 15.82 -52.89 -25.99
CA ILE B 565 15.51 -51.50 -25.71
C ILE B 565 16.80 -50.68 -25.61
N LYS B 566 17.75 -51.15 -24.79
CA LYS B 566 18.99 -50.43 -24.59
C LYS B 566 19.99 -50.60 -25.73
N GLY B 567 19.64 -51.37 -26.76
CA GLY B 567 20.54 -51.56 -27.89
C GLY B 567 21.80 -52.32 -27.54
N ILE B 568 21.65 -53.41 -26.81
CA ILE B 568 22.82 -54.21 -26.39
C ILE B 568 23.23 -55.10 -27.57
N PRO B 569 24.51 -55.11 -27.94
CA PRO B 569 24.95 -55.98 -29.04
C PRO B 569 24.74 -57.45 -28.72
N LYS B 570 24.71 -58.26 -29.78
CA LYS B 570 24.51 -59.69 -29.60
C LYS B 570 25.68 -60.32 -28.84
N LYS B 571 26.91 -59.92 -29.18
CA LYS B 571 28.07 -60.42 -28.46
C LYS B 571 28.04 -59.99 -27.00
N LEU B 572 27.72 -58.72 -26.75
CA LEU B 572 27.70 -58.22 -25.38
C LEU B 572 26.54 -58.81 -24.58
N ARG B 573 25.41 -59.09 -25.24
CA ARG B 573 24.28 -59.67 -24.54
C ARG B 573 24.44 -61.16 -24.30
N GLU B 574 25.24 -61.85 -25.12
CA GLU B 574 25.48 -63.27 -24.93
C GLU B 574 26.70 -63.56 -24.06
N ALA B 575 27.61 -62.60 -23.92
CA ALA B 575 28.81 -62.82 -23.12
C ALA B 575 28.63 -62.55 -21.64
N PHE B 576 27.62 -61.77 -21.26
CA PHE B 576 27.42 -61.42 -19.85
C PHE B 576 25.93 -61.53 -19.52
N ASP B 577 25.58 -61.10 -18.31
CA ASP B 577 24.20 -61.00 -17.88
C ASP B 577 23.66 -59.62 -18.24
N LEU B 578 22.41 -59.36 -17.87
CA LEU B 578 21.80 -58.07 -18.22
C LEU B 578 22.43 -56.92 -17.45
N GLU B 579 22.67 -57.10 -16.15
CA GLU B 579 23.15 -56.00 -15.31
C GLU B 579 24.51 -55.50 -15.78
N THR B 580 25.50 -56.40 -15.86
CA THR B 580 26.86 -56.00 -16.20
C THR B 580 26.95 -55.48 -17.64
N ALA B 581 26.27 -56.16 -18.57
CA ALA B 581 26.31 -55.71 -19.96
C ALA B 581 25.66 -54.33 -20.12
N ALA B 582 24.52 -54.12 -19.47
CA ALA B 582 23.86 -52.81 -19.54
C ALA B 582 24.72 -51.72 -18.91
N GLU B 583 25.36 -52.02 -17.78
CA GLU B 583 26.23 -51.04 -17.15
C GLU B 583 27.41 -50.69 -18.06
N LEU B 584 28.04 -51.71 -18.66
CA LEU B 584 29.15 -51.45 -19.57
C LEU B 584 28.70 -50.63 -20.78
N TYR B 585 27.52 -50.96 -21.33
CA TYR B 585 27.06 -50.26 -22.52
C TYR B 585 26.68 -48.82 -22.21
N GLU B 586 26.10 -48.56 -21.04
CA GLU B 586 25.75 -47.20 -20.66
C GLU B 586 26.93 -46.41 -20.13
N ARG B 587 28.03 -47.08 -19.77
CA ARG B 587 29.23 -46.37 -19.36
C ARG B 587 30.19 -46.08 -20.51
N TYR B 588 30.20 -46.91 -21.55
CA TYR B 588 31.12 -46.72 -22.66
C TYR B 588 30.46 -46.45 -24.00
N GLY B 589 29.22 -46.88 -24.20
CA GLY B 589 28.50 -46.54 -25.41
C GLY B 589 28.61 -47.55 -26.54
N SER B 590 29.83 -47.85 -26.97
CA SER B 590 30.06 -48.72 -28.10
C SER B 590 30.89 -49.92 -27.69
N LEU B 591 30.73 -51.03 -28.45
CA LEU B 591 31.51 -52.23 -28.17
C LEU B 591 32.99 -52.02 -28.45
N LYS B 592 33.32 -51.13 -29.40
CA LYS B 592 34.72 -50.81 -29.66
C LYS B 592 35.35 -50.11 -28.47
N GLU B 593 34.63 -49.18 -27.84
CA GLU B 593 35.13 -48.53 -26.63
C GLU B 593 35.26 -49.55 -25.49
N ILE B 594 34.35 -50.53 -25.43
CA ILE B 594 34.46 -51.60 -24.45
C ILE B 594 35.76 -52.37 -24.64
N GLY B 595 36.05 -52.76 -25.89
CA GLY B 595 37.28 -53.50 -26.16
C GLY B 595 38.53 -52.67 -25.98
N ARG B 596 38.43 -51.35 -26.15
CA ARG B 596 39.60 -50.49 -26.04
C ARG B 596 39.94 -50.17 -24.58
N ARG B 597 38.95 -49.76 -23.80
CA ARG B 597 39.22 -49.28 -22.44
C ARG B 597 39.20 -50.38 -21.39
N LEU B 598 38.84 -51.61 -21.74
CA LEU B 598 38.89 -52.74 -20.83
C LEU B 598 39.94 -53.73 -21.29
N SER B 599 40.53 -54.42 -20.32
CA SER B 599 41.58 -55.40 -20.63
C SER B 599 40.96 -56.78 -20.84
N TYR B 600 41.71 -57.62 -21.56
CA TYR B 600 41.27 -58.98 -21.82
C TYR B 600 41.07 -59.75 -20.51
N ASP B 601 41.96 -59.53 -19.54
CA ASP B 601 41.81 -60.18 -18.24
C ASP B 601 40.56 -59.70 -17.52
N ASP B 602 40.21 -58.42 -17.68
CA ASP B 602 38.97 -57.93 -17.09
C ASP B 602 37.75 -58.59 -17.72
N LEU B 603 37.78 -58.76 -19.05
CA LEU B 603 36.69 -59.44 -19.73
C LEU B 603 36.57 -60.89 -19.27
N LEU B 604 37.71 -61.56 -19.05
CA LEU B 604 37.65 -62.94 -18.55
C LEU B 604 37.13 -62.98 -17.12
N GLU B 605 37.54 -62.02 -16.28
CA GLU B 605 37.07 -61.98 -14.90
C GLU B 605 35.58 -61.69 -14.82
N LEU B 606 35.05 -60.92 -15.77
CA LEU B 606 33.61 -60.66 -15.79
C LEU B 606 32.81 -61.87 -16.26
N GLY B 607 33.46 -62.95 -16.65
CA GLY B 607 32.76 -64.18 -16.99
C GLY B 607 32.50 -64.35 -18.48
N ALA B 608 33.50 -64.06 -19.30
CA ALA B 608 33.37 -64.17 -20.75
C ALA B 608 34.21 -65.32 -21.27
N THR B 609 33.66 -66.02 -22.26
CA THR B 609 34.40 -67.07 -22.94
C THR B 609 35.64 -66.46 -23.58
N PRO B 610 36.80 -67.14 -23.52
CA PRO B 610 38.00 -66.60 -24.19
C PRO B 610 37.77 -66.20 -25.63
N LYS B 611 37.01 -67.01 -26.38
CA LYS B 611 36.66 -66.63 -27.75
C LYS B 611 35.65 -65.48 -27.75
N ALA B 612 34.70 -65.49 -26.81
CA ALA B 612 33.75 -64.39 -26.73
C ALA B 612 34.41 -63.11 -26.23
N ALA B 613 35.34 -63.23 -25.27
CA ALA B 613 36.04 -62.06 -24.79
C ALA B 613 36.91 -61.44 -25.88
N ALA B 614 37.42 -62.27 -26.80
CA ALA B 614 38.17 -61.74 -27.93
C ALA B 614 37.27 -61.05 -28.94
N GLU B 615 36.04 -61.55 -29.11
CA GLU B 615 35.09 -60.90 -30.01
C GLU B 615 34.60 -59.57 -29.44
N ILE B 616 34.49 -59.47 -28.12
CA ILE B 616 34.18 -58.19 -27.49
C ILE B 616 35.28 -57.18 -27.79
N LYS B 617 36.54 -57.64 -27.80
CA LYS B 617 37.64 -56.79 -28.22
C LYS B 617 37.49 -56.44 -29.70
N GLY B 618 38.25 -55.43 -30.14
CA GLY B 618 38.22 -55.00 -31.50
C GLY B 618 38.59 -56.09 -32.48
N PRO B 619 38.15 -55.96 -33.73
CA PRO B 619 38.53 -56.96 -34.75
C PRO B 619 40.03 -57.05 -34.99
N GLU B 620 40.79 -56.02 -34.62
CA GLU B 620 42.25 -56.10 -34.70
C GLU B 620 42.78 -57.24 -33.84
N PHE B 621 42.19 -57.42 -32.66
CA PHE B 621 42.56 -58.55 -31.80
C PHE B 621 42.32 -59.88 -32.50
N LYS B 622 41.14 -60.02 -33.12
CA LYS B 622 40.81 -61.26 -33.83
C LYS B 622 41.80 -61.51 -34.96
N PHE B 623 42.15 -60.47 -35.72
CA PHE B 623 43.11 -60.63 -36.82
C PHE B 623 44.49 -61.02 -36.30
N LEU B 624 44.95 -60.35 -35.24
CA LEU B 624 46.26 -60.64 -34.66
C LEU B 624 46.33 -62.09 -34.21
N LEU B 625 45.30 -62.58 -33.53
CA LEU B 625 45.33 -63.96 -33.06
C LEU B 625 45.08 -64.97 -34.19
N ASN B 626 44.38 -64.55 -35.24
CA ASN B 626 44.10 -65.46 -36.35
C ASN B 626 45.35 -65.70 -37.19
N ILE B 627 46.17 -64.68 -37.39
CA ILE B 627 47.34 -64.81 -38.27
C ILE B 627 48.32 -65.85 -37.71
N GLU B 628 48.94 -65.56 -36.57
CA GLU B 628 49.96 -66.46 -36.03
C GLU B 628 49.90 -66.59 -34.52
N GLY B 629 48.75 -66.30 -33.90
CA GLY B 629 48.61 -66.41 -32.46
C GLY B 629 49.62 -65.58 -31.72
N VAL B 630 49.63 -64.26 -31.94
CA VAL B 630 50.54 -63.37 -31.24
C VAL B 630 50.27 -63.40 -29.74
N GLY B 631 49.09 -63.86 -29.32
CA GLY B 631 48.81 -64.07 -27.93
C GLY B 631 47.85 -63.06 -27.35
N PRO B 632 46.89 -63.54 -26.55
CA PRO B 632 45.93 -62.62 -25.91
C PRO B 632 46.59 -61.63 -24.97
N LYS B 633 47.71 -62.00 -24.33
CA LYS B 633 48.40 -61.09 -23.45
C LYS B 633 49.24 -60.08 -24.22
N LEU B 634 49.82 -60.50 -25.35
CA LEU B 634 50.71 -59.65 -26.13
C LEU B 634 49.98 -58.80 -27.16
N ALA B 635 48.86 -59.29 -27.71
CA ALA B 635 48.13 -58.51 -28.69
C ALA B 635 47.61 -57.20 -28.11
N GLU B 636 47.28 -57.20 -26.82
CA GLU B 636 46.84 -55.97 -26.16
C GLU B 636 47.96 -54.94 -26.14
N ARG B 637 49.13 -55.33 -25.63
CA ARG B 637 50.27 -54.41 -25.60
C ARG B 637 50.67 -53.99 -27.01
N ILE B 638 50.44 -54.84 -28.01
CA ILE B 638 50.66 -54.46 -29.40
C ILE B 638 49.70 -53.35 -29.81
N LEU B 639 48.42 -53.51 -29.47
CA LEU B 639 47.42 -52.48 -29.79
C LEU B 639 47.49 -51.27 -28.87
N GLU B 640 48.19 -51.36 -27.73
CA GLU B 640 48.32 -50.21 -26.85
C GLU B 640 49.26 -49.15 -27.40
N ALA B 641 50.19 -49.52 -28.29
CA ALA B 641 51.15 -48.57 -28.82
C ALA B 641 50.57 -47.78 -30.00
N VAL B 642 49.91 -48.46 -30.92
CA VAL B 642 49.36 -47.81 -32.12
C VAL B 642 47.98 -47.24 -31.80
N ASP B 643 47.58 -47.31 -30.54
CA ASP B 643 46.28 -46.81 -30.08
C ASP B 643 45.13 -47.46 -30.84
N TYR B 644 45.23 -48.78 -31.03
CA TYR B 644 44.21 -49.58 -31.71
C TYR B 644 43.92 -49.05 -33.11
N ASP B 645 44.99 -48.99 -33.92
CA ASP B 645 44.90 -48.49 -35.28
C ASP B 645 45.75 -49.38 -36.17
N LEU B 646 45.12 -49.99 -37.19
CA LEU B 646 45.82 -50.90 -38.08
C LEU B 646 46.68 -50.16 -39.11
N GLU B 647 46.45 -48.86 -39.30
CA GLU B 647 47.24 -48.10 -40.28
C GLU B 647 48.65 -47.84 -39.77
N ARG B 648 48.78 -47.39 -38.53
CA ARG B 648 50.08 -47.11 -37.95
C ARG B 648 50.93 -48.36 -37.74
N LEU B 649 50.34 -49.55 -37.84
CA LEU B 649 51.10 -50.77 -37.65
C LEU B 649 52.00 -51.10 -38.83
N ALA B 650 51.58 -50.78 -40.05
CA ALA B 650 52.36 -51.03 -41.25
C ALA B 650 53.22 -49.84 -41.67
N SER B 651 53.43 -48.89 -40.77
CA SER B 651 54.17 -47.67 -41.09
C SER B 651 55.64 -47.76 -40.66
N LEU B 652 55.89 -47.88 -39.36
CA LEU B 652 57.25 -47.85 -38.83
C LEU B 652 57.94 -49.19 -39.06
N ASN B 653 59.26 -49.18 -38.88
CA ASN B 653 60.06 -50.36 -39.07
C ASN B 653 59.78 -51.37 -37.95
N PRO B 654 59.85 -52.67 -38.25
CA PRO B 654 59.68 -53.68 -37.18
C PRO B 654 60.65 -53.53 -36.02
N GLU B 655 61.79 -52.86 -36.23
CA GLU B 655 62.69 -52.58 -35.12
C GLU B 655 62.04 -51.60 -34.13
N GLU B 656 61.40 -50.55 -34.63
CA GLU B 656 60.68 -49.62 -33.77
C GLU B 656 59.45 -50.28 -33.15
N LEU B 657 59.00 -51.40 -33.69
CA LEU B 657 57.85 -52.10 -33.11
C LEU B 657 58.24 -52.79 -31.81
N ALA B 658 59.37 -53.51 -31.82
CA ALA B 658 59.87 -54.17 -30.61
C ALA B 658 60.39 -53.20 -29.57
N GLU B 659 60.55 -51.92 -29.91
CA GLU B 659 60.99 -50.93 -28.94
C GLU B 659 59.89 -50.61 -27.94
N LYS B 660 58.69 -50.30 -28.43
CA LYS B 660 57.60 -49.91 -27.54
C LYS B 660 57.07 -51.09 -26.74
N VAL B 661 56.83 -52.22 -27.42
CA VAL B 661 56.30 -53.40 -26.75
C VAL B 661 57.36 -54.00 -25.84
N GLU B 662 56.92 -54.58 -24.72
CA GLU B 662 57.85 -55.13 -23.74
C GLU B 662 58.66 -56.27 -24.33
N GLY B 663 57.99 -57.33 -24.77
CA GLY B 663 58.66 -58.46 -25.39
C GLY B 663 58.08 -58.80 -26.74
N LEU B 664 58.92 -58.89 -27.76
CA LEU B 664 58.45 -59.20 -29.11
C LEU B 664 59.52 -59.95 -29.87
N GLY B 665 59.12 -61.05 -30.51
CA GLY B 665 60.03 -61.75 -31.41
C GLY B 665 60.33 -60.91 -32.63
N GLU B 666 61.62 -60.78 -32.96
CA GLU B 666 61.99 -59.94 -34.09
C GLU B 666 61.58 -60.58 -35.41
N GLU B 667 61.66 -61.92 -35.50
CA GLU B 667 61.13 -62.60 -36.67
C GLU B 667 59.61 -62.46 -36.74
N LEU B 668 58.95 -62.46 -35.57
CA LEU B 668 57.51 -62.22 -35.55
C LEU B 668 57.21 -60.74 -35.75
N ALA B 669 58.15 -59.86 -35.42
CA ALA B 669 57.93 -58.42 -35.58
C ALA B 669 57.77 -58.04 -37.05
N GLU B 670 58.39 -58.79 -37.96
CA GLU B 670 58.25 -58.54 -39.39
C GLU B 670 57.08 -59.30 -40.01
N ARG B 671 56.64 -60.41 -39.40
CA ARG B 671 55.48 -61.12 -39.91
C ARG B 671 54.17 -60.40 -39.60
N VAL B 672 54.15 -59.57 -38.56
CA VAL B 672 52.96 -58.80 -38.24
C VAL B 672 52.91 -57.48 -39.01
N VAL B 673 54.05 -56.91 -39.37
CA VAL B 673 54.06 -55.75 -40.26
C VAL B 673 53.75 -56.16 -41.69
N TYR B 674 54.23 -57.35 -42.10
CA TYR B 674 53.87 -57.88 -43.41
C TYR B 674 52.38 -58.22 -43.47
N ALA B 675 51.82 -58.71 -42.36
CA ALA B 675 50.38 -58.95 -42.30
C ALA B 675 49.59 -57.65 -42.16
N ALA B 676 50.17 -56.63 -41.53
CA ALA B 676 49.51 -55.33 -41.47
C ALA B 676 49.48 -54.67 -42.84
N ARG B 677 50.59 -54.73 -43.58
CA ARG B 677 50.59 -54.27 -44.97
C ARG B 677 49.75 -55.15 -45.87
N GLU B 678 49.55 -56.42 -45.49
CA GLU B 678 48.71 -57.32 -46.28
C GLU B 678 47.25 -56.93 -46.21
N ARG B 679 46.81 -56.32 -45.11
CA ARG B 679 45.42 -55.92 -44.94
C ARG B 679 45.14 -54.47 -45.34
N VAL B 680 46.11 -53.57 -45.21
CA VAL B 680 45.90 -52.22 -45.70
C VAL B 680 45.76 -52.22 -47.22
N GLU B 681 46.19 -53.29 -47.89
CA GLU B 681 45.92 -53.45 -49.31
C GLU B 681 44.52 -53.96 -49.58
N SER B 682 43.92 -54.66 -48.61
CA SER B 682 42.54 -55.12 -48.74
C SER B 682 41.54 -54.17 -48.11
N ARG B 683 41.95 -53.40 -47.09
CA ARG B 683 41.08 -52.35 -46.58
C ARG B 683 40.94 -51.23 -47.59
N ARG B 684 42.00 -50.95 -48.35
CA ARG B 684 41.93 -49.94 -49.38
C ARG B 684 41.18 -50.45 -50.62
N LYS B 685 41.34 -51.74 -50.93
CA LYS B 685 40.67 -52.30 -52.09
C LYS B 685 39.15 -52.28 -51.93
N SER B 686 38.66 -52.47 -50.70
CA SER B 686 37.23 -52.42 -50.42
C SER B 686 36.76 -51.07 -49.92
N GLY B 687 37.68 -50.20 -49.48
CA GLY B 687 37.27 -48.90 -48.99
C GLY B 687 36.77 -47.99 -50.09
N ARG B 688 37.52 -47.90 -51.19
CA ARG B 688 37.12 -47.10 -52.34
C ARG B 688 36.20 -47.96 -53.21
N GLN B 689 34.90 -47.90 -52.93
CA GLN B 689 33.92 -48.66 -53.67
C GLN B 689 32.70 -47.80 -53.96
N GLU B 690 32.12 -48.00 -55.15
CA GLU B 690 30.91 -47.33 -55.57
C GLU B 690 29.84 -48.38 -55.84
N ARG B 691 28.58 -47.99 -55.67
CA ARG B 691 27.50 -48.96 -55.81
C ARG B 691 27.11 -49.09 -57.28
N SER B 692 26.17 -49.99 -57.57
CA SER B 692 25.80 -50.27 -58.94
C SER B 692 24.67 -49.36 -59.41
N GLU B 693 24.31 -49.49 -60.69
CA GLU B 693 23.19 -48.73 -61.22
C GLU B 693 21.87 -49.27 -60.66
N GLU B 694 21.76 -50.60 -60.55
CA GLU B 694 20.56 -51.22 -59.99
C GLU B 694 20.38 -50.83 -58.52
N GLU B 695 21.47 -50.71 -57.78
CA GLU B 695 21.38 -50.29 -56.38
C GLU B 695 20.88 -48.85 -56.27
N TRP B 696 21.36 -47.96 -57.14
CA TRP B 696 20.82 -46.61 -57.18
C TRP B 696 19.35 -46.62 -57.54
N LYS B 697 18.94 -47.52 -58.44
CA LYS B 697 17.53 -47.65 -58.78
C LYS B 697 16.71 -48.09 -57.58
N GLU B 698 17.26 -48.99 -56.77
CA GLU B 698 16.57 -49.46 -55.57
C GLU B 698 16.39 -48.32 -54.57
N TRP B 699 17.45 -47.52 -54.35
CA TRP B 699 17.33 -46.39 -53.44
C TRP B 699 16.33 -45.35 -53.96
N LEU B 700 16.34 -45.10 -55.27
CA LEU B 700 15.37 -44.15 -55.84
C LEU B 700 13.95 -44.66 -55.70
N GLU B 701 13.73 -45.96 -55.89
CA GLU B 701 12.39 -46.53 -55.67
C GLU B 701 11.99 -46.40 -54.21
N ARG B 702 12.95 -46.52 -53.29
CA ARG B 702 12.64 -46.34 -51.88
C ARG B 702 12.24 -44.90 -51.57
N LYS B 703 12.95 -43.92 -52.16
CA LYS B 703 12.78 -42.53 -51.75
C LYS B 703 11.53 -41.89 -52.33
N VAL B 704 11.32 -41.99 -53.64
CA VAL B 704 10.27 -41.25 -54.31
C VAL B 704 9.25 -42.16 -54.99
N GLY B 705 9.28 -43.46 -54.68
CA GLY B 705 8.38 -44.40 -55.32
C GLY B 705 8.91 -44.85 -56.68
N GLU B 706 8.28 -45.91 -57.19
CA GLU B 706 8.76 -46.51 -58.43
C GLU B 706 8.50 -45.60 -59.64
N GLY B 707 7.33 -44.95 -59.67
CA GLY B 707 6.98 -44.10 -60.79
C GLY B 707 7.91 -42.91 -60.99
N ARG B 708 8.07 -42.09 -59.95
CA ARG B 708 8.97 -40.95 -60.06
C ARG B 708 10.42 -41.37 -60.25
N ALA B 709 10.81 -42.52 -59.66
CA ALA B 709 12.16 -43.01 -59.85
C ALA B 709 12.43 -43.36 -61.31
N ARG B 710 11.50 -44.09 -61.94
CA ARG B 710 11.70 -44.43 -63.34
C ARG B 710 11.55 -43.21 -64.24
N ARG B 711 10.74 -42.22 -63.86
CA ARG B 711 10.69 -40.97 -64.60
C ARG B 711 12.03 -40.26 -64.57
N LEU B 712 12.66 -40.20 -63.39
CA LEU B 712 13.98 -39.59 -63.27
C LEU B 712 15.02 -40.37 -64.07
N ILE B 713 14.94 -41.71 -64.04
CA ILE B 713 15.89 -42.53 -64.76
C ILE B 713 15.75 -42.33 -66.27
N GLU B 714 14.52 -42.21 -66.75
CA GLU B 714 14.30 -41.99 -68.18
C GLU B 714 14.67 -40.58 -68.60
N TYR B 715 14.54 -39.60 -67.70
CA TYR B 715 14.92 -38.23 -68.05
C TYR B 715 16.42 -38.10 -68.22
N PHE B 716 17.19 -38.56 -67.23
CA PHE B 716 18.64 -38.45 -67.29
C PHE B 716 19.21 -39.75 -67.86
N GLY B 717 20.51 -39.98 -67.69
CA GLY B 717 21.14 -41.18 -68.19
C GLY B 717 20.65 -42.44 -67.49
N SER B 718 21.01 -42.58 -66.22
CA SER B 718 20.59 -43.74 -65.44
C SER B 718 20.48 -43.31 -63.98
N ALA B 719 20.26 -44.28 -63.10
CA ALA B 719 20.15 -43.99 -61.67
C ALA B 719 21.49 -43.55 -61.08
N GLY B 720 22.60 -43.97 -61.69
CA GLY B 720 23.89 -43.48 -61.25
C GLY B 720 24.04 -41.98 -61.47
N GLU B 721 23.56 -41.48 -62.61
CA GLU B 721 23.59 -40.04 -62.86
C GLU B 721 22.66 -39.30 -61.92
N VAL B 722 21.49 -39.88 -61.61
CA VAL B 722 20.58 -39.26 -60.66
C VAL B 722 21.22 -39.16 -59.29
N GLY B 723 21.92 -40.22 -58.87
CA GLY B 723 22.63 -40.18 -57.60
C GLY B 723 23.77 -39.18 -57.60
N LYS B 724 24.46 -39.05 -58.75
CA LYS B 724 25.51 -38.04 -58.87
C LYS B 724 24.95 -36.64 -58.74
N LEU B 725 23.78 -36.40 -59.33
CA LEU B 725 23.13 -35.09 -59.20
C LEU B 725 22.63 -34.86 -57.79
N VAL B 726 22.18 -35.91 -57.10
CA VAL B 726 21.68 -35.75 -55.73
C VAL B 726 22.83 -35.43 -54.78
N GLU B 727 23.94 -36.16 -54.90
CA GLU B 727 25.09 -35.90 -54.04
C GLU B 727 25.69 -34.53 -54.30
N ASN B 728 25.52 -33.99 -55.50
CA ASN B 728 25.98 -32.64 -55.83
C ASN B 728 24.91 -31.59 -55.56
N ALA B 729 23.74 -31.99 -55.07
CA ALA B 729 22.63 -31.10 -54.75
C ALA B 729 22.20 -30.29 -55.98
N GLU B 730 21.87 -31.02 -57.04
CA GLU B 730 21.39 -30.40 -58.28
C GLU B 730 19.86 -30.32 -58.24
N VAL B 731 19.38 -29.42 -57.38
CA VAL B 731 17.93 -29.26 -57.20
C VAL B 731 17.30 -28.68 -58.47
N SER B 732 17.98 -27.71 -59.08
CA SER B 732 17.43 -27.07 -60.27
C SER B 732 17.24 -28.07 -61.40
N LYS B 733 18.22 -28.94 -61.62
CA LYS B 733 18.11 -29.94 -62.68
C LYS B 733 17.12 -31.03 -62.30
N LEU B 734 17.00 -31.35 -61.01
CA LEU B 734 16.04 -32.37 -60.60
C LEU B 734 14.60 -31.90 -60.77
N LEU B 735 14.35 -30.60 -60.56
CA LEU B 735 13.01 -30.05 -60.73
C LEU B 735 12.60 -29.87 -62.18
N GLU B 736 13.55 -29.94 -63.13
CA GLU B 736 13.20 -29.81 -64.54
C GLU B 736 12.30 -30.96 -65.00
N VAL B 737 12.43 -32.13 -64.39
CA VAL B 737 11.67 -33.32 -64.78
C VAL B 737 10.19 -33.10 -64.49
N PRO B 738 9.33 -33.21 -65.50
CA PRO B 738 7.88 -33.13 -65.24
C PRO B 738 7.43 -34.31 -64.37
N GLY B 739 6.69 -33.99 -63.31
CA GLY B 739 6.30 -34.98 -62.33
C GLY B 739 7.17 -35.02 -61.10
N ILE B 740 8.15 -34.13 -61.00
CA ILE B 740 9.06 -34.06 -59.86
C ILE B 740 8.93 -32.69 -59.22
N GLY B 741 8.52 -32.66 -57.96
CA GLY B 741 8.35 -31.41 -57.24
C GLY B 741 9.21 -31.29 -56.00
N ASP B 742 8.84 -30.39 -55.08
CA ASP B 742 9.65 -30.16 -53.88
C ASP B 742 9.52 -31.31 -52.88
N GLU B 743 8.36 -31.94 -52.79
CA GLU B 743 8.18 -33.04 -51.83
C GLU B 743 9.01 -34.27 -52.21
N ALA B 744 9.46 -34.35 -53.46
CA ALA B 744 10.37 -35.42 -53.87
C ALA B 744 11.83 -35.00 -53.72
N VAL B 745 12.17 -33.77 -54.08
CA VAL B 745 13.55 -33.31 -53.96
C VAL B 745 13.98 -33.24 -52.50
N ALA B 746 13.09 -32.73 -51.63
CA ALA B 746 13.41 -32.68 -50.21
C ALA B 746 13.57 -34.07 -49.63
N ARG B 747 12.82 -35.04 -50.13
CA ARG B 747 12.97 -36.42 -49.68
C ARG B 747 14.24 -37.04 -50.25
N LEU B 748 14.72 -36.54 -51.38
CA LEU B 748 15.99 -37.01 -51.95
C LEU B 748 17.17 -36.28 -51.33
N VAL B 749 17.13 -34.94 -51.33
CA VAL B 749 18.20 -34.12 -50.79
C VAL B 749 17.82 -33.74 -49.36
N PRO B 750 18.47 -34.30 -48.33
CA PRO B 750 18.11 -33.94 -46.95
C PRO B 750 18.46 -32.49 -46.67
N GLY B 751 17.55 -31.80 -45.97
CA GLY B 751 17.73 -30.41 -45.62
C GLY B 751 17.09 -29.43 -46.57
N TYR B 752 16.58 -29.89 -47.72
CA TYR B 752 15.93 -28.99 -48.65
C TYR B 752 14.62 -28.45 -48.09
N LYS B 753 13.89 -29.27 -47.32
CA LYS B 753 12.63 -28.82 -46.74
C LYS B 753 12.85 -27.66 -45.76
N THR B 754 13.86 -27.78 -44.90
CA THR B 754 14.15 -26.71 -43.95
C THR B 754 14.51 -25.42 -44.66
N LEU B 755 15.32 -25.51 -45.72
CA LEU B 755 15.71 -24.31 -46.45
C LEU B 755 14.55 -23.69 -47.20
N ARG B 756 13.64 -24.51 -47.73
CA ARG B 756 12.46 -23.96 -48.40
C ARG B 756 11.51 -23.32 -47.40
N ASP B 757 11.40 -23.90 -46.20
CA ASP B 757 10.57 -23.31 -45.16
C ASP B 757 11.09 -21.95 -44.69
N ALA B 758 12.38 -21.69 -44.87
CA ALA B 758 12.96 -20.40 -44.53
C ALA B 758 12.72 -19.34 -45.59
N GLY B 759 12.03 -19.69 -46.68
CA GLY B 759 11.75 -18.72 -47.73
C GLY B 759 12.80 -18.61 -48.80
N LEU B 760 13.57 -19.67 -49.03
CA LEU B 760 14.65 -19.63 -50.01
C LEU B 760 14.18 -20.16 -51.36
N THR B 761 14.55 -19.45 -52.42
CA THR B 761 14.34 -19.94 -53.77
C THR B 761 15.03 -21.30 -53.93
N PRO B 762 14.45 -22.23 -54.68
CA PRO B 762 15.16 -23.49 -54.95
C PRO B 762 16.59 -23.29 -55.43
N ALA B 763 16.84 -22.26 -56.24
CA ALA B 763 18.21 -21.95 -56.63
C ALA B 763 19.04 -21.49 -55.44
N GLU B 764 18.45 -20.69 -54.55
CA GLU B 764 19.16 -20.24 -53.35
C GLU B 764 19.44 -21.40 -52.41
N ALA B 765 18.47 -22.30 -52.23
CA ALA B 765 18.69 -23.48 -51.41
C ALA B 765 19.76 -24.37 -52.02
N GLU B 766 19.77 -24.47 -53.36
CA GLU B 766 20.80 -25.23 -54.06
C GLU B 766 22.19 -24.64 -53.81
N ARG B 767 22.31 -23.31 -53.92
CA ARG B 767 23.60 -22.67 -53.66
C ARG B 767 24.04 -22.86 -52.21
N VAL B 768 23.10 -22.77 -51.26
CA VAL B 768 23.46 -22.95 -49.86
C VAL B 768 23.93 -24.38 -49.61
N LEU B 769 23.21 -25.36 -50.15
CA LEU B 769 23.60 -26.75 -49.96
C LEU B 769 24.93 -27.06 -50.62
N LYS B 770 25.24 -26.42 -51.75
CA LYS B 770 26.54 -26.62 -52.36
C LYS B 770 27.64 -25.94 -51.55
N ARG B 771 27.35 -24.80 -50.94
CA ARG B 771 28.37 -24.05 -50.23
C ARG B 771 28.73 -24.70 -48.89
N TYR B 772 27.73 -25.15 -48.13
CA TYR B 772 27.98 -25.65 -46.79
C TYR B 772 27.75 -27.14 -46.62
N GLY B 773 26.91 -27.77 -47.44
CA GLY B 773 26.76 -29.21 -47.45
C GLY B 773 25.70 -29.77 -46.52
N SER B 774 25.28 -29.01 -45.51
CA SER B 774 24.20 -29.45 -44.63
C SER B 774 23.71 -28.26 -43.84
N VAL B 775 22.40 -28.26 -43.54
CA VAL B 775 21.77 -27.13 -42.84
C VAL B 775 22.34 -26.95 -41.45
N SER B 776 22.73 -28.05 -40.78
CA SER B 776 23.31 -27.94 -39.45
C SER B 776 24.61 -27.14 -39.50
N LYS B 777 25.46 -27.39 -40.50
CA LYS B 777 26.68 -26.61 -40.66
C LYS B 777 26.39 -25.19 -41.14
N VAL B 778 25.24 -24.95 -41.76
CA VAL B 778 24.86 -23.57 -42.10
C VAL B 778 24.53 -22.79 -40.83
N GLN B 779 23.72 -23.38 -39.95
CA GLN B 779 23.24 -22.65 -38.79
C GLN B 779 24.36 -22.29 -37.83
N GLU B 780 25.40 -23.11 -37.74
CA GLU B 780 26.48 -22.85 -36.80
C GLU B 780 27.65 -22.11 -37.44
N GLY B 781 27.99 -22.43 -38.69
CA GLY B 781 29.19 -21.90 -39.31
C GLY B 781 29.01 -20.64 -40.14
N ALA B 782 27.92 -20.56 -40.90
CA ALA B 782 27.73 -19.45 -41.83
C ALA B 782 27.61 -18.13 -41.10
N THR B 783 28.17 -17.08 -41.70
CA THR B 783 28.08 -15.72 -41.22
C THR B 783 27.12 -14.91 -42.10
N PRO B 784 26.57 -13.80 -41.59
CA PRO B 784 25.62 -13.03 -42.42
C PRO B 784 26.24 -12.49 -43.70
N ASP B 785 27.49 -12.03 -43.65
CA ASP B 785 28.14 -11.54 -44.86
C ASP B 785 28.37 -12.67 -45.85
N GLU B 786 28.70 -13.87 -45.35
CA GLU B 786 28.86 -15.01 -46.24
C GLU B 786 27.57 -15.32 -46.98
N LEU B 787 26.43 -15.27 -46.26
CA LEU B 787 25.15 -15.52 -46.92
C LEU B 787 24.78 -14.40 -47.88
N ARG B 788 25.16 -13.16 -47.55
CA ARG B 788 24.92 -12.06 -48.50
C ARG B 788 25.79 -12.20 -49.74
N GLU B 789 26.95 -12.85 -49.63
CA GLU B 789 27.74 -13.14 -50.81
C GLU B 789 27.03 -14.11 -51.74
N LEU B 790 26.17 -14.98 -51.19
CA LEU B 790 25.40 -15.93 -51.99
C LEU B 790 24.15 -15.30 -52.61
N GLY B 791 23.77 -14.09 -52.19
CA GLY B 791 22.61 -13.44 -52.73
C GLY B 791 21.33 -13.63 -51.95
N LEU B 792 21.41 -13.72 -50.63
CA LEU B 792 20.24 -13.90 -49.78
C LEU B 792 19.85 -12.58 -49.14
N GLY B 793 18.55 -12.33 -49.05
CA GLY B 793 18.06 -11.17 -48.34
C GLY B 793 18.25 -11.30 -46.84
N ASP B 794 18.28 -10.15 -46.17
CA ASP B 794 18.53 -10.13 -44.74
C ASP B 794 17.44 -10.85 -43.96
N ALA B 795 16.20 -10.85 -44.47
CA ALA B 795 15.13 -11.58 -43.81
C ALA B 795 15.40 -13.08 -43.82
N LYS B 796 15.80 -13.62 -44.98
CA LYS B 796 16.13 -15.04 -45.07
C LYS B 796 17.33 -15.38 -44.19
N ILE B 797 18.30 -14.46 -44.11
CA ILE B 797 19.47 -14.68 -43.27
C ILE B 797 19.07 -14.75 -41.81
N ALA B 798 18.22 -13.82 -41.37
CA ALA B 798 17.75 -13.84 -39.99
C ALA B 798 16.94 -15.09 -39.69
N ARG B 799 16.15 -15.56 -40.66
CA ARG B 799 15.38 -16.78 -40.46
C ARG B 799 16.30 -17.98 -40.30
N ILE B 800 17.30 -18.12 -41.18
CA ILE B 800 18.11 -19.33 -41.21
C ILE B 800 19.13 -19.37 -40.08
N LEU B 801 19.53 -18.23 -39.52
CA LEU B 801 20.52 -18.19 -38.47
C LEU B 801 19.90 -18.09 -37.07
N GLY B 802 18.58 -18.13 -36.95
CA GLY B 802 17.95 -18.08 -35.65
C GLY B 802 18.07 -16.76 -34.92
N LEU B 803 18.34 -15.68 -35.65
CA LEU B 803 18.50 -14.35 -35.06
C LEU B 803 17.27 -13.47 -35.26
N ARG B 804 16.09 -14.07 -35.39
CA ARG B 804 14.87 -13.31 -35.62
C ARG B 804 14.50 -12.43 -34.43
N SER B 805 14.96 -12.75 -33.23
CA SER B 805 14.61 -11.94 -32.06
C SER B 805 15.32 -10.60 -32.10
N LEU B 806 16.62 -10.60 -32.40
CA LEU B 806 17.41 -9.37 -32.37
C LEU B 806 17.08 -8.46 -33.55
N VAL B 807 16.54 -9.00 -34.64
CA VAL B 807 16.19 -8.18 -35.80
C VAL B 807 14.81 -7.55 -35.61
N ASN B 808 13.92 -8.19 -34.85
CA ASN B 808 12.57 -7.67 -34.64
C ASN B 808 12.54 -6.32 -33.93
N ALA B 809 13.69 -5.80 -33.49
CA ALA B 809 13.75 -4.51 -32.82
C ALA B 809 14.40 -3.44 -33.69
N ARG B 810 14.20 -3.51 -35.01
CA ARG B 810 14.72 -2.52 -35.95
C ARG B 810 16.24 -2.43 -35.88
N LEU B 811 16.90 -3.59 -35.82
CA LEU B 811 18.34 -3.71 -35.75
C LEU B 811 18.85 -4.57 -36.90
N ASP B 812 20.10 -4.34 -37.29
CA ASP B 812 20.66 -5.08 -38.42
C ASP B 812 21.08 -6.49 -37.99
N VAL B 813 21.39 -7.31 -38.99
CA VAL B 813 21.70 -8.71 -38.76
C VAL B 813 23.16 -8.94 -38.35
N ASP B 814 24.08 -8.10 -38.83
CA ASP B 814 25.50 -8.28 -38.52
C ASP B 814 25.78 -8.08 -37.04
N THR B 815 25.38 -6.92 -36.51
CA THR B 815 25.57 -6.64 -35.10
C THR B 815 24.74 -7.59 -34.24
N ALA B 816 23.63 -8.11 -34.79
CA ALA B 816 22.86 -9.12 -34.08
C ALA B 816 23.64 -10.43 -33.95
N TYR B 817 24.30 -10.86 -35.03
CA TYR B 817 25.12 -12.06 -34.97
C TYR B 817 26.32 -11.86 -34.06
N GLU B 818 26.82 -10.63 -33.93
CA GLU B 818 27.97 -10.42 -33.06
C GLU B 818 27.68 -10.75 -31.60
N LEU B 819 26.44 -10.51 -31.14
CA LEU B 819 26.08 -10.84 -29.77
C LEU B 819 25.98 -12.35 -29.57
N ALA B 820 25.39 -13.06 -30.54
CA ALA B 820 25.38 -14.52 -30.48
C ALA B 820 26.78 -15.09 -30.64
N ARG B 821 27.72 -14.29 -31.14
CA ARG B 821 29.10 -14.76 -31.25
C ARG B 821 29.85 -14.63 -29.94
N ARG B 822 29.81 -13.45 -29.30
CA ARG B 822 30.55 -13.29 -28.06
C ARG B 822 30.00 -14.18 -26.95
N TYR B 823 28.71 -14.01 -26.62
CA TYR B 823 28.06 -14.87 -25.65
C TYR B 823 27.39 -16.07 -26.32
N GLY B 824 27.08 -17.07 -25.50
CA GLY B 824 26.54 -18.34 -25.94
C GLY B 824 25.21 -18.21 -26.66
N SER B 825 24.19 -17.74 -25.95
CA SER B 825 22.84 -17.70 -26.48
C SER B 825 22.46 -16.29 -26.94
N VAL B 826 21.30 -16.20 -27.58
CA VAL B 826 20.75 -14.91 -27.98
C VAL B 826 20.30 -14.10 -26.77
N SER B 827 19.84 -14.76 -25.71
CA SER B 827 19.37 -14.06 -24.51
C SER B 827 20.50 -13.34 -23.79
N ALA B 828 21.72 -13.87 -23.86
CA ALA B 828 22.86 -13.25 -23.20
C ALA B 828 23.37 -12.05 -23.99
N ALA B 835 22.95 -3.77 -18.58
CA ALA B 835 23.95 -2.96 -17.90
C ALA B 835 25.34 -3.26 -18.45
N GLU B 836 25.64 -4.55 -18.61
CA GLU B 836 26.92 -4.96 -19.19
C GLU B 836 27.01 -4.60 -20.67
N LEU B 837 25.88 -4.30 -21.31
CA LEU B 837 25.88 -3.91 -22.71
C LEU B 837 26.45 -2.52 -22.92
N ARG B 838 26.35 -1.65 -21.92
CA ARG B 838 26.97 -0.33 -22.02
C ARG B 838 28.49 -0.44 -22.15
N GLU B 839 29.08 -1.52 -21.61
CA GLU B 839 30.50 -1.76 -21.84
C GLU B 839 30.79 -1.98 -23.31
N LEU B 840 29.91 -2.70 -24.01
CA LEU B 840 30.05 -2.89 -25.45
C LEU B 840 29.50 -1.71 -26.24
N GLY B 841 28.83 -0.75 -25.60
CA GLY B 841 28.33 0.42 -26.29
C GLY B 841 27.01 0.22 -27.02
N LEU B 842 26.04 -0.43 -26.38
CA LEU B 842 24.75 -0.69 -26.98
C LEU B 842 23.66 0.15 -26.33
N SER B 843 22.64 0.50 -27.11
CA SER B 843 21.44 1.15 -26.60
C SER B 843 20.47 0.06 -26.16
N ASP B 844 20.36 -0.14 -24.84
CA ASP B 844 19.50 -1.11 -24.20
C ASP B 844 18.01 -0.83 -24.41
N ARG B 845 17.67 0.25 -25.12
CA ARG B 845 16.28 0.64 -25.32
C ARG B 845 15.44 -0.49 -25.91
N ALA B 846 15.88 -1.07 -27.03
CA ALA B 846 15.08 -2.11 -27.67
C ALA B 846 15.05 -3.40 -26.87
N ILE B 847 16.18 -3.76 -26.25
CA ILE B 847 16.23 -4.97 -25.43
C ILE B 847 15.24 -4.88 -24.27
N ALA B 848 15.17 -3.70 -23.63
CA ALA B 848 14.19 -3.50 -22.57
C ALA B 848 12.77 -3.38 -23.11
N ARG B 849 12.61 -2.80 -24.31
CA ARG B 849 11.27 -2.60 -24.87
C ARG B 849 10.60 -3.91 -25.20
N ILE B 850 11.26 -4.79 -25.94
CA ILE B 850 10.68 -6.08 -26.29
C ILE B 850 10.98 -7.03 -25.13
N ALA B 851 9.95 -7.39 -24.38
CA ALA B 851 10.10 -8.28 -23.24
C ALA B 851 9.84 -9.72 -23.67
N GLY B 852 8.64 -10.01 -24.16
CA GLY B 852 8.34 -11.33 -24.65
C GLY B 852 7.11 -11.95 -24.04
#